data_7ZIM
#
_entry.id   7ZIM
#
_cell.length_a   150.146
_cell.length_b   96.635
_cell.length_c   128.555
_cell.angle_alpha   90.000
_cell.angle_beta   110.487
_cell.angle_gamma   90.000
#
_symmetry.space_group_name_H-M   'C 1 2 1'
#
loop_
_entity.id
_entity.type
_entity.pdbx_description
1 polymer 'Major capsid protein VP1'
2 branched 'N-acetyl-alpha-neuraminic acid-(2-3)-beta-D-galactopyranose-(1-4)-beta-D-glucopyranose'
3 branched 'N-acetyl-alpha-neuraminic acid-(2-3)-beta-D-galactopyranose'
4 non-polymer DI(HYDROXYETHYL)ETHER
5 water water
#
_entity_poly.entity_id   1
_entity_poly.type   'polypeptide(L)'
_entity_poly.pdbx_seq_one_letter_code
;GSHMGGVEVLEVKTGVDSITEVECFLTPEMGDPDEHLRGFSKSISISDTFESDSPNRDMLPCYSVARIPLPNLNEDLTCG
NILMWEAVTLKTEVIGVTSLMNVHSNGQATHDNGAGKPVQGTSFHFFSVGGEALELQGVLFNYRTKYPDGTIFPKNATVQ
SQVMNTEHKAYLDKNKAYPVECWVPDPTRNENTRYFGTLTGGENVPPVLHITNTATTVLLDEFGVGPLCKGDNLYLSAVD
VCGMFTNRSGSQQWRGLSRYFKVQLRKRRVKN
;
_entity_poly.pdbx_strand_id   AAA,BBB,CCC,DDD,EEE
#
loop_
_chem_comp.id
_chem_comp.type
_chem_comp.name
_chem_comp.formula
BGC D-saccharide, beta linking beta-D-glucopyranose 'C6 H12 O6'
GAL D-saccharide, beta linking beta-D-galactopyranose 'C6 H12 O6'
PEG non-polymer DI(HYDROXYETHYL)ETHER 'C4 H10 O3'
SIA D-saccharide, alpha linking 'N-acetyl-alpha-neuraminic acid' 'C11 H19 N O9'
#
# COMPACT_ATOMS: atom_id res chain seq x y z
N VAL A 7 -24.12 -24.15 25.22
CA VAL A 7 -25.41 -24.02 24.49
C VAL A 7 -25.32 -24.80 23.17
N GLU A 8 -26.30 -25.66 22.91
CA GLU A 8 -26.61 -26.22 21.57
C GLU A 8 -27.42 -25.17 20.79
N VAL A 9 -26.92 -24.72 19.64
CA VAL A 9 -27.60 -23.72 18.76
C VAL A 9 -28.53 -24.46 17.80
N LEU A 10 -29.80 -24.11 17.79
CA LEU A 10 -30.81 -24.77 16.93
C LEU A 10 -31.24 -23.78 15.83
N GLU A 11 -32.50 -23.78 15.40
CA GLU A 11 -32.91 -23.07 14.16
C GLU A 11 -33.06 -21.56 14.44
N VAL A 12 -32.91 -20.78 13.40
CA VAL A 12 -33.25 -19.33 13.32
C VAL A 12 -34.78 -19.22 13.19
N LYS A 13 -35.40 -18.32 13.94
CA LYS A 13 -36.83 -17.97 13.76
C LYS A 13 -36.97 -17.10 12.50
N THR A 14 -38.05 -17.28 11.73
CA THR A 14 -38.32 -16.42 10.55
C THR A 14 -39.63 -15.66 10.76
N GLY A 15 -39.97 -14.78 9.81
CA GLY A 15 -41.13 -13.89 9.90
C GLY A 15 -40.74 -12.49 10.35
N ASP A 17 -41.48 -10.58 12.77
CA ASP A 17 -41.26 -10.41 14.23
C ASP A 17 -39.91 -10.99 14.68
N SER A 18 -39.19 -11.66 13.78
CA SER A 18 -37.99 -12.44 14.14
C SER A 18 -36.72 -11.58 14.09
N ILE A 19 -36.80 -10.31 13.68
CA ILE A 19 -35.59 -9.47 13.49
C ILE A 19 -35.73 -8.19 14.32
N THR A 20 -34.59 -7.61 14.68
CA THR A 20 -34.56 -6.25 15.30
C THR A 20 -33.23 -5.60 14.92
N GLU A 21 -33.16 -4.29 15.11
CA GLU A 21 -31.98 -3.50 14.70
C GLU A 21 -31.55 -2.66 15.89
N VAL A 22 -30.25 -2.50 16.08
CA VAL A 22 -29.69 -1.53 17.06
C VAL A 22 -28.93 -0.51 16.23
N GLU A 23 -29.19 0.78 16.48
CA GLU A 23 -28.44 1.86 15.82
C GLU A 23 -28.04 2.84 16.91
N CYS A 24 -26.76 3.19 16.98
CA CYS A 24 -26.30 4.18 18.00
C CYS A 24 -24.91 4.67 17.65
N PHE A 25 -24.42 5.56 18.48
CA PHE A 25 -23.01 6.00 18.40
C PHE A 25 -22.37 5.91 19.78
N LEU A 26 -21.07 5.63 19.80
CA LEU A 26 -20.23 5.65 21.01
C LEU A 26 -19.29 6.85 20.89
N THR A 27 -19.35 7.75 21.87
CA THR A 27 -18.44 8.90 21.95
C THR A 27 -17.07 8.41 22.39
N PRO A 28 -16.00 9.10 21.96
CA PRO A 28 -14.65 8.74 22.35
C PRO A 28 -14.42 9.24 23.77
N GLU A 29 -13.50 8.58 24.49
CA GLU A 29 -13.16 8.96 25.88
C GLU A 29 -11.65 9.20 25.95
N MET A 30 -11.20 10.38 25.52
CA MET A 30 -9.78 10.72 25.31
C MET A 30 -9.17 11.34 26.57
N GLY A 31 -9.99 11.74 27.57
CA GLY A 31 -9.49 12.30 28.84
C GLY A 31 -10.20 13.60 29.22
N ASP A 32 -10.55 14.43 28.24
CA ASP A 32 -11.42 15.62 28.44
C ASP A 32 -10.88 16.53 29.55
N PRO A 33 -9.70 17.14 29.32
CA PRO A 33 -8.97 17.83 30.38
C PRO A 33 -9.56 19.14 30.89
N ASP A 34 -10.48 19.75 30.14
CA ASP A 34 -11.22 20.94 30.64
C ASP A 34 -12.57 20.99 29.94
N GLU A 35 -13.38 21.99 30.29
CA GLU A 35 -14.78 22.09 29.79
C GLU A 35 -14.83 22.46 28.30
N HIS A 36 -13.70 22.74 27.67
CA HIS A 36 -13.66 23.12 26.23
C HIS A 36 -13.05 22.01 25.37
N LEU A 37 -12.61 20.88 25.95
CA LEU A 37 -11.70 19.95 25.22
C LEU A 37 -12.25 18.51 25.22
N ARG A 38 -13.56 18.38 25.18
CA ARG A 38 -14.22 17.08 24.93
C ARG A 38 -13.68 16.50 23.62
N GLY A 39 -13.19 15.24 23.65
CA GLY A 39 -12.64 14.56 22.47
C GLY A 39 -11.13 14.66 22.35
N PHE A 40 -10.49 15.43 23.24
CA PHE A 40 -9.01 15.59 23.35
C PHE A 40 -8.55 15.02 24.69
N SER A 41 -7.31 14.57 24.75
CA SER A 41 -6.61 14.31 26.04
C SER A 41 -5.97 15.58 26.57
N LYS A 42 -5.55 15.54 27.83
CA LYS A 42 -4.53 16.46 28.38
C LYS A 42 -3.27 16.42 27.49
N SER A 43 -2.53 17.52 27.42
CA SER A 43 -1.21 17.52 26.75
CA SER A 43 -1.18 17.56 26.80
C SER A 43 -0.36 16.38 27.37
N ILE A 44 0.41 15.72 26.52
CA ILE A 44 1.22 14.58 26.97
C ILE A 44 2.49 15.12 27.64
N SER A 45 2.80 14.68 28.85
N SER A 45 2.77 14.65 28.85
CA SER A 45 4.10 14.99 29.50
CA SER A 45 4.01 14.92 29.61
C SER A 45 4.84 13.67 29.69
C SER A 45 4.84 13.63 29.64
N ILE A 46 6.17 13.74 29.67
CA ILE A 46 7.07 12.56 29.70
C ILE A 46 7.75 12.47 31.06
N SER A 47 7.70 11.30 31.69
CA SER A 47 8.43 11.04 32.96
C SER A 47 9.94 11.11 32.74
N ASP A 48 10.69 11.44 33.80
CA ASP A 48 12.16 11.63 33.82
C ASP A 48 12.86 10.26 33.84
N THR A 49 12.15 9.20 34.26
CA THR A 49 12.66 7.81 34.41
C THR A 49 11.52 6.83 34.20
N PHE A 50 11.80 5.55 33.94
CA PHE A 50 10.78 4.47 33.87
C PHE A 50 10.07 4.37 35.22
N GLU A 51 10.85 4.44 36.28
CA GLU A 51 10.37 4.24 37.67
C GLU A 51 9.30 5.30 37.96
N SER A 52 9.39 6.50 37.39
CA SER A 52 8.54 7.65 37.81
C SER A 52 7.36 7.89 36.85
N ASP A 53 7.13 7.00 35.88
CA ASP A 53 5.96 7.12 34.97
C ASP A 53 4.69 7.16 35.81
N SER A 54 3.91 8.24 35.70
CA SER A 54 2.71 8.49 36.55
CA SER A 54 2.73 8.50 36.56
C SER A 54 1.71 9.34 35.79
N PRO A 55 1.11 8.80 34.69
CA PRO A 55 0.19 9.59 33.86
C PRO A 55 -1.07 9.99 34.61
N ASN A 56 -1.50 11.25 34.43
CA ASN A 56 -2.77 11.74 34.99
C ASN A 56 -3.92 11.10 34.23
N ARG A 57 -5.06 10.95 34.90
CA ARG A 57 -6.24 10.30 34.33
C ARG A 57 -6.65 11.00 33.04
N ASP A 58 -6.58 12.35 33.02
CA ASP A 58 -7.08 13.09 31.83
C ASP A 58 -6.09 12.99 30.66
N MET A 59 -4.94 12.36 30.83
CA MET A 59 -3.96 12.15 29.75
C MET A 59 -4.11 10.76 29.11
N LEU A 60 -5.02 9.91 29.62
CA LEU A 60 -5.14 8.50 29.18
C LEU A 60 -6.46 8.26 28.45
N PRO A 61 -6.43 8.06 27.12
CA PRO A 61 -7.61 7.57 26.42
C PRO A 61 -8.05 6.22 27.02
N CYS A 62 -9.36 6.02 27.06
CA CYS A 62 -9.99 4.78 27.59
C CYS A 62 -10.86 4.13 26.52
N TYR A 63 -11.13 2.84 26.70
CA TYR A 63 -12.12 2.12 25.86
C TYR A 63 -13.51 2.73 26.08
N SER A 64 -14.28 2.84 24.99
CA SER A 64 -15.74 3.15 25.02
C SER A 64 -16.53 1.85 25.02
N VAL A 65 -17.64 1.83 25.74
CA VAL A 65 -18.53 0.64 25.78
C VAL A 65 -19.97 1.11 25.96
N ALA A 66 -20.89 0.45 25.30
CA ALA A 66 -22.35 0.59 25.54
C ALA A 66 -22.92 -0.81 25.75
N ARG A 67 -23.76 -0.99 26.77
CA ARG A 67 -24.60 -2.19 26.93
C ARG A 67 -26.00 -1.81 26.47
N ILE A 68 -26.52 -2.40 25.39
CA ILE A 68 -27.81 -2.00 24.76
C ILE A 68 -28.83 -3.09 25.09
N PRO A 69 -29.89 -2.78 25.86
CA PRO A 69 -30.95 -3.76 26.12
C PRO A 69 -31.75 -4.01 24.84
N LEU A 70 -32.06 -5.28 24.59
CA LEU A 70 -32.83 -5.74 23.42
C LEU A 70 -34.21 -6.16 23.90
N PRO A 71 -35.17 -6.35 22.99
CA PRO A 71 -36.51 -6.79 23.41
C PRO A 71 -36.44 -8.12 24.17
N ASN A 72 -37.13 -8.17 25.31
CA ASN A 72 -37.17 -9.38 26.15
C ASN A 72 -37.71 -10.56 25.36
N LEU A 73 -37.07 -11.73 25.47
CA LEU A 73 -37.48 -12.90 24.67
C LEU A 73 -38.11 -13.98 25.55
N ASN A 74 -37.63 -14.11 26.78
CA ASN A 74 -38.13 -15.23 27.60
C ASN A 74 -38.77 -14.68 28.89
N ASN A 81 -34.68 -24.88 26.68
CA ASN A 81 -34.90 -24.23 25.36
C ASN A 81 -35.31 -22.76 25.56
N ILE A 82 -34.50 -21.82 25.07
CA ILE A 82 -34.78 -20.37 25.12
C ILE A 82 -34.51 -19.78 23.74
N LEU A 83 -35.00 -18.59 23.49
CA LEU A 83 -34.63 -17.78 22.31
C LEU A 83 -33.56 -16.80 22.76
N MET A 84 -32.60 -16.55 21.87
CA MET A 84 -31.58 -15.51 22.08
C MET A 84 -31.50 -14.65 20.82
N TRP A 85 -31.23 -13.36 20.99
CA TRP A 85 -30.89 -12.49 19.87
C TRP A 85 -29.47 -12.83 19.38
N GLU A 86 -29.34 -13.05 18.08
CA GLU A 86 -28.06 -13.35 17.41
C GLU A 86 -27.68 -12.14 16.55
N ALA A 87 -26.51 -11.55 16.79
CA ALA A 87 -26.02 -10.44 15.95
C ALA A 87 -25.48 -11.02 14.62
N VAL A 88 -25.97 -10.56 13.49
CA VAL A 88 -25.66 -11.13 12.15
C VAL A 88 -24.82 -10.17 11.33
N THR A 89 -25.14 -8.88 11.32
CA THR A 89 -24.41 -7.91 10.47
C THR A 89 -24.12 -6.62 11.24
N LEU A 90 -23.04 -5.97 10.84
CA LEU A 90 -22.60 -4.66 11.39
C LEU A 90 -22.32 -3.72 10.22
N LYS A 91 -22.85 -2.50 10.31
CA LYS A 91 -22.31 -1.34 9.56
C LYS A 91 -21.72 -0.39 10.60
N THR A 92 -20.53 0.13 10.33
CA THR A 92 -19.84 1.00 11.27
C THR A 92 -19.08 2.08 10.51
N GLU A 93 -18.93 3.21 11.15
CA GLU A 93 -18.30 4.40 10.55
C GLU A 93 -17.72 5.30 11.63
N VAL A 94 -16.56 5.88 11.40
CA VAL A 94 -16.04 6.97 12.26
C VAL A 94 -16.78 8.25 11.85
N ILE A 95 -17.33 8.99 12.83
CA ILE A 95 -18.21 10.17 12.63
C ILE A 95 -17.38 11.44 12.81
N GLY A 96 -17.34 12.27 11.75
CA GLY A 96 -16.71 13.59 11.78
C GLY A 96 -15.29 13.59 11.24
N VAL A 97 -14.99 12.73 10.25
CA VAL A 97 -13.60 12.62 9.75
C VAL A 97 -13.13 13.97 9.23
N THR A 98 -14.02 14.78 8.65
CA THR A 98 -13.64 16.06 8.02
C THR A 98 -13.23 17.12 9.05
N SER A 99 -13.57 16.95 10.33
CA SER A 99 -13.14 17.90 11.39
C SER A 99 -11.61 18.00 11.42
N LEU A 100 -10.89 16.96 10.97
CA LEU A 100 -9.41 16.97 10.96
C LEU A 100 -8.87 17.93 9.89
N MET A 101 -9.74 18.55 9.09
CA MET A 101 -9.29 19.58 8.12
C MET A 101 -9.21 20.96 8.79
N ASN A 102 -9.50 21.07 10.09
CA ASN A 102 -9.31 22.37 10.77
C ASN A 102 -7.84 22.51 11.13
N VAL A 103 -7.08 23.15 10.24
CA VAL A 103 -5.63 23.44 10.36
C VAL A 103 -5.42 24.93 10.65
N HIS A 104 -6.40 25.59 11.25
CA HIS A 104 -6.36 27.07 11.47
C HIS A 104 -6.66 27.44 12.92
N SER A 105 -6.69 26.48 13.84
CA SER A 105 -7.17 26.66 15.24
C SER A 105 -6.05 26.37 16.25
N ASN A 106 -5.22 27.35 16.51
CA ASN A 106 -4.03 27.28 17.41
C ASN A 106 -3.16 26.06 17.13
N GLY A 107 -2.96 25.71 15.87
CA GLY A 107 -2.03 24.64 15.48
C GLY A 107 -0.62 25.21 15.35
N GLN A 108 0.35 24.32 15.21
CA GLN A 108 1.77 24.65 14.95
C GLN A 108 1.96 24.74 13.43
N ALA A 109 2.31 25.92 12.92
CA ALA A 109 2.62 26.07 11.48
C ALA A 109 3.67 25.02 11.11
N THR A 110 3.50 24.33 9.98
CA THR A 110 4.42 23.23 9.57
C THR A 110 5.72 23.83 9.04
N HIS A 111 5.66 25.09 8.63
CA HIS A 111 6.85 25.90 8.22
C HIS A 111 6.47 27.38 8.30
N ASP A 112 7.42 28.29 8.18
CA ASP A 112 7.11 29.74 8.29
C ASP A 112 6.00 30.13 7.28
N ASN A 113 4.92 30.74 7.79
CA ASN A 113 3.73 31.25 7.05
C ASN A 113 2.81 30.11 6.61
N GLY A 114 3.10 28.87 6.99
CA GLY A 114 2.34 27.68 6.57
C GLY A 114 1.07 27.45 7.37
N ALA A 115 0.28 26.48 6.95
CA ALA A 115 -0.94 26.02 7.67
C ALA A 115 -0.54 25.20 8.90
N GLY A 116 -1.51 24.97 9.78
CA GLY A 116 -1.31 24.21 11.03
C GLY A 116 -1.06 22.74 10.72
N LYS A 117 -0.22 22.11 11.53
CA LYS A 117 0.02 20.65 11.43
C LYS A 117 -1.28 19.91 11.68
N PRO A 118 -1.71 19.04 10.74
CA PRO A 118 -2.91 18.23 10.95
C PRO A 118 -2.68 17.18 12.03
N VAL A 119 -3.78 16.69 12.58
CA VAL A 119 -3.76 15.50 13.48
C VAL A 119 -3.09 14.35 12.75
N GLN A 120 -2.11 13.71 13.38
CA GLN A 120 -1.36 12.60 12.77
C GLN A 120 -0.63 11.87 13.88
N GLY A 121 0.08 10.81 13.51
CA GLY A 121 0.85 10.00 14.47
C GLY A 121 0.01 8.83 14.95
N THR A 122 0.43 8.22 16.05
CA THR A 122 -0.10 6.91 16.49
C THR A 122 -1.63 6.96 16.48
N SER A 123 -2.26 5.95 15.89
CA SER A 123 -3.72 5.80 15.93
C SER A 123 -4.07 4.40 16.43
N PHE A 124 -5.24 4.26 17.04
CA PHE A 124 -5.81 2.94 17.35
C PHE A 124 -7.29 3.02 17.00
N HIS A 125 -7.71 2.22 16.01
CA HIS A 125 -9.12 2.14 15.57
C HIS A 125 -9.59 0.71 15.83
N PHE A 126 -10.58 0.59 16.70
CA PHE A 126 -11.02 -0.69 17.26
C PHE A 126 -12.53 -0.70 17.41
N PHE A 127 -13.16 -1.83 17.14
CA PHE A 127 -14.60 -1.97 17.45
C PHE A 127 -14.90 -3.45 17.69
N SER A 128 -15.93 -3.71 18.50
CA SER A 128 -16.35 -5.09 18.78
C SER A 128 -17.86 -5.12 18.97
N VAL A 129 -18.43 -6.26 18.63
CA VAL A 129 -19.87 -6.54 18.84
C VAL A 129 -19.94 -7.87 19.57
N GLY A 130 -20.59 -7.95 20.73
CA GLY A 130 -20.69 -9.23 21.42
C GLY A 130 -21.97 -9.42 22.18
N GLY A 131 -22.20 -10.68 22.57
CA GLY A 131 -23.38 -11.06 23.36
C GLY A 131 -23.12 -10.97 24.85
N GLU A 132 -21.99 -10.36 25.24
CA GLU A 132 -21.53 -10.19 26.63
C GLU A 132 -20.36 -9.22 26.60
N ALA A 133 -19.89 -8.77 27.76
CA ALA A 133 -18.81 -7.77 27.83
C ALA A 133 -17.57 -8.31 27.12
N LEU A 134 -16.87 -7.41 26.45
CA LEU A 134 -15.54 -7.71 25.88
C LEU A 134 -14.60 -8.16 27.01
N GLU A 135 -13.87 -9.25 26.78
CA GLU A 135 -12.92 -9.78 27.79
C GLU A 135 -11.55 -9.21 27.47
N LEU A 136 -10.91 -8.66 28.49
CA LEU A 136 -9.62 -7.93 28.35
C LEU A 136 -8.50 -8.72 29.00
N GLN A 137 -7.31 -8.56 28.40
CA GLN A 137 -6.01 -9.02 28.92
C GLN A 137 -5.14 -7.78 29.11
N GLY A 138 -4.51 -7.64 30.27
CA GLY A 138 -3.61 -6.51 30.53
C GLY A 138 -2.22 -6.80 30.02
N VAL A 139 -1.64 -5.84 29.29
CA VAL A 139 -0.20 -5.81 28.91
C VAL A 139 0.30 -4.38 29.14
N LEU A 140 1.39 -4.25 29.90
CA LEU A 140 1.94 -2.93 30.28
C LEU A 140 3.22 -2.67 29.48
N PHE A 141 3.36 -1.46 28.93
CA PHE A 141 4.63 -1.03 28.32
C PHE A 141 5.73 -1.09 29.39
N ASN A 142 5.38 -0.61 30.59
CA ASN A 142 6.30 -0.37 31.73
C ASN A 142 5.57 -0.81 33.00
N TYR A 143 5.97 -1.91 33.62
CA TYR A 143 5.21 -2.48 34.77
C TYR A 143 5.26 -1.53 35.96
N ARG A 144 6.20 -0.57 36.00
CA ARG A 144 6.36 0.35 37.16
C ARG A 144 5.54 1.64 36.93
N THR A 145 4.80 1.76 35.83
CA THR A 145 3.86 2.88 35.65
C THR A 145 2.85 2.94 36.80
N LYS A 146 2.68 4.12 37.41
CA LYS A 146 1.64 4.34 38.43
C LYS A 146 0.40 4.85 37.70
N TYR A 147 -0.62 4.01 37.57
CA TYR A 147 -1.89 4.41 36.92
C TYR A 147 -2.74 5.16 37.93
N PRO A 148 -3.54 6.12 37.45
CA PRO A 148 -4.21 7.07 38.35
C PRO A 148 -5.52 6.55 38.92
N ASP A 149 -5.88 7.12 40.07
CA ASP A 149 -7.20 6.89 40.70
C ASP A 149 -8.29 7.21 39.68
N GLY A 150 -9.35 6.42 39.66
CA GLY A 150 -10.49 6.61 38.76
C GLY A 150 -10.35 5.79 37.50
N THR A 151 -9.18 5.16 37.28
CA THR A 151 -9.01 4.19 36.17
C THR A 151 -8.97 2.77 36.73
N ILE A 152 -9.31 1.81 35.87
CA ILE A 152 -9.21 0.36 36.21
C ILE A 152 -8.07 -0.19 35.36
N PHE A 153 -7.02 -0.66 36.03
CA PHE A 153 -5.73 -1.02 35.41
C PHE A 153 -5.20 -2.33 35.99
N PRO A 154 -4.25 -2.98 35.29
CA PRO A 154 -3.66 -4.22 35.78
C PRO A 154 -3.05 -4.00 37.16
N LYS A 155 -3.48 -4.82 38.11
CA LYS A 155 -3.11 -4.73 39.55
C LYS A 155 -2.05 -5.79 39.86
N ASN A 156 -1.27 -5.58 40.91
CA ASN A 156 -0.16 -6.50 41.30
C ASN A 156 0.77 -6.69 40.08
N ALA A 157 1.09 -5.61 39.38
CA ALA A 157 1.91 -5.71 38.16
C ALA A 157 3.31 -6.21 38.58
N THR A 158 3.92 -7.03 37.72
CA THR A 158 5.30 -7.53 37.90
C THR A 158 6.02 -7.32 36.57
N VAL A 159 7.33 -7.54 36.53
CA VAL A 159 8.03 -7.39 35.23
C VAL A 159 7.40 -8.30 34.16
N GLN A 160 6.82 -9.45 34.52
N GLN A 160 6.82 -9.45 34.55
CA GLN A 160 6.21 -10.35 33.50
CA GLN A 160 6.14 -10.40 33.62
C GLN A 160 4.97 -9.66 32.88
C GLN A 160 4.98 -9.67 32.90
N SER A 161 4.38 -8.66 33.56
CA SER A 161 3.25 -7.86 33.00
C SER A 161 3.66 -7.13 31.71
N GLN A 162 4.96 -6.94 31.46
CA GLN A 162 5.47 -6.28 30.23
C GLN A 162 5.36 -7.21 29.03
N VAL A 163 5.10 -8.52 29.21
CA VAL A 163 4.93 -9.46 28.05
C VAL A 163 3.65 -10.29 28.19
N MET A 164 3.35 -10.91 29.32
CA MET A 164 2.10 -11.69 29.49
C MET A 164 2.02 -12.20 30.93
N ASN A 165 1.19 -11.55 31.72
CA ASN A 165 0.86 -11.93 33.12
C ASN A 165 -0.61 -12.33 33.09
N THR A 166 -0.91 -13.62 33.20
CA THR A 166 -2.31 -14.11 33.06
C THR A 166 -3.20 -13.67 34.24
N GLU A 167 -2.66 -13.07 35.30
CA GLU A 167 -3.48 -12.47 36.38
C GLU A 167 -4.35 -11.32 35.82
N HIS A 168 -3.89 -10.62 34.78
CA HIS A 168 -4.55 -9.37 34.34
C HIS A 168 -5.72 -9.67 33.40
N LYS A 169 -6.80 -10.19 33.98
CA LYS A 169 -8.06 -10.48 33.24
C LYS A 169 -9.13 -9.51 33.74
N ALA A 170 -9.90 -8.94 32.82
CA ALA A 170 -10.98 -8.01 33.22
C ALA A 170 -12.09 -8.07 32.17
N TYR A 171 -13.22 -7.47 32.49
CA TYR A 171 -14.35 -7.24 31.56
C TYR A 171 -14.39 -5.75 31.27
N LEU A 172 -14.64 -5.39 30.00
CA LEU A 172 -14.91 -3.99 29.65
C LEU A 172 -16.36 -3.69 30.05
N ASP A 173 -16.52 -3.27 31.30
CA ASP A 173 -17.83 -3.21 31.99
C ASP A 173 -18.09 -1.80 32.51
N LYS A 174 -17.28 -0.82 32.13
CA LYS A 174 -17.48 0.57 32.57
C LYS A 174 -16.88 1.50 31.53
N ASN A 175 -17.57 2.58 31.23
CA ASN A 175 -17.08 3.60 30.26
CA ASN A 175 -17.09 3.63 30.30
C ASN A 175 -16.07 4.52 31.00
N LYS A 176 -15.15 5.12 30.24
CA LYS A 176 -14.25 6.16 30.78
C LYS A 176 -13.35 5.58 31.87
N ALA A 177 -13.03 4.27 31.84
CA ALA A 177 -12.36 3.62 32.98
C ALA A 177 -11.13 2.80 32.59
N TYR A 178 -11.19 2.02 31.51
CA TYR A 178 -10.11 1.07 31.14
C TYR A 178 -9.16 1.76 30.16
N PRO A 179 -7.93 2.16 30.58
CA PRO A 179 -7.05 2.88 29.65
C PRO A 179 -6.68 1.99 28.46
N VAL A 180 -6.68 2.59 27.28
CA VAL A 180 -6.36 1.86 26.03
C VAL A 180 -4.97 1.22 26.16
N GLU A 181 -4.00 1.96 26.72
CA GLU A 181 -2.58 1.52 26.69
C GLU A 181 -2.32 0.31 27.59
N CYS A 182 -3.21 -0.03 28.53
CA CYS A 182 -3.07 -1.12 29.53
C CYS A 182 -3.73 -2.43 29.08
N TRP A 183 -4.69 -2.35 28.18
CA TRP A 183 -5.62 -3.49 27.95
C TRP A 183 -5.78 -3.75 26.46
N VAL A 184 -5.91 -5.03 26.10
CA VAL A 184 -6.31 -5.50 24.74
C VAL A 184 -7.41 -6.52 24.90
N PRO A 185 -8.17 -6.78 23.82
CA PRO A 185 -9.02 -7.96 23.78
C PRO A 185 -8.19 -9.19 24.13
N ASP A 186 -8.73 -10.06 25.00
CA ASP A 186 -8.09 -11.33 25.40
C ASP A 186 -8.34 -12.35 24.30
N PRO A 187 -7.32 -12.72 23.48
CA PRO A 187 -7.56 -13.68 22.40
C PRO A 187 -7.82 -15.12 22.90
N THR A 188 -7.59 -15.39 24.18
CA THR A 188 -7.82 -16.73 24.79
C THR A 188 -9.30 -16.86 25.16
N ARG A 189 -10.08 -15.77 25.11
CA ARG A 189 -11.50 -15.80 25.48
C ARG A 189 -12.29 -15.19 24.29
N ASN A 190 -13.33 -14.42 24.59
CA ASN A 190 -14.09 -13.67 23.56
C ASN A 190 -14.71 -14.58 22.48
N GLU A 191 -15.10 -15.82 22.82
CA GLU A 191 -15.77 -16.72 21.86
C GLU A 191 -17.12 -16.13 21.39
N ASN A 192 -17.75 -15.26 22.19
CA ASN A 192 -19.13 -14.76 21.93
C ASN A 192 -19.09 -13.29 21.53
N THR A 193 -17.94 -12.82 21.02
CA THR A 193 -17.71 -11.44 20.54
C THR A 193 -16.98 -11.53 19.22
N ARG A 194 -17.16 -10.54 18.35
CA ARG A 194 -16.33 -10.34 17.15
C ARG A 194 -15.62 -9.01 17.35
N TYR A 195 -14.29 -9.00 17.34
CA TYR A 195 -13.50 -7.76 17.53
C TYR A 195 -12.53 -7.56 16.38
N PHE A 196 -12.19 -6.30 16.14
CA PHE A 196 -11.38 -5.83 15.02
C PHE A 196 -10.64 -4.57 15.45
N GLY A 197 -9.32 -4.54 15.26
CA GLY A 197 -8.55 -3.35 15.64
C GLY A 197 -7.28 -3.22 14.83
N THR A 198 -6.83 -1.98 14.66
CA THR A 198 -5.54 -1.70 14.00
C THR A 198 -4.81 -0.63 14.79
N LEU A 199 -3.59 -0.95 15.21
CA LEU A 199 -2.66 0.06 15.75
C LEU A 199 -1.75 0.47 14.58
N THR A 200 -1.70 1.76 14.29
CA THR A 200 -0.68 2.33 13.38
C THR A 200 0.21 3.27 14.18
N GLY A 201 1.48 2.92 14.44
CA GLY A 201 2.38 3.67 15.33
C GLY A 201 3.38 4.55 14.59
N GLY A 202 3.72 5.72 15.13
CA GLY A 202 4.73 6.62 14.53
C GLY A 202 4.28 8.05 14.64
N GLU A 203 5.18 9.00 14.83
CA GLU A 203 4.76 10.39 15.19
C GLU A 203 4.19 11.10 13.96
N ASN A 204 4.49 10.62 12.74
CA ASN A 204 4.12 11.38 11.52
C ASN A 204 3.10 10.62 10.69
N VAL A 205 2.64 9.46 11.18
CA VAL A 205 1.70 8.58 10.44
C VAL A 205 0.49 9.43 10.02
N PRO A 206 0.05 9.37 8.74
CA PRO A 206 -1.12 10.11 8.27
C PRO A 206 -2.38 9.33 8.60
N PRO A 207 -3.42 9.94 9.19
CA PRO A 207 -4.72 9.27 9.29
C PRO A 207 -5.21 8.92 7.88
N VAL A 208 -5.79 7.73 7.70
CA VAL A 208 -6.51 7.35 6.45
C VAL A 208 -7.88 6.85 6.90
N LEU A 209 -8.91 7.67 6.71
CA LEU A 209 -10.26 7.39 7.27
C LEU A 209 -11.23 7.29 6.10
N HIS A 210 -11.84 6.13 5.91
CA HIS A 210 -12.82 5.86 4.84
C HIS A 210 -14.22 5.93 5.43
N ILE A 211 -15.16 6.53 4.70
CA ILE A 211 -16.59 6.54 5.07
C ILE A 211 -17.39 6.05 3.88
N THR A 212 -18.41 5.24 4.15
CA THR A 212 -19.37 4.78 3.12
C THR A 212 -20.54 4.16 3.87
N ASN A 213 -21.72 4.24 3.26
CA ASN A 213 -22.91 3.54 3.79
C ASN A 213 -23.16 2.25 3.00
N THR A 214 -22.17 1.77 2.25
CA THR A 214 -22.35 0.61 1.33
C THR A 214 -21.67 -0.66 1.84
N ALA A 215 -20.98 -0.60 2.99
CA ALA A 215 -20.10 -1.67 3.52
C ALA A 215 -20.77 -2.36 4.70
N THR A 216 -20.91 -3.68 4.62
CA THR A 216 -21.46 -4.50 5.73
C THR A 216 -20.43 -5.55 6.15
N THR A 217 -20.24 -5.73 7.45
CA THR A 217 -19.47 -6.86 8.03
C THR A 217 -20.43 -7.94 8.52
N VAL A 218 -20.20 -9.18 8.09
CA VAL A 218 -20.99 -10.34 8.57
C VAL A 218 -20.33 -10.82 9.87
N LEU A 219 -21.12 -11.08 10.90
CA LEU A 219 -20.63 -11.41 12.27
C LEU A 219 -20.72 -12.92 12.54
N LEU A 220 -21.20 -13.70 11.58
CA LEU A 220 -21.31 -15.17 11.73
C LEU A 220 -19.90 -15.79 11.79
N ASP A 221 -19.70 -16.77 12.67
CA ASP A 221 -18.46 -17.57 12.75
C ASP A 221 -18.48 -18.65 11.66
N GLU A 222 -17.51 -19.56 11.68
CA GLU A 222 -17.35 -20.61 10.61
C GLU A 222 -18.51 -21.62 10.70
N PHE A 223 -19.27 -21.65 11.78
CA PHE A 223 -20.46 -22.53 11.92
C PHE A 223 -21.75 -21.78 11.57
N GLY A 224 -21.66 -20.53 11.10
CA GLY A 224 -22.85 -19.72 10.73
C GLY A 224 -23.55 -19.14 11.95
N VAL A 225 -22.84 -18.98 13.06
CA VAL A 225 -23.43 -18.48 14.34
C VAL A 225 -22.82 -17.12 14.70
N GLY A 226 -23.67 -16.13 14.95
CA GLY A 226 -23.22 -14.80 15.38
C GLY A 226 -23.15 -14.74 16.89
N PRO A 227 -22.69 -13.62 17.49
CA PRO A 227 -22.81 -13.38 18.92
C PRO A 227 -24.25 -13.58 19.40
N LEU A 228 -24.39 -14.32 20.50
CA LEU A 228 -25.69 -14.63 21.13
C LEU A 228 -25.82 -13.80 22.41
N CYS A 229 -26.86 -12.99 22.50
CA CYS A 229 -26.97 -11.91 23.51
C CYS A 229 -27.50 -12.43 24.85
N LYS A 230 -26.60 -12.67 25.79
CA LYS A 230 -26.97 -13.17 27.14
C LYS A 230 -27.80 -12.11 27.87
N GLY A 231 -28.93 -12.53 28.48
CA GLY A 231 -29.82 -11.60 29.18
C GLY A 231 -30.43 -10.57 28.25
N ASP A 232 -30.42 -10.82 26.93
CA ASP A 232 -30.96 -9.89 25.90
C ASP A 232 -30.23 -8.54 25.98
N ASN A 233 -28.90 -8.57 26.15
CA ASN A 233 -28.05 -7.34 26.10
C ASN A 233 -27.05 -7.49 24.96
N LEU A 234 -26.87 -6.43 24.19
CA LEU A 234 -25.83 -6.36 23.13
C LEU A 234 -24.73 -5.46 23.65
N TYR A 235 -23.46 -5.86 23.48
CA TYR A 235 -22.27 -5.09 23.92
C TYR A 235 -21.54 -4.57 22.70
N LEU A 236 -21.37 -3.25 22.65
CA LEU A 236 -20.64 -2.52 21.59
C LEU A 236 -19.47 -1.85 22.29
N SER A 237 -18.28 -1.98 21.71
CA SER A 237 -17.06 -1.36 22.28
C SER A 237 -16.31 -0.69 21.14
N ALA A 238 -15.56 0.37 21.45
CA ALA A 238 -14.81 1.10 20.41
C ALA A 238 -13.64 1.87 21.02
N VAL A 239 -12.62 2.03 20.20
CA VAL A 239 -11.58 3.06 20.40
C VAL A 239 -11.32 3.67 19.02
N ASP A 240 -11.24 5.00 18.96
CA ASP A 240 -10.91 5.71 17.70
C ASP A 240 -10.01 6.87 18.08
N VAL A 241 -8.80 6.52 18.52
CA VAL A 241 -7.71 7.52 18.71
C VAL A 241 -7.16 7.82 17.33
N CYS A 242 -7.38 9.04 16.81
CA CYS A 242 -7.13 9.34 15.37
C CYS A 242 -5.67 9.75 15.17
N GLY A 243 -5.03 10.14 16.26
CA GLY A 243 -3.65 10.64 16.26
C GLY A 243 -3.51 11.72 17.30
N MET A 244 -2.50 12.56 17.13
CA MET A 244 -2.24 13.68 18.06
C MET A 244 -2.40 15.01 17.34
N PHE A 245 -2.99 15.95 18.06
CA PHE A 245 -3.05 17.39 17.73
C PHE A 245 -1.86 18.08 18.39
N THR A 246 -1.07 18.77 17.57
CA THR A 246 0.08 19.59 18.04
C THR A 246 -0.36 21.04 18.08
N ASN A 247 -0.35 21.68 19.25
CA ASN A 247 -0.76 23.10 19.28
C ASN A 247 0.47 24.00 19.06
N ARG A 248 0.21 25.30 19.00
CA ARG A 248 1.21 26.33 18.64
C ARG A 248 2.47 26.15 19.51
N SER A 249 2.33 25.73 20.78
CA SER A 249 3.47 25.58 21.72
C SER A 249 4.34 24.35 21.40
N GLY A 250 3.82 23.38 20.63
CA GLY A 250 4.48 22.08 20.41
C GLY A 250 3.88 20.98 21.27
N SER A 251 3.09 21.32 22.28
CA SER A 251 2.45 20.27 23.11
CA SER A 251 2.36 20.34 23.13
C SER A 251 1.48 19.46 22.24
N GLN A 252 1.32 18.19 22.61
CA GLN A 252 0.50 17.24 21.83
C GLN A 252 -0.56 16.61 22.70
N GLN A 253 -1.74 16.46 22.11
CA GLN A 253 -2.93 15.86 22.74
C GLN A 253 -3.46 14.78 21.82
N TRP A 254 -3.92 13.68 22.37
CA TRP A 254 -4.70 12.72 21.58
C TRP A 254 -6.01 13.38 21.12
N ARG A 255 -6.48 13.05 19.91
CA ARG A 255 -7.81 13.47 19.40
C ARG A 255 -8.57 12.21 18.98
N GLY A 256 -9.79 12.07 19.48
CA GLY A 256 -10.67 10.94 19.12
C GLY A 256 -11.93 11.40 18.41
N LEU A 257 -12.62 10.45 17.79
CA LEU A 257 -13.93 10.69 17.17
C LEU A 257 -14.88 9.60 17.60
N SER A 258 -16.16 9.89 17.48
CA SER A 258 -17.27 8.96 17.74
C SER A 258 -17.34 7.88 16.66
N ARG A 259 -17.94 6.74 17.02
CA ARG A 259 -18.18 5.64 16.09
C ARG A 259 -19.67 5.28 16.04
N TYR A 260 -20.20 5.21 14.82
CA TYR A 260 -21.57 4.76 14.51
C TYR A 260 -21.60 3.23 14.46
N PHE A 261 -22.65 2.64 15.02
CA PHE A 261 -22.91 1.18 14.88
C PHE A 261 -24.35 0.99 14.43
N LYS A 262 -24.56 0.14 13.45
CA LYS A 262 -25.89 -0.43 13.13
C LYS A 262 -25.73 -1.95 13.08
N VAL A 263 -26.46 -2.65 13.93
CA VAL A 263 -26.38 -4.13 14.05
C VAL A 263 -27.77 -4.70 13.74
N GLN A 264 -27.84 -5.67 12.83
N GLN A 264 -27.83 -5.68 12.83
CA GLN A 264 -29.07 -6.46 12.56
CA GLN A 264 -29.06 -6.45 12.58
C GLN A 264 -28.99 -7.74 13.41
C GLN A 264 -28.98 -7.73 13.42
N LEU A 265 -30.06 -8.05 14.13
CA LEU A 265 -30.14 -9.27 14.96
C LEU A 265 -31.37 -10.08 14.56
N ARG A 266 -31.28 -11.37 14.83
CA ARG A 266 -32.40 -12.33 14.56
C ARG A 266 -32.54 -13.24 15.76
N LYS A 267 -33.74 -13.79 15.97
CA LYS A 267 -34.01 -14.70 17.09
C LYS A 267 -33.51 -16.10 16.69
N ARG A 268 -32.75 -16.70 17.59
CA ARG A 268 -32.20 -18.06 17.42
C ARG A 268 -32.64 -18.91 18.62
N ARG A 269 -33.15 -20.12 18.37
CA ARG A 269 -33.46 -21.05 19.48
C ARG A 269 -32.17 -21.74 19.91
N VAL A 270 -31.98 -21.91 21.21
CA VAL A 270 -30.81 -22.63 21.78
C VAL A 270 -31.31 -23.57 22.87
N LYS A 271 -30.53 -24.59 23.20
CA LYS A 271 -30.75 -25.46 24.41
C LYS A 271 -29.59 -25.17 25.37
N ASN A 272 -29.91 -24.77 26.61
CA ASN A 272 -28.97 -24.17 27.59
C ASN A 272 -28.86 -25.07 28.82
N VAL B 7 -42.68 3.41 0.60
CA VAL B 7 -42.67 2.99 -0.84
C VAL B 7 -42.44 1.48 -0.90
N GLU B 8 -43.39 0.73 -1.48
CA GLU B 8 -43.20 -0.68 -1.91
C GLU B 8 -42.58 -0.66 -3.31
N VAL B 9 -41.43 -1.32 -3.50
CA VAL B 9 -40.67 -1.32 -4.78
C VAL B 9 -41.08 -2.55 -5.57
N LEU B 10 -41.66 -2.36 -6.76
CA LEU B 10 -42.14 -3.45 -7.65
C LEU B 10 -41.19 -3.58 -8.85
N GLU B 11 -41.68 -3.95 -10.04
CA GLU B 11 -40.81 -4.40 -11.15
C GLU B 11 -40.11 -3.21 -11.81
N VAL B 12 -38.99 -3.52 -12.45
CA VAL B 12 -38.24 -2.60 -13.33
C VAL B 12 -38.94 -2.57 -14.69
N LYS B 13 -39.16 -1.39 -15.27
CA LYS B 13 -39.67 -1.30 -16.67
C LYS B 13 -38.54 -1.70 -17.62
N THR B 14 -38.88 -2.37 -18.73
CA THR B 14 -37.92 -2.75 -19.80
C THR B 14 -38.33 -2.06 -21.11
N GLY B 15 -37.52 -2.24 -22.16
CA GLY B 15 -37.71 -1.55 -23.45
C GLY B 15 -36.83 -0.31 -23.51
N ASP B 17 -37.07 3.01 -24.06
CA ASP B 17 -37.43 4.28 -23.38
C ASP B 17 -37.42 4.12 -21.84
N SER B 18 -37.00 2.97 -21.32
CA SER B 18 -37.02 2.68 -19.86
C SER B 18 -35.70 3.08 -19.20
N ILE B 19 -34.71 3.54 -19.97
CA ILE B 19 -33.36 3.86 -19.41
C ILE B 19 -33.00 5.31 -19.77
N THR B 20 -32.24 5.97 -18.91
CA THR B 20 -31.69 7.31 -19.19
C THR B 20 -30.30 7.40 -18.55
N GLU B 21 -29.54 8.41 -18.95
CA GLU B 21 -28.14 8.56 -18.50
C GLU B 21 -27.95 10.03 -18.14
N VAL B 22 -27.32 10.29 -17.00
CA VAL B 22 -26.93 11.66 -16.58
C VAL B 22 -25.42 11.70 -16.68
N GLU B 23 -24.88 12.74 -17.31
CA GLU B 23 -23.42 12.91 -17.45
C GLU B 23 -23.13 14.38 -17.16
N CYS B 24 -22.29 14.66 -16.17
CA CYS B 24 -21.93 16.06 -15.87
C CYS B 24 -20.63 16.14 -15.07
N PHE B 25 -20.18 17.36 -14.83
CA PHE B 25 -19.07 17.61 -13.90
C PHE B 25 -19.57 18.56 -12.82
N LEU B 26 -19.06 18.36 -11.61
CA LEU B 26 -19.25 19.25 -10.46
C LEU B 26 -17.92 19.97 -10.23
N THR B 27 -17.93 21.29 -10.28
CA THR B 27 -16.71 22.09 -10.04
C THR B 27 -16.48 22.15 -8.54
N PRO B 28 -15.21 22.26 -8.11
CA PRO B 28 -14.89 22.32 -6.69
C PRO B 28 -15.19 23.70 -6.12
N GLU B 29 -15.45 23.76 -4.81
CA GLU B 29 -15.76 25.04 -4.11
C GLU B 29 -14.75 25.20 -2.98
N MET B 30 -13.55 25.66 -3.33
CA MET B 30 -12.41 25.76 -2.39
C MET B 30 -12.36 27.11 -1.67
N GLY B 31 -13.10 28.12 -2.15
CA GLY B 31 -13.20 29.44 -1.48
C GLY B 31 -13.05 30.58 -2.47
N ASP B 32 -12.27 30.39 -3.53
CA ASP B 32 -12.16 31.35 -4.66
C ASP B 32 -11.93 32.78 -4.16
N PRO B 33 -10.76 33.08 -3.57
CA PRO B 33 -10.55 34.35 -2.86
C PRO B 33 -10.46 35.58 -3.77
N ASP B 34 -10.27 35.40 -5.07
CA ASP B 34 -10.34 36.55 -6.02
C ASP B 34 -10.62 36.02 -7.41
N GLU B 35 -10.66 36.94 -8.39
CA GLU B 35 -11.17 36.62 -9.74
C GLU B 35 -10.16 35.75 -10.51
N HIS B 36 -8.96 35.52 -9.96
CA HIS B 36 -7.92 34.72 -10.64
C HIS B 36 -7.79 33.33 -10.01
N LEU B 37 -8.52 33.01 -8.93
CA LEU B 37 -8.11 31.88 -8.05
C LEU B 37 -9.24 30.87 -7.89
N ARG B 38 -10.08 30.74 -8.90
CA ARG B 38 -11.06 29.62 -8.95
C ARG B 38 -10.29 28.31 -8.75
N GLY B 39 -10.76 27.46 -7.84
CA GLY B 39 -10.16 26.15 -7.51
C GLY B 39 -9.20 26.21 -6.35
N PHE B 40 -8.88 27.40 -5.84
CA PHE B 40 -8.00 27.59 -4.68
C PHE B 40 -8.79 28.21 -3.50
N SER B 41 -8.30 28.01 -2.28
CA SER B 41 -8.75 28.78 -1.09
C SER B 41 -7.89 30.03 -0.94
N LYS B 42 -8.34 30.92 -0.05
CA LYS B 42 -7.46 31.94 0.56
C LYS B 42 -6.31 31.24 1.26
N SER B 43 -5.16 31.88 1.37
CA SER B 43 -4.04 31.30 2.16
CA SER B 43 -4.03 31.33 2.18
C SER B 43 -4.50 31.13 3.61
N ILE B 44 -4.00 30.10 4.25
N ILE B 44 -3.99 30.10 4.27
CA ILE B 44 -4.46 29.70 5.59
CA ILE B 44 -4.46 29.64 5.61
C ILE B 44 -3.74 30.58 6.62
C ILE B 44 -3.75 30.42 6.71
N SER B 45 -4.49 31.07 7.59
CA SER B 45 -3.94 31.75 8.80
C SER B 45 -4.42 30.96 10.02
N ILE B 46 -3.64 30.99 11.08
CA ILE B 46 -3.84 30.17 12.29
C ILE B 46 -4.16 31.09 13.47
N SER B 47 -5.27 30.85 14.18
CA SER B 47 -5.60 31.57 15.43
C SER B 47 -4.59 31.23 16.54
N ASP B 48 -4.44 32.14 17.51
CA ASP B 48 -3.52 31.95 18.66
C ASP B 48 -4.21 31.21 19.81
N THR B 49 -5.52 31.00 19.73
CA THR B 49 -6.32 30.31 20.77
C THR B 49 -7.48 29.60 20.07
N PHE B 50 -8.07 28.58 20.69
CA PHE B 50 -9.32 27.98 20.16
C PHE B 50 -10.42 29.04 20.17
N GLU B 51 -10.51 29.87 21.24
CA GLU B 51 -11.64 30.83 21.35
C GLU B 51 -11.59 31.89 20.22
N SER B 52 -10.43 32.20 19.62
CA SER B 52 -10.32 33.23 18.56
C SER B 52 -10.30 32.60 17.15
N ASP B 53 -10.58 31.31 17.00
CA ASP B 53 -10.63 30.66 15.66
C ASP B 53 -11.78 31.29 14.88
N SER B 54 -11.47 31.95 13.78
CA SER B 54 -12.46 32.75 13.01
CA SER B 54 -12.45 32.76 13.01
C SER B 54 -12.12 32.70 11.52
N PRO B 55 -12.27 31.52 10.88
CA PRO B 55 -11.85 31.37 9.48
C PRO B 55 -12.71 32.21 8.55
N ASN B 56 -12.07 32.88 7.60
CA ASN B 56 -12.78 33.64 6.55
C ASN B 56 -13.48 32.68 5.59
N ARG B 57 -14.60 33.12 5.03
CA ARG B 57 -15.42 32.27 4.14
C ARG B 57 -14.57 31.76 2.97
N ASP B 58 -13.67 32.59 2.44
CA ASP B 58 -12.91 32.21 1.22
C ASP B 58 -11.75 31.27 1.60
N MET B 59 -11.55 30.99 2.89
CA MET B 59 -10.48 30.08 3.36
C MET B 59 -11.10 28.68 3.61
N LEU B 60 -12.40 28.53 3.45
CA LEU B 60 -13.13 27.26 3.78
C LEU B 60 -13.64 26.54 2.55
N PRO B 61 -13.06 25.37 2.22
CA PRO B 61 -13.68 24.49 1.23
C PRO B 61 -15.09 24.10 1.69
N CYS B 62 -15.97 23.99 0.72
CA CYS B 62 -17.39 23.61 0.92
C CYS B 62 -17.74 22.39 0.07
N TYR B 63 -18.78 21.68 0.47
CA TYR B 63 -19.35 20.59 -0.36
C TYR B 63 -19.91 21.17 -1.68
N SER B 64 -19.63 20.47 -2.77
CA SER B 64 -20.30 20.67 -4.09
C SER B 64 -21.59 19.85 -4.16
N VAL B 65 -22.63 20.42 -4.75
CA VAL B 65 -23.89 19.69 -4.99
C VAL B 65 -24.54 20.17 -6.29
N ALA B 66 -25.09 19.22 -7.03
CA ALA B 66 -25.97 19.46 -8.20
C ALA B 66 -27.26 18.66 -8.03
N ARG B 67 -28.38 19.33 -8.27
CA ARG B 67 -29.72 18.72 -8.40
C ARG B 67 -30.04 18.66 -9.89
N ILE B 68 -30.14 17.46 -10.45
CA ILE B 68 -30.30 17.28 -11.92
C ILE B 68 -31.71 16.82 -12.22
N PRO B 69 -32.52 17.65 -12.92
CA PRO B 69 -33.87 17.22 -13.31
C PRO B 69 -33.77 16.10 -14.33
N LEU B 70 -34.57 15.05 -14.14
CA LEU B 70 -34.66 13.86 -15.04
C LEU B 70 -35.94 13.98 -15.87
N PRO B 71 -36.11 13.19 -16.94
CA PRO B 71 -37.35 13.23 -17.70
C PRO B 71 -38.56 12.99 -16.79
N ASN B 72 -39.61 13.81 -16.92
CA ASN B 72 -40.81 13.77 -16.05
C ASN B 72 -41.54 12.44 -16.27
N LEU B 73 -42.01 11.80 -15.20
CA LEU B 73 -42.51 10.41 -15.26
C LEU B 73 -44.03 10.33 -15.07
N ASN B 74 -44.63 11.00 -14.10
CA ASN B 74 -46.05 10.73 -13.75
C ASN B 74 -46.89 12.00 -13.88
N LEU B 83 -44.13 5.58 -11.40
CA LEU B 83 -42.76 5.24 -11.85
C LEU B 83 -41.78 6.24 -11.21
N MET B 84 -40.62 5.73 -10.80
CA MET B 84 -39.50 6.56 -10.33
C MET B 84 -38.25 6.14 -11.09
N TRP B 85 -37.36 7.09 -11.37
CA TRP B 85 -36.01 6.79 -11.87
C TRP B 85 -35.18 6.19 -10.73
N GLU B 86 -34.53 5.07 -11.01
CA GLU B 86 -33.66 4.33 -10.09
C GLU B 86 -32.22 4.45 -10.60
N ALA B 87 -31.31 5.00 -9.78
CA ALA B 87 -29.89 5.08 -10.16
C ALA B 87 -29.27 3.70 -9.96
N VAL B 88 -28.64 3.15 -11.00
CA VAL B 88 -28.12 1.75 -11.01
C VAL B 88 -26.60 1.70 -11.06
N THR B 89 -25.93 2.55 -11.84
CA THR B 89 -24.45 2.52 -11.95
C THR B 89 -23.87 3.93 -11.98
N LEU B 90 -22.62 4.04 -11.55
CA LEU B 90 -21.83 5.28 -11.50
C LEU B 90 -20.47 5.03 -12.13
N LYS B 91 -20.06 5.90 -13.03
CA LYS B 91 -18.63 6.07 -13.38
C LYS B 91 -18.23 7.46 -12.89
N THR B 92 -17.09 7.57 -12.24
CA THR B 92 -16.66 8.88 -11.70
C THR B 92 -15.15 8.99 -11.79
N GLU B 93 -14.65 10.21 -11.93
CA GLU B 93 -13.21 10.42 -11.72
C GLU B 93 -12.92 11.90 -11.56
N VAL B 94 -11.76 12.17 -11.01
CA VAL B 94 -11.28 13.55 -10.78
C VAL B 94 -10.74 14.06 -12.12
N ILE B 95 -11.14 15.27 -12.52
N ILE B 95 -11.09 15.28 -12.50
CA ILE B 95 -10.78 15.86 -13.83
CA ILE B 95 -10.78 15.83 -13.85
C ILE B 95 -9.63 16.82 -13.66
C ILE B 95 -9.66 16.87 -13.73
N GLY B 96 -8.56 16.64 -14.43
CA GLY B 96 -7.40 17.56 -14.44
C GLY B 96 -6.30 17.14 -13.47
N VAL B 97 -6.13 15.85 -13.19
CA VAL B 97 -5.10 15.39 -12.22
C VAL B 97 -3.71 15.86 -12.65
N THR B 98 -3.40 15.95 -13.95
CA THR B 98 -2.05 16.28 -14.44
C THR B 98 -1.73 17.74 -14.18
N SER B 99 -2.72 18.59 -13.89
CA SER B 99 -2.44 20.03 -13.59
C SER B 99 -1.55 20.14 -12.34
N LEU B 100 -1.54 19.11 -11.48
CA LEU B 100 -0.72 19.12 -10.25
C LEU B 100 0.78 18.91 -10.57
N MET B 101 1.13 18.68 -11.84
CA MET B 101 2.55 18.60 -12.27
C MET B 101 3.11 19.99 -12.56
N ASN B 102 2.32 21.05 -12.41
CA ASN B 102 2.88 22.42 -12.57
C ASN B 102 3.67 22.75 -11.30
N VAL B 103 4.99 22.62 -11.37
CA VAL B 103 5.94 22.89 -10.25
C VAL B 103 6.79 24.11 -10.58
N HIS B 104 6.32 24.99 -11.48
CA HIS B 104 7.13 26.13 -11.97
C HIS B 104 6.45 27.48 -11.72
N SER B 105 5.26 27.51 -11.12
CA SER B 105 4.42 28.75 -11.00
C SER B 105 4.59 29.42 -9.62
N ASN B 106 5.77 30.00 -9.35
CA ASN B 106 6.08 30.79 -8.14
C ASN B 106 5.77 30.00 -6.87
N GLY B 107 6.10 28.71 -6.88
CA GLY B 107 6.03 27.87 -5.68
C GLY B 107 7.29 28.04 -4.83
N GLN B 108 7.42 27.19 -3.84
CA GLN B 108 8.56 27.23 -2.89
C GLN B 108 9.53 26.11 -3.28
N ALA B 109 10.73 26.46 -3.71
CA ALA B 109 11.78 25.50 -4.10
C ALA B 109 12.01 24.55 -2.93
N THR B 110 12.04 23.24 -3.21
CA THR B 110 12.21 22.21 -2.17
C THR B 110 13.62 22.32 -1.58
N HIS B 111 14.58 22.86 -2.34
CA HIS B 111 15.99 23.08 -1.95
C HIS B 111 16.59 24.05 -2.96
N ASP B 112 17.80 24.54 -2.70
N ASP B 112 17.82 24.53 -2.72
CA ASP B 112 18.47 25.55 -3.57
CA ASP B 112 18.47 25.54 -3.58
C ASP B 112 18.56 24.99 -5.01
C ASP B 112 18.56 24.99 -5.01
N ASN B 113 18.03 25.75 -5.97
CA ASN B 113 18.03 25.45 -7.42
C ASN B 113 16.97 24.39 -7.78
N GLY B 114 16.17 23.94 -6.83
CA GLY B 114 15.17 22.87 -7.06
C GLY B 114 13.87 23.37 -7.67
N ALA B 115 13.03 22.42 -8.09
CA ALA B 115 11.65 22.66 -8.55
C ALA B 115 10.78 23.04 -7.36
N GLY B 116 9.59 23.57 -7.65
CA GLY B 116 8.62 23.95 -6.61
C GLY B 116 8.03 22.75 -5.94
N LYS B 117 7.78 22.86 -4.63
CA LYS B 117 7.06 21.81 -3.86
C LYS B 117 5.71 21.59 -4.54
N PRO B 118 5.37 20.34 -4.89
CA PRO B 118 4.09 20.07 -5.54
C PRO B 118 2.95 20.10 -4.51
N VAL B 119 1.74 20.23 -5.03
CA VAL B 119 0.50 20.16 -4.21
C VAL B 119 0.59 18.87 -3.39
N GLN B 120 0.36 18.96 -2.09
CA GLN B 120 0.43 17.80 -1.20
C GLN B 120 -0.21 18.20 0.12
N GLY B 121 -0.37 17.23 1.01
CA GLY B 121 -0.96 17.50 2.33
C GLY B 121 -2.37 16.95 2.38
N THR B 122 -3.09 17.30 3.44
CA THR B 122 -4.41 16.73 3.74
C THR B 122 -5.29 16.76 2.50
N SER B 123 -5.99 15.65 2.23
CA SER B 123 -6.93 15.51 1.09
C SER B 123 -8.25 14.95 1.59
N PHE B 124 -9.33 15.36 0.95
CA PHE B 124 -10.66 14.73 1.16
C PHE B 124 -11.26 14.52 -0.22
N HIS B 125 -11.49 13.26 -0.58
CA HIS B 125 -12.09 12.85 -1.86
C HIS B 125 -13.39 12.14 -1.52
N PHE B 126 -14.49 12.71 -1.98
CA PHE B 126 -15.84 12.29 -1.55
C PHE B 126 -16.79 12.42 -2.72
N PHE B 127 -17.69 11.45 -2.88
CA PHE B 127 -18.79 11.59 -3.85
C PHE B 127 -20.01 10.81 -3.38
N SER B 128 -21.18 11.28 -3.80
CA SER B 128 -22.45 10.59 -3.47
C SER B 128 -23.45 10.75 -4.61
N VAL B 129 -24.31 9.75 -4.73
CA VAL B 129 -25.43 9.71 -5.69
C VAL B 129 -26.69 9.37 -4.89
N GLY B 130 -27.73 10.21 -4.96
CA GLY B 130 -28.96 9.94 -4.19
C GLY B 130 -30.20 10.42 -4.92
N GLY B 131 -31.34 9.95 -4.46
CA GLY B 131 -32.65 10.34 -4.99
C GLY B 131 -33.25 11.48 -4.19
N GLU B 132 -32.42 12.16 -3.39
CA GLU B 132 -32.77 13.30 -2.52
C GLU B 132 -31.48 13.88 -1.97
N ALA B 133 -31.56 15.02 -1.31
CA ALA B 133 -30.36 15.71 -0.82
C ALA B 133 -29.60 14.79 0.15
N LEU B 134 -28.28 14.87 0.10
CA LEU B 134 -27.40 14.20 1.08
C LEU B 134 -27.74 14.74 2.46
N GLU B 135 -27.90 13.85 3.43
CA GLU B 135 -28.19 14.24 4.84
C GLU B 135 -26.88 14.36 5.60
N LEU B 136 -26.72 15.45 6.34
CA LEU B 136 -25.43 15.83 7.00
C LEU B 136 -25.61 15.79 8.52
N GLN B 137 -24.50 15.44 9.19
CA GLN B 137 -24.32 15.54 10.66
C GLN B 137 -23.11 16.45 10.90
N GLY B 138 -23.27 17.43 11.77
CA GLY B 138 -22.17 18.35 12.09
C GLY B 138 -21.28 17.75 13.16
N VAL B 139 -19.97 17.90 12.98
CA VAL B 139 -18.94 17.56 13.98
C VAL B 139 -17.88 18.66 13.85
N LEU B 140 -17.56 19.29 14.96
CA LEU B 140 -16.60 20.41 15.01
C LEU B 140 -15.27 19.97 15.63
N PHE B 141 -14.17 20.37 14.99
CA PHE B 141 -12.84 20.20 15.62
C PHE B 141 -12.80 20.96 16.94
N ASN B 142 -13.34 22.19 16.91
CA ASN B 142 -13.30 23.17 18.02
C ASN B 142 -14.66 23.86 18.05
N TYR B 143 -15.43 23.66 19.12
CA TYR B 143 -16.84 24.13 19.17
C TYR B 143 -16.89 25.65 19.24
N ARG B 144 -15.76 26.31 19.54
CA ARG B 144 -15.73 27.79 19.68
C ARG B 144 -15.30 28.46 18.37
N THR B 145 -15.07 27.70 17.29
CA THR B 145 -14.81 28.29 15.96
C THR B 145 -15.99 29.20 15.60
N LYS B 146 -15.70 30.44 15.17
CA LYS B 146 -16.74 31.36 14.63
C LYS B 146 -16.79 31.14 13.14
N TYR B 147 -17.83 30.50 12.63
CA TYR B 147 -17.97 30.25 11.17
C TYR B 147 -18.57 31.51 10.53
N PRO B 148 -18.12 31.84 9.30
CA PRO B 148 -18.39 33.16 8.75
C PRO B 148 -19.77 33.30 8.09
N ASP B 149 -20.23 34.55 8.00
CA ASP B 149 -21.47 34.85 7.27
C ASP B 149 -21.36 34.29 5.84
N GLY B 150 -22.48 33.75 5.34
CA GLY B 150 -22.61 33.18 3.99
C GLY B 150 -22.33 31.68 4.00
N THR B 151 -21.91 31.11 5.12
CA THR B 151 -21.79 29.63 5.26
C THR B 151 -22.94 29.13 6.11
N ILE B 152 -23.27 27.87 5.95
CA ILE B 152 -24.27 27.16 6.79
C ILE B 152 -23.51 26.14 7.64
N PHE B 153 -23.59 26.30 8.96
CA PHE B 153 -22.70 25.62 9.91
C PHE B 153 -23.52 25.18 11.13
N PRO B 154 -22.97 24.24 11.93
CA PRO B 154 -23.62 23.80 13.16
C PRO B 154 -23.88 25.00 14.09
N LYS B 155 -25.14 25.17 14.46
CA LYS B 155 -25.62 26.30 15.30
C LYS B 155 -25.79 25.79 16.73
N ASN B 156 -25.78 26.72 17.70
CA ASN B 156 -25.95 26.41 19.13
C ASN B 156 -24.89 25.38 19.51
N ALA B 157 -23.66 25.50 19.00
CA ALA B 157 -22.58 24.52 19.29
C ALA B 157 -22.29 24.50 20.80
N THR B 158 -21.98 23.33 21.31
CA THR B 158 -21.51 23.13 22.68
C THR B 158 -20.23 22.31 22.61
N VAL B 159 -19.59 22.11 23.73
CA VAL B 159 -18.36 21.28 23.74
C VAL B 159 -18.71 19.88 23.27
N GLN B 160 -19.95 19.40 23.48
CA GLN B 160 -20.33 18.04 23.03
C GLN B 160 -20.32 17.96 21.48
N SER B 161 -20.41 19.10 20.79
CA SER B 161 -20.33 19.20 19.30
C SER B 161 -18.97 18.72 18.79
N GLN B 162 -17.95 18.69 19.65
CA GLN B 162 -16.59 18.22 19.26
C GLN B 162 -16.59 16.69 19.10
N VAL B 163 -17.62 15.98 19.58
CA VAL B 163 -17.67 14.49 19.43
C VAL B 163 -18.99 14.02 18.82
N MET B 164 -20.14 14.50 19.29
CA MET B 164 -21.44 14.19 18.64
C MET B 164 -22.54 14.95 19.34
N ASN B 165 -23.16 15.87 18.64
CA ASN B 165 -24.32 16.65 19.13
C ASN B 165 -25.43 16.44 18.09
N THR B 166 -26.48 15.67 18.44
CA THR B 166 -27.54 15.25 17.48
C THR B 166 -28.39 16.45 17.01
N GLU B 167 -28.25 17.63 17.61
CA GLU B 167 -28.92 18.84 17.09
C GLU B 167 -28.42 19.14 15.66
N HIS B 168 -27.18 18.84 15.32
CA HIS B 168 -26.57 19.37 14.07
C HIS B 168 -26.92 18.47 12.89
N LYS B 169 -28.18 18.54 12.47
CA LYS B 169 -28.69 17.82 11.28
C LYS B 169 -28.98 18.84 10.18
N ALA B 170 -28.57 18.54 8.96
CA ALA B 170 -28.82 19.45 7.83
C ALA B 170 -28.94 18.64 6.54
N TYR B 171 -29.43 19.30 5.49
CA TYR B 171 -29.46 18.76 4.11
C TYR B 171 -28.42 19.53 3.30
N LEU B 172 -27.65 18.84 2.47
CA LEU B 172 -26.76 19.50 1.47
C LEU B 172 -27.65 19.99 0.33
N ASP B 173 -28.19 21.19 0.53
CA ASP B 173 -29.30 21.76 -0.31
C ASP B 173 -28.83 23.07 -0.96
N LYS B 174 -27.53 23.39 -0.90
CA LYS B 174 -27.03 24.68 -1.43
C LYS B 174 -25.54 24.50 -1.74
N ASN B 175 -25.13 24.93 -2.93
CA ASN B 175 -23.71 24.84 -3.37
CA ASN B 175 -23.72 24.87 -3.39
C ASN B 175 -22.93 25.98 -2.69
N LYS B 176 -21.62 25.76 -2.44
N LYS B 176 -21.62 25.77 -2.46
CA LYS B 176 -20.66 26.75 -1.90
CA LYS B 176 -20.69 26.80 -1.92
C LYS B 176 -21.19 27.33 -0.58
C LYS B 176 -21.21 27.34 -0.58
N ALA B 177 -21.75 26.49 0.30
CA ALA B 177 -22.37 26.94 1.56
C ALA B 177 -21.97 26.10 2.77
N TYR B 178 -21.90 24.77 2.64
CA TYR B 178 -21.67 23.84 3.77
C TYR B 178 -20.18 23.57 3.86
N PRO B 179 -19.45 24.13 4.84
CA PRO B 179 -18.00 23.91 4.93
C PRO B 179 -17.68 22.42 5.14
N VAL B 180 -16.67 21.94 4.40
CA VAL B 180 -16.24 20.52 4.51
C VAL B 180 -15.90 20.20 5.97
N GLU B 181 -15.19 21.09 6.67
CA GLU B 181 -14.60 20.74 7.99
C GLU B 181 -15.67 20.60 9.07
N CYS B 182 -16.90 21.09 8.87
CA CYS B 182 -17.87 20.94 9.99
C CYS B 182 -19.00 19.97 9.68
N TRP B 183 -19.03 19.35 8.51
CA TRP B 183 -20.14 18.42 8.17
C TRP B 183 -19.62 17.11 7.59
N VAL B 184 -20.31 16.02 7.91
CA VAL B 184 -20.11 14.70 7.27
C VAL B 184 -21.48 14.13 6.89
N PRO B 185 -21.51 13.16 5.97
CA PRO B 185 -22.72 12.37 5.73
C PRO B 185 -23.21 11.79 7.06
N ASP B 186 -24.51 11.90 7.32
CA ASP B 186 -25.16 11.36 8.53
C ASP B 186 -25.36 9.85 8.35
N PRO B 187 -24.59 8.98 9.04
CA PRO B 187 -24.76 7.54 8.88
C PRO B 187 -26.09 7.00 9.41
N THR B 188 -26.82 7.79 10.22
CA THR B 188 -28.15 7.41 10.77
C THR B 188 -29.26 7.65 9.75
N ARG B 189 -28.91 8.29 8.64
N ARG B 189 -28.92 8.30 8.64
CA ARG B 189 -29.91 8.56 7.58
CA ARG B 189 -29.91 8.56 7.57
C ARG B 189 -29.29 8.12 6.24
C ARG B 189 -29.29 8.12 6.24
N ASN B 190 -29.61 8.83 5.15
CA ASN B 190 -29.04 8.50 3.82
C ASN B 190 -29.44 7.10 3.31
N GLU B 191 -30.63 6.64 3.68
CA GLU B 191 -31.17 5.35 3.15
C GLU B 191 -31.27 5.38 1.60
N ASN B 192 -31.46 6.57 1.02
CA ASN B 192 -31.79 6.74 -0.43
C ASN B 192 -30.62 7.41 -1.15
N THR B 193 -29.42 7.28 -0.58
CA THR B 193 -28.16 7.82 -1.14
C THR B 193 -27.07 6.77 -0.99
N ARG B 194 -26.11 6.74 -1.91
CA ARG B 194 -24.88 5.95 -1.76
C ARG B 194 -23.74 6.96 -1.66
N TYR B 195 -22.95 6.90 -0.59
CA TYR B 195 -21.83 7.87 -0.44
C TYR B 195 -20.53 7.12 -0.18
N PHE B 196 -19.44 7.79 -0.54
CA PHE B 196 -18.07 7.21 -0.46
C PHE B 196 -17.08 8.36 -0.23
N GLY B 197 -16.23 8.23 0.77
CA GLY B 197 -15.20 9.26 0.98
C GLY B 197 -13.95 8.74 1.66
N THR B 198 -12.85 9.45 1.47
CA THR B 198 -11.56 9.15 2.12
C THR B 198 -10.90 10.46 2.54
N LEU B 199 -10.59 10.57 3.83
CA LEU B 199 -9.76 11.66 4.39
C LEU B 199 -8.36 11.05 4.55
N THR B 200 -7.35 11.69 3.95
CA THR B 200 -5.93 11.33 4.19
C THR B 200 -5.26 12.56 4.81
N GLY B 201 -4.80 12.48 6.05
CA GLY B 201 -4.31 13.66 6.79
C GLY B 201 -2.81 13.74 6.94
N GLY B 202 -2.24 14.93 6.86
CA GLY B 202 -0.80 15.13 7.09
C GLY B 202 -0.25 16.11 6.09
N GLU B 203 0.72 16.95 6.49
CA GLU B 203 1.18 18.05 5.62
C GLU B 203 1.99 17.49 4.44
N ASN B 204 2.50 16.26 4.53
CA ASN B 204 3.44 15.71 3.50
C ASN B 204 2.77 14.63 2.67
N VAL B 205 1.48 14.35 2.90
CA VAL B 205 0.74 13.27 2.19
C VAL B 205 0.81 13.54 0.69
N PRO B 206 1.26 12.56 -0.13
CA PRO B 206 1.26 12.70 -1.57
C PRO B 206 -0.11 12.44 -2.19
N PRO B 207 -0.60 13.28 -3.12
CA PRO B 207 -1.78 12.93 -3.90
C PRO B 207 -1.52 11.62 -4.65
N VAL B 208 -2.49 10.70 -4.58
CA VAL B 208 -2.52 9.49 -5.44
C VAL B 208 -3.87 9.45 -6.14
N LEU B 209 -3.89 9.80 -7.41
CA LEU B 209 -5.15 9.98 -8.16
C LEU B 209 -5.14 9.04 -9.37
N HIS B 210 -6.10 8.13 -9.42
CA HIS B 210 -6.28 7.16 -10.52
C HIS B 210 -7.38 7.65 -11.46
N ILE B 211 -7.12 7.52 -12.76
CA ILE B 211 -8.13 7.80 -13.80
C ILE B 211 -8.28 6.57 -14.70
N THR B 212 -9.51 6.24 -15.06
CA THR B 212 -9.80 5.18 -16.05
C THR B 212 -11.27 5.29 -16.46
N ASN B 213 -11.58 4.93 -17.70
CA ASN B 213 -12.98 4.88 -18.17
C ASN B 213 -13.48 3.42 -18.13
N THR B 214 -12.82 2.53 -17.40
CA THR B 214 -13.15 1.08 -17.42
C THR B 214 -13.78 0.63 -16.10
N ALA B 215 -13.98 1.52 -15.14
CA ALA B 215 -14.42 1.21 -13.77
C ALA B 215 -15.85 1.68 -13.54
N THR B 216 -16.71 0.76 -13.09
CA THR B 216 -18.13 1.07 -12.80
C THR B 216 -18.46 0.69 -11.35
N THR B 217 -19.14 1.58 -10.61
CA THR B 217 -19.67 1.29 -9.25
C THR B 217 -21.15 0.97 -9.37
N VAL B 218 -21.58 -0.18 -8.84
CA VAL B 218 -23.01 -0.56 -8.78
C VAL B 218 -23.63 0.14 -7.54
N LEU B 219 -24.77 0.80 -7.71
CA LEU B 219 -25.43 1.62 -6.64
C LEU B 219 -26.59 0.85 -6.00
N LEU B 220 -26.82 -0.39 -6.43
CA LEU B 220 -27.89 -1.21 -5.82
C LEU B 220 -27.50 -1.61 -4.40
N ASP B 221 -28.45 -1.57 -3.47
CA ASP B 221 -28.28 -2.04 -2.07
C ASP B 221 -28.43 -3.57 -2.03
N GLU B 222 -28.45 -4.17 -0.84
CA GLU B 222 -28.45 -5.64 -0.66
C GLU B 222 -29.78 -6.24 -1.14
N PHE B 223 -30.81 -5.42 -1.37
CA PHE B 223 -32.12 -5.88 -1.92
C PHE B 223 -32.24 -5.61 -3.42
N GLY B 224 -31.16 -5.19 -4.09
CA GLY B 224 -31.17 -4.95 -5.55
C GLY B 224 -31.82 -3.62 -5.91
N VAL B 225 -31.90 -2.66 -4.97
CA VAL B 225 -32.60 -1.36 -5.19
C VAL B 225 -31.59 -0.23 -5.11
N GLY B 226 -31.57 0.59 -6.14
CA GLY B 226 -30.72 1.79 -6.18
C GLY B 226 -31.47 2.99 -5.62
N PRO B 227 -30.79 4.14 -5.47
CA PRO B 227 -31.48 5.38 -5.10
C PRO B 227 -32.68 5.63 -6.01
N LEU B 228 -33.83 5.97 -5.43
CA LEU B 228 -35.07 6.33 -6.18
C LEU B 228 -35.27 7.84 -6.16
N CYS B 229 -35.40 8.46 -7.33
CA CYS B 229 -35.30 9.94 -7.49
C CYS B 229 -36.65 10.60 -7.19
N LYS B 230 -36.79 11.17 -5.99
CA LYS B 230 -38.02 11.90 -5.57
C LYS B 230 -38.19 13.16 -6.43
N GLY B 231 -39.41 13.34 -6.96
CA GLY B 231 -39.74 14.46 -7.85
C GLY B 231 -38.92 14.42 -9.14
N ASP B 232 -38.41 13.25 -9.55
CA ASP B 232 -37.59 13.09 -10.79
C ASP B 232 -36.35 14.01 -10.72
N ASN B 233 -35.71 14.07 -9.55
CA ASN B 233 -34.45 14.81 -9.34
C ASN B 233 -33.37 13.84 -8.86
N LEU B 234 -32.20 13.92 -9.48
CA LEU B 234 -30.98 13.18 -9.07
C LEU B 234 -30.04 14.14 -8.34
N TYR B 235 -29.53 13.74 -7.18
CA TYR B 235 -28.61 14.58 -6.37
C TYR B 235 -27.20 14.00 -6.45
N LEU B 236 -26.26 14.82 -6.92
CA LEU B 236 -24.83 14.45 -6.99
C LEU B 236 -24.09 15.40 -6.05
N SER B 237 -23.21 14.86 -5.21
CA SER B 237 -22.42 15.67 -4.25
C SER B 237 -20.96 15.24 -4.33
N ALA B 238 -20.05 16.17 -4.10
CA ALA B 238 -18.60 15.89 -4.23
C ALA B 238 -17.79 16.84 -3.35
N VAL B 239 -16.65 16.33 -2.89
CA VAL B 239 -15.51 17.15 -2.43
C VAL B 239 -14.27 16.52 -3.03
N ASP B 240 -13.37 17.34 -3.59
CA ASP B 240 -12.05 16.84 -4.05
C ASP B 240 -11.02 17.89 -3.67
N VAL B 241 -10.78 18.00 -2.37
CA VAL B 241 -9.62 18.77 -1.84
C VAL B 241 -8.39 17.89 -2.07
N CYS B 242 -7.48 18.30 -2.94
CA CYS B 242 -6.37 17.45 -3.41
C CYS B 242 -5.17 17.58 -2.49
N GLY B 243 -5.12 18.65 -1.70
CA GLY B 243 -3.99 19.02 -0.84
C GLY B 243 -3.86 20.53 -0.85
N MET B 244 -2.67 21.01 -0.57
CA MET B 244 -2.37 22.46 -0.49
C MET B 244 -1.25 22.77 -1.48
N PHE B 245 -1.37 23.93 -2.08
CA PHE B 245 -0.29 24.57 -2.87
C PHE B 245 0.48 25.48 -1.91
N THR B 246 1.82 25.38 -1.95
CA THR B 246 2.71 26.23 -1.14
C THR B 246 3.31 27.29 -2.04
N ASN B 247 3.04 28.55 -1.72
CA ASN B 247 3.60 29.72 -2.43
C ASN B 247 5.07 29.88 -2.05
N ARG B 248 5.82 30.64 -2.87
CA ARG B 248 7.22 31.01 -2.55
C ARG B 248 7.32 31.47 -1.09
N SER B 249 6.39 32.29 -0.62
CA SER B 249 6.42 32.90 0.74
C SER B 249 6.30 31.85 1.86
N GLY B 250 5.79 30.66 1.52
CA GLY B 250 5.44 29.63 2.51
C GLY B 250 3.95 29.57 2.76
N SER B 251 3.17 30.57 2.35
CA SER B 251 1.70 30.56 2.55
CA SER B 251 1.70 30.55 2.56
C SER B 251 1.10 29.38 1.77
N GLN B 252 0.02 28.82 2.30
CA GLN B 252 -0.55 27.60 1.72
C GLN B 252 -2.04 27.80 1.41
N GLN B 253 -2.46 27.32 0.25
CA GLN B 253 -3.87 27.39 -0.20
C GLN B 253 -4.36 25.99 -0.52
N TRP B 254 -5.58 25.67 -0.11
CA TRP B 254 -6.21 24.41 -0.58
C TRP B 254 -6.33 24.47 -2.11
N ARG B 255 -6.15 23.34 -2.79
CA ARG B 255 -6.37 23.21 -4.25
C ARG B 255 -7.37 22.07 -4.48
N GLY B 256 -8.42 22.35 -5.24
CA GLY B 256 -9.45 21.36 -5.59
C GLY B 256 -9.53 21.13 -7.09
N LEU B 257 -10.20 20.06 -7.50
CA LEU B 257 -10.45 19.70 -8.92
C LEU B 257 -11.91 19.26 -9.05
N SER B 258 -12.43 19.40 -10.27
CA SER B 258 -13.78 18.98 -10.66
C SER B 258 -13.88 17.46 -10.62
N ARG B 259 -15.11 16.99 -10.48
CA ARG B 259 -15.43 15.54 -10.52
C ARG B 259 -16.45 15.28 -11.62
N TYR B 260 -16.13 14.31 -12.47
CA TYR B 260 -17.02 13.75 -13.51
C TYR B 260 -17.98 12.71 -12.91
N PHE B 261 -19.24 12.77 -13.31
CA PHE B 261 -20.24 11.76 -12.94
C PHE B 261 -20.94 11.27 -14.21
N LYS B 262 -21.05 9.96 -14.39
CA LYS B 262 -21.98 9.38 -15.36
C LYS B 262 -22.85 8.38 -14.61
N VAL B 263 -24.15 8.61 -14.61
CA VAL B 263 -25.09 7.73 -13.86
C VAL B 263 -26.08 7.14 -14.87
N GLN B 264 -26.24 5.82 -14.86
N GLN B 264 -26.24 5.82 -14.86
CA GLN B 264 -27.28 5.09 -15.63
CA GLN B 264 -27.28 5.11 -15.64
C GLN B 264 -28.49 4.91 -14.72
C GLN B 264 -28.49 4.90 -14.73
N LEU B 265 -29.67 5.26 -15.21
CA LEU B 265 -30.94 5.10 -14.46
C LEU B 265 -31.94 4.28 -15.28
N ARG B 266 -32.79 3.59 -14.55
CA ARG B 266 -33.91 2.80 -15.15
C ARG B 266 -35.22 3.17 -14.44
N LYS B 267 -36.34 2.98 -15.13
CA LYS B 267 -37.67 3.23 -14.54
C LYS B 267 -38.07 2.04 -13.67
N ARG B 268 -38.51 2.32 -12.45
CA ARG B 268 -38.95 1.32 -11.44
C ARG B 268 -40.36 1.70 -11.01
N ARG B 269 -41.29 0.73 -11.01
CA ARG B 269 -42.65 0.98 -10.47
C ARG B 269 -42.59 0.86 -8.95
N VAL B 270 -43.28 1.77 -8.24
CA VAL B 270 -43.39 1.76 -6.76
C VAL B 270 -44.86 1.96 -6.36
N LYS B 271 -45.27 1.48 -5.18
CA LYS B 271 -46.67 1.60 -4.65
C LYS B 271 -46.66 2.43 -3.37
N VAL C 7 -21.75 0.73 -36.63
CA VAL C 7 -22.43 1.21 -35.39
C VAL C 7 -23.05 0.02 -34.65
N GLU C 8 -23.69 -0.93 -35.36
CA GLU C 8 -24.21 -2.19 -34.79
C GLU C 8 -23.13 -3.28 -34.88
N VAL C 9 -22.71 -3.84 -33.74
CA VAL C 9 -21.64 -4.88 -33.68
C VAL C 9 -22.27 -6.27 -33.84
N LEU C 10 -21.79 -7.05 -34.81
CA LEU C 10 -22.29 -8.41 -35.11
C LEU C 10 -21.22 -9.42 -34.70
N GLU C 11 -21.05 -10.53 -35.43
CA GLU C 11 -20.23 -11.68 -34.95
C GLU C 11 -18.74 -11.43 -35.18
N VAL C 12 -17.92 -12.09 -34.37
CA VAL C 12 -16.46 -12.24 -34.56
C VAL C 12 -16.20 -13.22 -35.70
N LYS C 13 -15.26 -12.88 -36.59
CA LYS C 13 -14.77 -13.75 -37.68
C LYS C 13 -13.79 -14.73 -37.02
N THR C 14 -13.84 -16.01 -37.38
CA THR C 14 -12.91 -17.04 -36.85
C THR C 14 -12.03 -17.55 -38.00
N GLY C 15 -11.14 -18.50 -37.72
CA GLY C 15 -10.29 -19.12 -38.76
C GLY C 15 -8.96 -18.41 -38.91
N ASP C 17 -6.77 -16.14 -40.84
CA ASP C 17 -6.25 -14.75 -40.78
C ASP C 17 -7.24 -13.88 -40.00
N SER C 18 -7.99 -14.42 -39.04
CA SER C 18 -9.01 -13.63 -38.31
C SER C 18 -8.39 -12.89 -37.11
N ILE C 19 -7.12 -13.13 -36.76
CA ILE C 19 -6.49 -12.47 -35.58
C ILE C 19 -5.17 -11.83 -36.03
N THR C 20 -4.75 -10.77 -35.35
CA THR C 20 -3.44 -10.13 -35.61
C THR C 20 -2.92 -9.56 -34.28
N GLU C 21 -1.64 -9.20 -34.24
N GLU C 21 -1.63 -9.25 -34.25
CA GLU C 21 -0.95 -8.74 -33.01
CA GLU C 21 -0.99 -8.69 -33.04
C GLU C 21 -0.10 -7.52 -33.33
C GLU C 21 -0.26 -7.41 -33.46
N VAL C 22 -0.24 -6.45 -32.54
CA VAL C 22 0.62 -5.24 -32.63
C VAL C 22 1.58 -5.29 -31.45
N GLU C 23 2.85 -5.13 -31.72
CA GLU C 23 3.88 -5.13 -30.66
C GLU C 23 4.78 -3.95 -30.99
N CYS C 24 4.88 -3.00 -30.08
CA CYS C 24 5.77 -1.84 -30.32
C CYS C 24 6.10 -1.14 -29.01
N PHE C 25 6.96 -0.13 -29.09
CA PHE C 25 7.27 0.70 -27.91
C PHE C 25 7.06 2.15 -28.29
N LEU C 26 6.59 2.92 -27.32
CA LEU C 26 6.47 4.39 -27.41
C LEU C 26 7.56 4.99 -26.56
N THR C 27 8.40 5.83 -27.16
CA THR C 27 9.43 6.57 -26.43
C THR C 27 8.78 7.74 -25.70
N PRO C 28 9.37 8.16 -24.57
CA PRO C 28 8.84 9.28 -23.80
C PRO C 28 9.22 10.60 -24.45
N GLU C 29 8.42 11.63 -24.18
CA GLU C 29 8.68 13.00 -24.69
C GLU C 29 8.78 13.97 -23.52
N MET C 30 9.94 14.02 -22.87
CA MET C 30 10.11 14.78 -21.60
C MET C 30 10.59 16.21 -21.89
N GLY C 31 10.99 16.53 -23.13
CA GLY C 31 11.42 17.88 -23.52
C GLY C 31 12.74 17.88 -24.25
N ASP C 32 13.65 16.94 -23.96
CA ASP C 32 14.91 16.71 -24.74
C ASP C 32 15.67 18.01 -25.00
N PRO C 33 16.20 18.66 -23.95
CA PRO C 33 16.73 20.04 -24.04
C PRO C 33 18.04 20.16 -24.83
N ASP C 34 18.74 19.05 -25.08
CA ASP C 34 19.89 19.07 -26.01
C ASP C 34 20.12 17.67 -26.59
N GLU C 35 21.19 17.55 -27.38
N GLU C 35 21.15 17.52 -27.42
CA GLU C 35 21.53 16.35 -28.20
CA GLU C 35 21.39 16.28 -28.20
C GLU C 35 21.92 15.17 -27.30
C GLU C 35 21.90 15.15 -27.29
N HIS C 36 22.13 15.41 -25.99
CA HIS C 36 22.60 14.36 -25.06
C HIS C 36 21.49 13.91 -24.11
N LEU C 37 20.29 14.52 -24.16
CA LEU C 37 19.37 14.47 -23.00
C LEU C 37 18.00 13.94 -23.40
N ARG C 38 17.96 13.07 -24.39
CA ARG C 38 16.74 12.31 -24.71
C ARG C 38 16.26 11.59 -23.44
N GLY C 39 14.98 11.71 -23.10
CA GLY C 39 14.42 11.08 -21.90
C GLY C 39 14.38 12.01 -20.69
N PHE C 40 15.00 13.19 -20.77
CA PHE C 40 15.03 14.21 -19.70
C PHE C 40 14.35 15.50 -20.20
N SER C 41 13.85 16.30 -19.26
CA SER C 41 13.43 17.69 -19.51
C SER C 41 14.61 18.64 -19.29
N LYS C 42 14.42 19.87 -19.73
CA LYS C 42 15.25 21.00 -19.26
C LYS C 42 15.12 21.07 -17.73
N SER C 43 16.14 21.55 -17.02
CA SER C 43 16.01 21.79 -15.57
CA SER C 43 16.02 21.80 -15.57
C SER C 43 14.84 22.75 -15.33
N ILE C 44 14.13 22.53 -14.23
N ILE C 44 14.12 22.54 -14.22
CA ILE C 44 12.91 23.31 -13.91
CA ILE C 44 12.86 23.25 -13.90
C ILE C 44 13.34 24.66 -13.35
C ILE C 44 13.20 24.57 -13.20
N SER C 45 12.65 25.71 -13.81
N SER C 45 12.82 25.69 -13.81
CA SER C 45 12.81 27.12 -13.38
CA SER C 45 12.93 27.02 -13.17
C SER C 45 11.49 27.60 -12.81
C SER C 45 11.54 27.44 -12.67
N ILE C 46 11.52 28.39 -11.72
CA ILE C 46 10.29 28.85 -11.03
C ILE C 46 10.08 30.32 -11.39
N SER C 47 8.89 30.69 -11.83
CA SER C 47 8.55 32.10 -12.13
C SER C 47 8.65 32.96 -10.86
N ASP C 48 8.92 34.25 -11.02
CA ASP C 48 9.09 35.21 -9.90
C ASP C 48 7.73 35.61 -9.31
N THR C 49 6.66 35.49 -10.08
CA THR C 49 5.28 35.75 -9.62
C THR C 49 4.37 34.69 -10.18
N PHE C 50 3.23 34.49 -9.55
CA PHE C 50 2.23 33.50 -10.02
C PHE C 50 1.78 33.83 -11.45
N GLU C 51 1.46 35.12 -11.67
N GLU C 51 1.46 35.10 -11.70
CA GLU C 51 0.94 35.67 -12.95
CA GLU C 51 0.87 35.54 -12.99
C GLU C 51 1.92 35.45 -14.11
C GLU C 51 1.92 35.49 -14.13
N SER C 52 3.24 35.43 -13.84
CA SER C 52 4.30 35.40 -14.90
C SER C 52 4.79 33.98 -15.21
N ASP C 53 4.11 32.94 -14.74
CA ASP C 53 4.43 31.53 -15.09
C ASP C 53 4.57 31.43 -16.62
N SER C 54 5.69 30.92 -17.09
CA SER C 54 6.02 30.91 -18.54
CA SER C 54 6.04 30.92 -18.54
C SER C 54 7.02 29.78 -18.82
N PRO C 55 6.58 28.53 -18.71
CA PRO C 55 7.48 27.39 -18.90
C PRO C 55 8.01 27.29 -20.34
N ASN C 56 9.31 27.03 -20.48
CA ASN C 56 9.92 26.79 -21.81
C ASN C 56 9.44 25.42 -22.36
N ARG C 57 9.38 25.30 -23.68
CA ARG C 57 8.88 24.08 -24.34
C ARG C 57 9.65 22.84 -23.86
N ASP C 58 10.97 22.94 -23.77
N ASP C 58 10.97 22.95 -23.77
CA ASP C 58 11.83 21.77 -23.46
CA ASP C 58 11.89 21.84 -23.42
C ASP C 58 11.78 21.46 -21.96
C ASP C 58 11.71 21.42 -21.96
N MET C 59 11.01 22.23 -21.18
CA MET C 59 10.79 21.95 -19.73
C MET C 59 9.46 21.22 -19.54
N LEU C 60 8.66 21.04 -20.58
CA LEU C 60 7.30 20.43 -20.47
C LEU C 60 7.24 19.02 -21.07
N PRO C 61 7.10 17.98 -20.23
CA PRO C 61 6.75 16.67 -20.76
C PRO C 61 5.43 16.77 -21.53
N CYS C 62 5.35 15.97 -22.59
CA CYS C 62 4.17 15.88 -23.48
C CYS C 62 3.67 14.43 -23.55
N TYR C 63 2.42 14.26 -23.94
CA TYR C 63 1.85 12.93 -24.24
C TYR C 63 2.58 12.33 -25.44
N SER C 64 2.84 11.03 -25.36
CA SER C 64 3.31 10.19 -26.50
C SER C 64 2.10 9.59 -27.20
N VAL C 65 2.18 9.49 -28.53
CA VAL C 65 1.12 8.82 -29.33
C VAL C 65 1.76 8.15 -30.53
N ALA C 66 1.30 6.94 -30.82
CA ALA C 66 1.59 6.26 -32.11
C ALA C 66 0.29 5.78 -32.73
N ARG C 67 0.22 5.92 -34.05
CA ARG C 67 -0.87 5.36 -34.85
C ARG C 67 -0.30 4.23 -35.69
N ILE C 68 -0.80 3.02 -35.45
CA ILE C 68 -0.25 1.78 -36.05
C ILE C 68 -1.21 1.31 -37.12
N PRO C 69 -0.74 1.17 -38.38
CA PRO C 69 -1.56 0.61 -39.45
C PRO C 69 -1.72 -0.90 -39.24
N LEU C 70 -2.94 -1.38 -39.41
CA LEU C 70 -3.28 -2.82 -39.31
C LEU C 70 -3.46 -3.39 -40.71
N PRO C 71 -3.56 -4.71 -40.88
CA PRO C 71 -3.82 -5.30 -42.19
C PRO C 71 -5.12 -4.72 -42.76
N ASN C 72 -5.07 -4.32 -44.03
CA ASN C 72 -6.21 -3.64 -44.71
C ASN C 72 -7.38 -4.61 -44.80
N LEU C 73 -8.56 -4.13 -44.42
CA LEU C 73 -9.82 -4.88 -44.50
C LEU C 73 -10.69 -4.26 -45.60
N ASN C 74 -11.70 -4.99 -46.04
CA ASN C 74 -12.78 -4.45 -46.92
C ASN C 74 -12.16 -4.01 -48.25
N GLU C 75 -11.25 -4.81 -48.82
CA GLU C 75 -10.60 -4.48 -50.11
C GLU C 75 -11.61 -4.63 -51.26
N ASP C 76 -12.69 -5.40 -51.07
CA ASP C 76 -13.77 -5.55 -52.09
C ASP C 76 -15.01 -4.81 -51.60
N LEU C 77 -15.81 -4.32 -52.54
CA LEU C 77 -17.17 -3.75 -52.28
C LEU C 77 -17.92 -4.71 -51.34
N THR C 78 -18.46 -4.19 -50.25
CA THR C 78 -19.35 -4.94 -49.32
C THR C 78 -20.68 -4.18 -49.23
N CYS C 79 -21.73 -4.91 -48.86
CA CYS C 79 -23.13 -4.43 -48.89
C CYS C 79 -23.74 -4.38 -47.49
N GLY C 80 -23.76 -3.20 -46.86
CA GLY C 80 -24.42 -2.96 -45.56
C GLY C 80 -23.54 -3.33 -44.38
N ASN C 81 -22.37 -3.91 -44.63
CA ASN C 81 -21.49 -4.45 -43.55
C ASN C 81 -20.03 -4.20 -43.91
N ILE C 82 -19.19 -4.09 -42.90
CA ILE C 82 -17.71 -4.11 -43.07
C ILE C 82 -17.14 -4.95 -41.93
N LEU C 83 -15.88 -5.31 -42.07
CA LEU C 83 -15.05 -5.83 -40.95
C LEU C 83 -14.25 -4.67 -40.34
N MET C 84 -14.06 -4.73 -39.03
CA MET C 84 -13.16 -3.82 -38.28
C MET C 84 -12.31 -4.68 -37.36
N TRP C 85 -11.06 -4.29 -37.20
CA TRP C 85 -10.19 -4.89 -36.16
C TRP C 85 -10.71 -4.41 -34.81
N GLU C 86 -10.84 -5.35 -33.89
CA GLU C 86 -11.31 -5.12 -32.51
C GLU C 86 -10.14 -5.44 -31.59
N ALA C 87 -9.72 -4.50 -30.76
CA ALA C 87 -8.61 -4.72 -29.81
C ALA C 87 -9.20 -5.42 -28.59
N VAL C 88 -8.65 -6.60 -28.27
N VAL C 88 -8.65 -6.57 -28.19
CA VAL C 88 -9.21 -7.52 -27.24
CA VAL C 88 -9.29 -7.38 -27.12
C VAL C 88 -8.37 -7.45 -25.95
C VAL C 88 -8.37 -7.51 -25.90
N THR C 89 -7.05 -7.56 -26.07
CA THR C 89 -6.14 -7.65 -24.91
C THR C 89 -4.92 -6.76 -25.08
N LEU C 90 -4.35 -6.42 -23.93
CA LEU C 90 -3.15 -5.55 -23.82
C LEU C 90 -2.18 -6.18 -22.83
N LYS C 91 -0.91 -6.25 -23.20
CA LYS C 91 0.20 -6.40 -22.22
C LYS C 91 1.02 -5.13 -22.34
N THR C 92 1.37 -4.55 -21.21
CA THR C 92 2.14 -3.29 -21.23
C THR C 92 3.13 -3.29 -20.08
N GLU C 93 4.23 -2.57 -20.28
CA GLU C 93 5.36 -2.55 -19.34
C GLU C 93 6.15 -1.27 -19.55
N VAL C 94 6.65 -0.68 -18.47
CA VAL C 94 7.66 0.40 -18.56
C VAL C 94 9.00 -0.27 -18.87
N ILE C 95 9.76 0.25 -19.84
CA ILE C 95 11.01 -0.40 -20.33
C ILE C 95 12.22 0.36 -19.77
N GLY C 96 13.11 -0.35 -19.07
CA GLY C 96 14.35 0.23 -18.54
C GLY C 96 14.22 0.69 -17.10
N VAL C 97 13.37 0.05 -16.31
CA VAL C 97 13.15 0.48 -14.90
C VAL C 97 14.48 0.47 -14.13
N THR C 98 15.39 -0.47 -14.43
CA THR C 98 16.65 -0.61 -13.67
C THR C 98 17.60 0.54 -13.93
N SER C 99 17.41 1.31 -15.02
CA SER C 99 18.30 2.47 -15.29
C SER C 99 18.25 3.46 -14.12
N LEU C 100 17.16 3.48 -13.36
CA LEU C 100 17.02 4.39 -12.20
C LEU C 100 17.93 3.97 -11.04
N MET C 101 18.65 2.85 -11.15
CA MET C 101 19.67 2.45 -10.13
C MET C 101 21.02 3.15 -10.39
N ASN C 102 21.13 3.95 -11.45
CA ASN C 102 22.39 4.72 -11.66
C ASN C 102 22.38 5.91 -10.70
N VAL C 103 23.04 5.78 -9.55
CA VAL C 103 23.13 6.82 -8.49
C VAL C 103 24.55 7.37 -8.41
N HIS C 104 25.32 7.28 -9.50
CA HIS C 104 26.76 7.66 -9.52
C HIS C 104 27.06 8.72 -10.59
N SER C 105 26.05 9.20 -11.33
CA SER C 105 26.25 10.10 -12.51
C SER C 105 26.05 11.58 -12.15
N ASN C 106 26.95 12.14 -11.34
CA ASN C 106 26.99 13.59 -10.98
C ASN C 106 25.64 14.06 -10.41
N GLY C 107 25.00 13.23 -9.59
CA GLY C 107 23.79 13.62 -8.84
C GLY C 107 24.17 14.29 -7.54
N GLN C 108 23.16 14.54 -6.72
CA GLN C 108 23.30 15.25 -5.42
C GLN C 108 23.37 14.19 -4.33
N ALA C 109 24.51 14.10 -3.65
CA ALA C 109 24.71 13.13 -2.55
C ALA C 109 23.59 13.33 -1.53
N THR C 110 23.03 12.25 -1.01
CA THR C 110 21.91 12.26 -0.05
C THR C 110 22.39 12.83 1.29
N HIS C 111 23.70 12.68 1.56
CA HIS C 111 24.43 13.17 2.75
C HIS C 111 25.93 13.11 2.41
N ASP C 112 26.79 13.68 3.26
N ASP C 112 26.78 13.64 3.27
CA ASP C 112 28.26 13.71 3.02
CA ASP C 112 28.25 13.69 3.07
C ASP C 112 28.76 12.28 2.77
C ASP C 112 28.77 12.27 2.78
N ASN C 113 29.42 12.09 1.63
CA ASN C 113 30.03 10.81 1.18
C ASN C 113 28.99 9.78 0.72
N GLY C 114 27.71 10.12 0.67
CA GLY C 114 26.64 9.19 0.28
C GLY C 114 26.51 9.05 -1.23
N ALA C 115 25.69 8.11 -1.66
CA ALA C 115 25.34 7.92 -3.07
C ALA C 115 24.44 9.07 -3.52
N GLY C 116 24.26 9.20 -4.83
CA GLY C 116 23.37 10.20 -5.42
C GLY C 116 21.91 9.94 -5.09
N LYS C 117 21.16 11.01 -4.86
CA LYS C 117 19.68 10.90 -4.67
C LYS C 117 19.09 10.23 -5.91
N PRO C 118 18.28 9.16 -5.78
CA PRO C 118 17.71 8.53 -6.97
C PRO C 118 16.56 9.38 -7.52
N VAL C 119 16.20 9.09 -8.76
CA VAL C 119 14.99 9.67 -9.42
C VAL C 119 13.82 9.42 -8.48
N GLN C 120 13.07 10.47 -8.15
CA GLN C 120 11.92 10.37 -7.23
C GLN C 120 11.07 11.61 -7.40
N GLY C 121 9.93 11.64 -6.72
CA GLY C 121 9.02 12.80 -6.76
C GLY C 121 7.89 12.52 -7.72
N THR C 122 7.19 13.57 -8.11
CA THR C 122 5.91 13.47 -8.84
C THR C 122 6.09 12.55 -10.05
N SER C 123 5.16 11.63 -10.24
CA SER C 123 5.15 10.70 -11.40
C SER C 123 3.75 10.69 -12.01
N PHE C 124 3.68 10.44 -13.31
CA PHE C 124 2.42 10.20 -14.04
C PHE C 124 2.67 9.03 -14.99
N HIS C 125 1.97 7.93 -14.75
CA HIS C 125 2.06 6.70 -15.56
C HIS C 125 0.68 6.51 -16.17
N PHE C 126 0.63 6.55 -17.50
CA PHE C 126 -0.64 6.61 -18.24
C PHE C 126 -0.49 5.80 -19.53
N PHE C 127 -1.52 5.05 -19.89
CA PHE C 127 -1.56 4.39 -21.21
C PHE C 127 -2.99 4.22 -21.69
N SER C 128 -3.15 4.22 -23.02
CA SER C 128 -4.48 4.04 -23.62
C SER C 128 -4.33 3.25 -24.92
N VAL C 129 -5.40 2.55 -25.24
CA VAL C 129 -5.54 1.82 -26.53
C VAL C 129 -6.91 2.19 -27.09
N GLY C 130 -6.95 2.65 -28.34
CA GLY C 130 -8.24 3.04 -28.94
C GLY C 130 -8.27 2.81 -30.43
N GLY C 131 -9.47 2.85 -30.99
CA GLY C 131 -9.69 2.74 -32.44
C GLY C 131 -9.74 4.09 -33.14
N GLU C 132 -9.27 5.13 -32.44
CA GLU C 132 -9.24 6.53 -32.91
C GLU C 132 -8.42 7.30 -31.89
N ALA C 133 -8.08 8.56 -32.18
CA ALA C 133 -7.26 9.38 -31.26
C ALA C 133 -7.94 9.52 -29.89
N LEU C 134 -7.11 9.50 -28.86
CA LEU C 134 -7.53 9.80 -27.49
C LEU C 134 -8.13 11.21 -27.47
N GLU C 135 -9.29 11.36 -26.86
CA GLU C 135 -9.98 12.66 -26.72
C GLU C 135 -9.54 13.30 -25.40
N LEU C 136 -9.12 14.57 -25.47
CA LEU C 136 -8.52 15.30 -24.33
C LEU C 136 -9.45 16.43 -23.88
N GLN C 137 -9.43 16.70 -22.58
CA GLN C 137 -10.04 17.87 -21.92
C GLN C 137 -8.91 18.67 -21.27
N GLY C 138 -8.89 19.98 -21.45
CA GLY C 138 -7.86 20.83 -20.85
C GLY C 138 -8.25 21.27 -19.46
N VAL C 139 -7.31 21.20 -18.52
CA VAL C 139 -7.45 21.79 -17.16
C VAL C 139 -6.11 22.42 -16.83
N LEU C 140 -6.12 23.69 -16.45
CA LEU C 140 -4.87 24.44 -16.18
C LEU C 140 -4.69 24.62 -14.67
N PHE C 141 -3.47 24.47 -14.20
CA PHE C 141 -3.14 24.77 -12.79
C PHE C 141 -3.38 26.26 -12.55
N ASN C 142 -2.92 27.04 -13.53
CA ASN C 142 -2.87 28.53 -13.46
C ASN C 142 -3.29 29.03 -14.84
N TYR C 143 -4.44 29.70 -14.96
CA TYR C 143 -4.97 30.08 -16.31
C TYR C 143 -4.09 31.18 -16.91
N ARG C 144 -3.25 31.84 -16.11
CA ARG C 144 -2.37 32.93 -16.57
C ARG C 144 -1.00 32.40 -16.99
N THR C 145 -0.76 31.09 -16.91
CA THR C 145 0.45 30.49 -17.48
C THR C 145 0.57 30.82 -18.97
N LYS C 146 1.73 31.31 -19.42
CA LYS C 146 2.04 31.46 -20.85
C LYS C 146 2.65 30.15 -21.33
N TYR C 147 1.93 29.39 -22.15
CA TYR C 147 2.44 28.14 -22.74
C TYR C 147 3.18 28.49 -24.02
N PRO C 148 4.25 27.73 -24.34
CA PRO C 148 5.22 28.15 -25.34
C PRO C 148 4.86 27.72 -26.76
N ASP C 149 5.40 28.48 -27.71
CA ASP C 149 5.31 28.14 -29.14
C ASP C 149 5.81 26.72 -29.37
N GLY C 150 5.12 25.97 -30.22
CA GLY C 150 5.47 24.57 -30.55
C GLY C 150 4.64 23.59 -29.75
N THR C 151 3.95 24.02 -28.70
CA THR C 151 3.02 23.15 -27.94
C THR C 151 1.59 23.46 -28.35
N ILE C 152 0.71 22.48 -28.19
CA ILE C 152 -0.74 22.67 -28.37
C ILE C 152 -1.37 22.64 -26.99
N PHE C 153 -1.95 23.74 -26.58
CA PHE C 153 -2.39 23.99 -25.18
C PHE C 153 -3.78 24.61 -25.20
N PRO C 154 -4.50 24.57 -24.07
CA PRO C 154 -5.81 25.21 -23.97
C PRO C 154 -5.75 26.72 -24.31
N LYS C 155 -6.54 27.11 -25.31
CA LYS C 155 -6.54 28.50 -25.89
C LYS C 155 -7.72 29.28 -25.29
N ASN C 156 -7.64 30.60 -25.30
CA ASN C 156 -8.74 31.45 -24.76
C ASN C 156 -8.95 31.09 -23.28
N ALA C 157 -7.88 30.81 -22.55
CA ALA C 157 -7.97 30.40 -21.13
C ALA C 157 -8.64 31.50 -20.30
N THR C 158 -9.48 31.10 -19.37
CA THR C 158 -10.15 31.97 -18.39
C THR C 158 -9.90 31.39 -17.00
N VAL C 159 -10.32 32.10 -15.98
CA VAL C 159 -10.19 31.58 -14.59
C VAL C 159 -10.95 30.25 -14.49
N GLN C 160 -12.04 30.07 -15.23
N GLN C 160 -12.04 30.11 -15.26
CA GLN C 160 -12.82 28.81 -15.18
CA GLN C 160 -12.86 28.87 -15.35
C GLN C 160 -11.98 27.64 -15.74
C GLN C 160 -11.96 27.68 -15.71
N SER C 161 -10.94 27.92 -16.55
CA SER C 161 -10.03 26.87 -17.07
C SER C 161 -9.28 26.19 -15.90
N GLN C 162 -9.22 26.81 -14.72
CA GLN C 162 -8.53 26.22 -13.53
C GLN C 162 -9.37 25.09 -12.95
N VAL C 163 -10.66 24.97 -13.28
CA VAL C 163 -11.51 23.88 -12.74
C VAL C 163 -12.26 23.14 -13.87
N MET C 164 -12.94 23.80 -14.80
CA MET C 164 -13.54 23.10 -15.95
C MET C 164 -14.08 24.13 -16.94
N ASN C 165 -13.41 24.24 -18.07
CA ASN C 165 -13.84 25.08 -19.22
C ASN C 165 -14.04 24.13 -20.40
N THR C 166 -15.29 23.89 -20.78
CA THR C 166 -15.65 22.88 -21.80
C THR C 166 -15.19 23.30 -23.21
N GLU C 167 -14.66 24.52 -23.39
N GLU C 167 -14.66 24.51 -23.38
CA GLU C 167 -14.06 24.95 -24.69
CA GLU C 167 -14.06 24.94 -24.67
C GLU C 167 -12.80 24.12 -24.96
C GLU C 167 -12.81 24.11 -24.96
N HIS C 168 -12.08 23.67 -23.93
CA HIS C 168 -10.74 23.04 -24.09
C HIS C 168 -10.87 21.56 -24.47
N LYS C 169 -11.33 21.28 -25.69
CA LYS C 169 -11.45 19.92 -26.24
C LYS C 169 -10.42 19.75 -27.34
N ALA C 170 -9.73 18.60 -27.35
CA ALA C 170 -8.69 18.30 -28.34
C ALA C 170 -8.57 16.80 -28.55
N TYR C 171 -7.81 16.44 -29.58
CA TYR C 171 -7.45 15.05 -29.93
C TYR C 171 -5.96 14.92 -29.76
N LEU C 172 -5.52 13.80 -29.18
CA LEU C 172 -4.07 13.50 -29.09
C LEU C 172 -3.63 12.97 -30.45
N ASP C 173 -3.29 13.90 -31.34
CA ASP C 173 -3.07 13.59 -32.76
C ASP C 173 -1.74 14.15 -33.22
N LYS C 174 -0.83 14.41 -32.29
CA LYS C 174 0.53 14.87 -32.62
C LYS C 174 1.42 14.51 -31.45
N ASN C 175 2.55 13.92 -31.78
CA ASN C 175 3.58 13.50 -30.80
CA ASN C 175 3.55 13.51 -30.76
C ASN C 175 4.35 14.76 -30.33
N LYS C 176 4.79 14.79 -29.08
CA LYS C 176 5.71 15.86 -28.60
C LYS C 176 5.05 17.24 -28.70
N ALA C 177 3.76 17.34 -28.45
CA ALA C 177 3.00 18.59 -28.68
C ALA C 177 2.06 18.93 -27.53
N TYR C 178 1.37 17.94 -26.96
CA TYR C 178 0.30 18.18 -25.96
C TYR C 178 0.95 18.09 -24.58
N PRO C 179 1.17 19.20 -23.84
CA PRO C 179 1.84 19.10 -22.55
C PRO C 179 1.01 18.27 -21.56
N VAL C 180 1.69 17.42 -20.80
CA VAL C 180 1.03 16.56 -19.78
C VAL C 180 0.25 17.45 -18.80
N GLU C 181 0.82 18.58 -18.35
CA GLU C 181 0.22 19.35 -17.24
C GLU C 181 -1.07 20.06 -17.68
N CYS C 182 -1.33 20.20 -19.00
CA CYS C 182 -2.48 20.94 -19.56
C CYS C 182 -3.68 20.06 -19.83
N TRP C 183 -3.47 18.76 -20.03
CA TRP C 183 -4.50 17.91 -20.67
C TRP C 183 -4.67 16.60 -19.91
N VAL C 184 -5.91 16.12 -19.88
CA VAL C 184 -6.28 14.76 -19.40
C VAL C 184 -7.22 14.12 -20.41
N PRO C 185 -7.38 12.79 -20.35
CA PRO C 185 -8.46 12.15 -21.07
C PRO C 185 -9.80 12.80 -20.72
N ASP C 186 -10.60 13.02 -21.75
CA ASP C 186 -11.96 13.59 -21.60
C ASP C 186 -12.92 12.47 -21.22
N PRO C 187 -13.38 12.38 -19.95
CA PRO C 187 -14.25 11.29 -19.55
C PRO C 187 -15.64 11.37 -20.20
N THR C 188 -16.01 12.52 -20.79
CA THR C 188 -17.32 12.67 -21.49
C THR C 188 -17.28 12.08 -22.89
N ARG C 189 -16.11 11.71 -23.39
CA ARG C 189 -15.96 11.08 -24.72
CA ARG C 189 -15.94 11.09 -24.73
C ARG C 189 -15.20 9.75 -24.54
N ASN C 190 -14.31 9.40 -25.47
CA ASN C 190 -13.45 8.19 -25.36
C ASN C 190 -14.29 6.91 -25.26
N GLU C 191 -15.44 6.85 -25.94
CA GLU C 191 -16.27 5.61 -25.98
C GLU C 191 -15.49 4.46 -26.66
N ASN C 192 -14.56 4.79 -27.56
CA ASN C 192 -13.85 3.82 -28.44
C ASN C 192 -12.37 3.71 -28.03
N THR C 193 -12.07 4.06 -26.77
CA THR C 193 -10.71 3.99 -26.20
C THR C 193 -10.82 3.41 -24.81
N ARG C 194 -9.80 2.69 -24.36
CA ARG C 194 -9.68 2.30 -22.94
C ARG C 194 -8.44 3.01 -22.42
N TYR C 195 -8.56 3.79 -21.33
CA TYR C 195 -7.41 4.53 -20.78
C TYR C 195 -7.27 4.24 -19.29
N PHE C 196 -6.02 4.38 -18.81
CA PHE C 196 -5.62 4.05 -17.44
C PHE C 196 -4.48 4.99 -17.04
N GLY C 197 -4.59 5.66 -15.90
CA GLY C 197 -3.49 6.51 -15.43
C GLY C 197 -3.46 6.68 -13.93
N THR C 198 -2.26 6.96 -13.40
CA THR C 198 -2.05 7.27 -11.97
C THR C 198 -1.09 8.44 -11.85
N LEU C 199 -1.56 9.49 -11.19
CA LEU C 199 -0.71 10.61 -10.75
C LEU C 199 -0.31 10.34 -9.30
N THR C 200 0.99 10.31 -9.01
CA THR C 200 1.50 10.27 -7.61
C THR C 200 2.34 11.52 -7.36
N GLY C 201 1.86 12.47 -6.55
CA GLY C 201 2.49 13.80 -6.37
C GLY C 201 3.28 13.91 -5.07
N GLY C 202 4.34 14.71 -5.04
CA GLY C 202 5.20 14.89 -3.84
C GLY C 202 6.65 14.76 -4.21
N GLU C 203 7.52 15.62 -3.69
CA GLU C 203 8.93 15.67 -4.12
C GLU C 203 9.69 14.44 -3.64
N ASN C 204 9.19 13.71 -2.63
CA ASN C 204 9.98 12.57 -2.07
C ASN C 204 9.35 11.24 -2.46
N VAL C 205 8.30 11.25 -3.27
CA VAL C 205 7.57 10.00 -3.72
C VAL C 205 8.58 9.03 -4.33
N PRO C 206 8.63 7.77 -3.87
CA PRO C 206 9.53 6.76 -4.44
C PRO C 206 8.89 6.11 -5.67
N PRO C 207 9.60 5.97 -6.81
CA PRO C 207 9.08 5.16 -7.90
C PRO C 207 8.79 3.73 -7.40
N VAL C 208 7.64 3.19 -7.76
CA VAL C 208 7.36 1.73 -7.60
C VAL C 208 6.93 1.18 -8.95
N LEU C 209 7.82 0.44 -9.61
CA LEU C 209 7.64 0.01 -11.02
C LEU C 209 7.71 -1.52 -11.05
N HIS C 210 6.61 -2.14 -11.44
CA HIS C 210 6.53 -3.61 -11.60
C HIS C 210 6.70 -3.99 -13.06
N ILE C 211 7.42 -5.08 -13.31
CA ILE C 211 7.57 -5.65 -14.68
C ILE C 211 7.22 -7.14 -14.59
N THR C 212 6.49 -7.64 -15.57
CA THR C 212 6.18 -9.07 -15.73
C THR C 212 5.62 -9.32 -17.13
N ASN C 213 5.86 -10.50 -17.69
CA ASN C 213 5.25 -10.85 -19.00
C ASN C 213 4.04 -11.75 -18.76
N THR C 214 3.51 -11.78 -17.53
CA THR C 214 2.41 -12.72 -17.18
C THR C 214 1.05 -12.02 -17.02
N ALA C 215 0.99 -10.70 -17.15
CA ALA C 215 -0.21 -9.89 -16.81
C ALA C 215 -0.87 -9.41 -18.10
N THR C 216 -2.15 -9.68 -18.26
CA THR C 216 -2.92 -9.27 -19.46
C THR C 216 -4.11 -8.42 -19.00
N THR C 217 -4.34 -7.26 -19.63
CA THR C 217 -5.55 -6.44 -19.44
C THR C 217 -6.54 -6.74 -20.57
N VAL C 218 -7.79 -7.05 -20.22
CA VAL C 218 -8.87 -7.27 -21.23
C VAL C 218 -9.47 -5.90 -21.55
N LEU C 219 -9.62 -5.58 -22.84
CA LEU C 219 -10.05 -4.25 -23.33
C LEU C 219 -11.54 -4.25 -23.69
N LEU C 220 -12.24 -5.36 -23.51
CA LEU C 220 -13.69 -5.45 -23.81
C LEU C 220 -14.47 -4.60 -22.80
N ASP C 221 -15.49 -3.91 -23.29
CA ASP C 221 -16.43 -3.16 -22.40
C ASP C 221 -17.43 -4.16 -21.79
N GLU C 222 -18.43 -3.62 -21.09
CA GLU C 222 -19.46 -4.44 -20.37
C GLU C 222 -20.36 -5.19 -21.35
N PHE C 223 -20.33 -4.86 -22.65
CA PHE C 223 -21.08 -5.57 -23.72
C PHE C 223 -20.19 -6.55 -24.50
N GLY C 224 -18.92 -6.72 -24.09
CA GLY C 224 -18.00 -7.67 -24.72
C GLY C 224 -17.36 -7.12 -25.98
N VAL C 225 -17.32 -5.80 -26.14
CA VAL C 225 -16.80 -5.15 -27.37
C VAL C 225 -15.56 -4.33 -27.01
N GLY C 226 -14.47 -4.59 -27.72
CA GLY C 226 -13.22 -3.82 -27.56
C GLY C 226 -13.23 -2.63 -28.49
N PRO C 227 -12.20 -1.75 -28.38
CA PRO C 227 -12.04 -0.68 -29.35
C PRO C 227 -12.07 -1.21 -30.80
N LEU C 228 -12.79 -0.50 -31.67
CA LEU C 228 -12.97 -0.86 -33.10
C LEU C 228 -12.15 0.13 -33.91
N CYS C 229 -11.25 -0.37 -34.74
CA CYS C 229 -10.18 0.48 -35.35
C CYS C 229 -10.67 1.11 -36.64
N LYS C 230 -11.00 2.39 -36.57
CA LYS C 230 -11.49 3.14 -37.75
C LYS C 230 -10.36 3.26 -38.77
N GLY C 231 -10.66 2.93 -40.03
CA GLY C 231 -9.66 3.01 -41.11
C GLY C 231 -8.52 2.03 -40.93
N ASP C 232 -8.71 0.97 -40.14
CA ASP C 232 -7.68 -0.07 -39.88
C ASP C 232 -6.44 0.59 -39.27
N ASN C 233 -6.66 1.51 -38.32
CA ASN C 233 -5.58 2.16 -37.55
C ASN C 233 -5.82 1.94 -36.05
N LEU C 234 -4.77 1.62 -35.32
CA LEU C 234 -4.80 1.46 -33.85
C LEU C 234 -4.03 2.63 -33.22
N TYR C 235 -4.63 3.31 -32.25
CA TYR C 235 -4.00 4.43 -31.53
C TYR C 235 -3.50 3.99 -30.16
N LEU C 236 -2.20 4.15 -29.92
CA LEU C 236 -1.55 3.88 -28.62
C LEU C 236 -1.07 5.21 -28.04
N SER C 237 -1.36 5.49 -26.77
CA SER C 237 -0.92 6.74 -26.12
C SER C 237 -0.29 6.41 -24.78
N ALA C 238 0.68 7.20 -24.34
CA ALA C 238 1.38 6.94 -23.07
C ALA C 238 1.96 8.22 -22.49
N VAL C 239 2.08 8.23 -21.16
CA VAL C 239 3.00 9.10 -20.41
C VAL C 239 3.66 8.26 -19.31
N ASP C 240 4.97 8.35 -19.16
CA ASP C 240 5.70 7.67 -18.07
C ASP C 240 6.76 8.63 -17.54
N VAL C 241 6.28 9.68 -16.90
CA VAL C 241 7.13 10.58 -16.09
C VAL C 241 7.42 9.84 -14.79
N CYS C 242 8.67 9.41 -14.60
CA CYS C 242 9.03 8.53 -13.46
C CYS C 242 9.32 9.32 -12.20
N GLY C 243 9.58 10.62 -12.32
CA GLY C 243 10.02 11.48 -11.22
C GLY C 243 11.03 12.49 -11.75
N MET C 244 11.81 13.08 -10.84
CA MET C 244 12.86 14.04 -11.22
C MET C 244 14.21 13.46 -10.85
N PHE C 245 15.18 13.72 -11.70
CA PHE C 245 16.63 13.56 -11.41
C PHE C 245 17.15 14.88 -10.82
N THR C 246 17.84 14.81 -9.68
CA THR C 246 18.47 15.99 -9.04
C THR C 246 19.94 15.98 -9.37
N ASN C 247 20.42 17.02 -10.05
CA ASN C 247 21.85 17.21 -10.34
C ASN C 247 22.62 17.60 -9.06
N ARG C 248 23.95 17.46 -9.08
CA ARG C 248 24.82 17.93 -7.97
C ARG C 248 24.42 19.35 -7.56
N SER C 249 24.13 20.22 -8.52
CA SER C 249 23.87 21.67 -8.25
C SER C 249 22.56 21.86 -7.48
N GLY C 250 21.68 20.85 -7.48
CA GLY C 250 20.31 20.97 -6.96
C GLY C 250 19.27 21.14 -8.07
N SER C 251 19.66 21.47 -9.29
CA SER C 251 18.69 21.61 -10.42
CA SER C 251 18.72 21.58 -10.44
C SER C 251 17.99 20.25 -10.66
N GLN C 252 16.75 20.30 -11.10
CA GLN C 252 15.95 19.05 -11.25
C GLN C 252 15.37 18.97 -12.66
N GLN C 253 15.40 17.76 -13.22
CA GLN C 253 14.89 17.48 -14.58
C GLN C 253 13.91 16.32 -14.48
N TRP C 254 12.79 16.41 -15.17
CA TRP C 254 11.91 15.24 -15.30
C TRP C 254 12.68 14.11 -16.00
N ARG C 255 12.44 12.86 -15.63
CA ARG C 255 13.00 11.69 -16.34
C ARG C 255 11.87 10.75 -16.70
N GLY C 256 11.81 10.38 -17.97
CA GLY C 256 10.78 9.48 -18.52
C GLY C 256 11.39 8.19 -19.05
N LEU C 257 10.56 7.17 -19.20
CA LEU C 257 10.95 5.88 -19.81
C LEU C 257 9.94 5.49 -20.89
N SER C 258 10.38 4.65 -21.81
CA SER C 258 9.57 4.07 -22.90
C SER C 258 8.54 3.08 -22.35
N ARG C 259 7.45 2.91 -23.09
CA ARG C 259 6.41 1.93 -22.74
C ARG C 259 6.23 0.91 -23.87
N TYR C 260 6.24 -0.37 -23.49
CA TYR C 260 5.92 -1.52 -24.37
C TYR C 260 4.41 -1.74 -24.44
N PHE C 261 3.91 -2.00 -25.64
CA PHE C 261 2.51 -2.41 -25.87
C PHE C 261 2.48 -3.70 -26.72
N LYS C 262 1.71 -4.69 -26.28
CA LYS C 262 1.30 -5.81 -27.14
C LYS C 262 -0.22 -5.87 -27.11
N VAL C 263 -0.83 -5.71 -28.29
CA VAL C 263 -2.31 -5.70 -28.45
C VAL C 263 -2.68 -6.84 -29.40
N GLN C 264 -3.60 -7.69 -28.95
CA GLN C 264 -4.21 -8.77 -29.76
CA GLN C 264 -4.21 -8.75 -29.78
C GLN C 264 -5.53 -8.22 -30.32
N LEU C 265 -5.74 -8.40 -31.60
CA LEU C 265 -6.97 -7.94 -32.28
C LEU C 265 -7.63 -9.09 -33.06
N ARG C 266 -8.93 -8.99 -33.20
CA ARG C 266 -9.73 -9.96 -33.98
C ARG C 266 -10.63 -9.19 -34.95
N LYS C 267 -11.02 -9.85 -36.05
CA LYS C 267 -11.92 -9.23 -37.04
C LYS C 267 -13.36 -9.34 -36.54
N ARG C 268 -14.06 -8.20 -36.51
CA ARG C 268 -15.46 -8.09 -36.06
C ARG C 268 -16.30 -7.56 -37.23
N ARG C 269 -17.43 -8.19 -37.54
CA ARG C 269 -18.39 -7.65 -38.52
C ARG C 269 -19.25 -6.60 -37.81
N VAL C 270 -19.46 -5.47 -38.46
CA VAL C 270 -20.33 -4.38 -37.97
C VAL C 270 -21.30 -3.97 -39.10
N LYS C 271 -22.52 -3.62 -38.74
CA LYS C 271 -23.54 -3.08 -39.70
C LYS C 271 -23.34 -1.58 -39.76
N ASN C 272 -23.26 -1.01 -40.97
CA ASN C 272 -23.22 0.45 -41.26
C ASN C 272 -24.63 1.04 -41.07
N VAL D 7 7.37 -25.22 -31.56
CA VAL D 7 6.73 -26.55 -31.39
C VAL D 7 5.21 -26.36 -31.28
N GLU D 8 4.45 -27.36 -31.75
CA GLU D 8 3.02 -27.56 -31.39
C GLU D 8 2.96 -28.44 -30.13
N VAL D 9 2.26 -28.02 -29.08
CA VAL D 9 2.24 -28.73 -27.77
C VAL D 9 1.14 -29.77 -27.78
N LEU D 10 1.46 -31.01 -27.43
CA LEU D 10 0.49 -32.12 -27.38
C LEU D 10 0.27 -32.48 -25.91
N GLU D 11 0.06 -33.75 -25.57
CA GLU D 11 -0.41 -34.14 -24.23
C GLU D 11 0.75 -34.21 -23.24
N VAL D 12 0.42 -34.04 -21.96
CA VAL D 12 1.30 -34.32 -20.81
C VAL D 12 1.44 -35.83 -20.63
N LYS D 13 2.66 -36.30 -20.41
CA LYS D 13 2.96 -37.71 -20.10
C LYS D 13 2.64 -37.91 -18.62
N THR D 14 1.97 -39.00 -18.26
CA THR D 14 1.61 -39.30 -16.84
C THR D 14 2.40 -40.50 -16.35
N GLY D 15 2.26 -40.87 -15.08
CA GLY D 15 2.86 -42.08 -14.51
C GLY D 15 4.25 -41.83 -13.91
N ASP D 17 8.17 -41.32 -13.17
CA ASP D 17 9.24 -40.45 -13.69
C ASP D 17 8.67 -39.49 -14.72
N SER D 18 7.36 -39.18 -14.73
CA SER D 18 6.79 -38.12 -15.60
C SER D 18 6.93 -36.73 -14.96
N ILE D 19 7.35 -36.64 -13.69
CA ILE D 19 7.52 -35.35 -12.98
C ILE D 19 8.93 -35.30 -12.37
N THR D 20 9.48 -34.11 -12.22
CA THR D 20 10.77 -33.90 -11.56
C THR D 20 10.71 -32.53 -10.85
N GLU D 21 11.64 -32.32 -9.92
CA GLU D 21 11.73 -31.07 -9.13
C GLU D 21 13.16 -30.55 -9.24
N VAL D 22 13.31 -29.24 -9.34
CA VAL D 22 14.62 -28.54 -9.21
C VAL D 22 14.50 -27.70 -7.94
N GLU D 23 15.52 -27.77 -7.08
CA GLU D 23 15.60 -26.96 -5.87
C GLU D 23 17.02 -26.41 -5.82
N CYS D 24 17.18 -25.11 -5.69
CA CYS D 24 18.53 -24.53 -5.62
C CYS D 24 18.43 -23.10 -5.09
N PHE D 25 19.58 -22.47 -4.94
CA PHE D 25 19.61 -21.05 -4.60
C PHE D 25 20.61 -20.36 -5.51
N LEU D 26 20.32 -19.11 -5.82
CA LEU D 26 21.22 -18.21 -6.57
C LEU D 26 21.81 -17.18 -5.60
N THR D 27 23.12 -17.08 -5.55
CA THR D 27 23.79 -16.05 -4.73
C THR D 27 23.71 -14.73 -5.46
N PRO D 28 23.68 -13.62 -4.71
CA PRO D 28 23.66 -12.29 -5.30
C PRO D 28 25.06 -11.93 -5.79
N GLU D 29 25.12 -11.02 -6.78
CA GLU D 29 26.40 -10.60 -7.39
C GLU D 29 26.44 -9.07 -7.31
N MET D 30 26.78 -8.56 -6.13
CA MET D 30 26.69 -7.10 -5.81
C MET D 30 27.99 -6.39 -6.13
N GLY D 31 29.08 -7.13 -6.36
CA GLY D 31 30.38 -6.55 -6.76
C GLY D 31 31.54 -7.04 -5.91
N ASP D 32 31.33 -7.39 -4.64
CA ASP D 32 32.31 -8.11 -3.79
C ASP D 32 33.66 -7.42 -3.80
N PRO D 33 33.77 -6.20 -3.22
CA PRO D 33 34.96 -5.38 -3.38
C PRO D 33 36.22 -5.85 -2.64
N ASP D 34 36.08 -6.76 -1.67
CA ASP D 34 37.25 -7.37 -1.00
C ASP D 34 36.84 -8.74 -0.42
N GLU D 35 37.82 -9.42 0.17
CA GLU D 35 37.70 -10.82 0.63
C GLU D 35 36.73 -10.93 1.80
N HIS D 36 36.25 -9.82 2.37
CA HIS D 36 35.36 -9.82 3.56
C HIS D 36 33.95 -9.37 3.18
N LEU D 37 33.68 -9.01 1.93
CA LEU D 37 32.48 -8.17 1.58
C LEU D 37 31.64 -8.82 0.47
N ARG D 38 31.65 -10.16 0.40
CA ARG D 38 30.68 -10.95 -0.38
C ARG D 38 29.27 -10.49 -0.01
N GLY D 39 28.48 -10.14 -1.03
CA GLY D 39 27.08 -9.71 -0.87
C GLY D 39 26.94 -8.22 -0.77
N PHE D 40 28.04 -7.48 -0.73
CA PHE D 40 28.08 -6.02 -0.77
C PHE D 40 28.76 -5.54 -2.06
N SER D 41 28.43 -4.31 -2.47
CA SER D 41 29.17 -3.60 -3.54
C SER D 41 30.32 -2.80 -2.92
N LYS D 42 31.22 -2.36 -3.78
CA LYS D 42 32.13 -1.25 -3.46
C LYS D 42 31.28 -0.04 -3.06
N SER D 43 31.78 0.82 -2.17
CA SER D 43 31.05 2.07 -1.85
CA SER D 43 31.12 2.12 -1.84
C SER D 43 30.86 2.92 -3.13
N ILE D 44 29.73 3.62 -3.18
CA ILE D 44 29.35 4.40 -4.39
C ILE D 44 30.13 5.70 -4.39
N SER D 45 30.77 6.02 -5.52
N SER D 45 30.80 5.99 -5.51
CA SER D 45 31.37 7.34 -5.76
CA SER D 45 31.41 7.30 -5.82
C SER D 45 30.64 8.00 -6.93
C SER D 45 30.55 7.99 -6.88
N ILE D 46 30.51 9.33 -6.85
CA ILE D 46 29.72 10.13 -7.83
C ILE D 46 30.71 10.84 -8.75
N SER D 47 30.51 10.75 -10.06
CA SER D 47 31.36 11.44 -11.06
C SER D 47 31.28 12.95 -10.84
N ASP D 48 32.34 13.67 -11.22
CA ASP D 48 32.44 15.14 -11.10
C ASP D 48 31.57 15.84 -12.17
N THR D 49 31.28 15.17 -13.29
CA THR D 49 30.39 15.69 -14.37
C THR D 49 29.50 14.56 -14.88
N PHE D 50 28.40 14.92 -15.52
CA PHE D 50 27.47 13.89 -16.01
C PHE D 50 28.17 13.04 -17.08
N GLU D 51 28.93 13.70 -17.96
CA GLU D 51 29.56 12.99 -19.09
C GLU D 51 30.70 12.08 -18.63
N SER D 52 31.24 12.31 -17.42
CA SER D 52 32.41 11.54 -16.93
C SER D 52 32.00 10.32 -16.08
N ASP D 53 30.71 10.01 -16.08
CA ASP D 53 30.22 8.81 -15.34
C ASP D 53 31.07 7.61 -15.73
N SER D 54 31.61 6.90 -14.74
CA SER D 54 32.59 5.82 -14.99
C SER D 54 32.64 4.88 -13.79
N PRO D 55 31.55 4.11 -13.54
CA PRO D 55 31.49 3.25 -12.38
C PRO D 55 32.50 2.08 -12.49
N ASN D 56 33.18 1.81 -11.38
CA ASN D 56 34.06 0.63 -11.23
C ASN D 56 33.22 -0.65 -11.26
N ARG D 57 33.80 -1.74 -11.75
CA ARG D 57 33.08 -3.03 -11.89
C ARG D 57 32.51 -3.46 -10.53
N ASP D 58 33.30 -3.34 -9.46
N ASP D 58 33.31 -3.35 -9.47
CA ASP D 58 32.89 -3.86 -8.13
CA ASP D 58 32.94 -3.79 -8.10
C ASP D 58 31.84 -2.91 -7.49
C ASP D 58 31.79 -2.95 -7.54
N MET D 59 31.47 -1.83 -8.16
CA MET D 59 30.41 -0.90 -7.70
C MET D 59 29.07 -1.26 -8.35
N LEU D 60 29.05 -2.20 -9.30
CA LEU D 60 27.85 -2.49 -10.13
C LEU D 60 27.26 -3.86 -9.81
N PRO D 61 26.09 -3.91 -9.15
CA PRO D 61 25.39 -5.19 -9.05
C PRO D 61 25.10 -5.73 -10.45
N CYS D 62 25.08 -7.06 -10.56
CA CYS D 62 24.82 -7.78 -11.81
C CYS D 62 23.68 -8.78 -11.63
N TYR D 63 23.06 -9.16 -12.72
CA TYR D 63 22.07 -10.24 -12.73
C TYR D 63 22.76 -11.54 -12.34
N SER D 64 22.05 -12.36 -11.57
CA SER D 64 22.41 -13.76 -11.26
C SER D 64 21.72 -14.70 -12.23
N VAL D 65 22.38 -15.78 -12.61
CA VAL D 65 21.78 -16.80 -13.50
C VAL D 65 22.37 -18.16 -13.16
N ALA D 66 21.53 -19.19 -13.20
CA ALA D 66 21.98 -20.60 -13.16
C ALA D 66 21.25 -21.36 -14.25
N ARG D 67 21.98 -22.21 -14.95
CA ARG D 67 21.39 -23.17 -15.89
C ARG D 67 21.45 -24.55 -15.25
N ILE D 68 20.30 -25.19 -15.04
N ILE D 68 20.30 -25.19 -15.04
CA ILE D 68 20.21 -26.47 -14.28
CA ILE D 68 20.23 -26.47 -14.29
C ILE D 68 19.90 -27.59 -15.27
C ILE D 68 19.90 -27.59 -15.27
N PRO D 69 20.75 -28.63 -15.36
CA PRO D 69 20.46 -29.76 -16.23
C PRO D 69 19.33 -30.60 -15.64
N LEU D 70 18.42 -31.04 -16.49
CA LEU D 70 17.27 -31.88 -16.09
C LEU D 70 17.55 -33.30 -16.54
N PRO D 71 16.74 -34.28 -16.11
CA PRO D 71 16.93 -35.65 -16.58
C PRO D 71 16.83 -35.69 -18.10
N ASN D 72 17.77 -36.40 -18.74
N ASN D 72 17.77 -36.41 -18.73
CA ASN D 72 17.91 -36.45 -20.21
CA ASN D 72 17.92 -36.50 -20.21
C ASN D 72 16.68 -37.12 -20.82
C ASN D 72 16.65 -37.11 -20.79
N LEU D 73 16.10 -36.50 -21.84
CA LEU D 73 14.91 -37.01 -22.56
C LEU D 73 15.34 -37.43 -23.96
N ASN D 74 14.51 -38.22 -24.63
CA ASN D 74 14.66 -38.52 -26.08
C ASN D 74 15.99 -39.25 -26.35
N GLU D 75 16.33 -40.24 -25.55
CA GLU D 75 17.58 -41.04 -25.74
C GLU D 75 17.47 -41.90 -27.01
N ASP D 76 16.26 -42.25 -27.43
CA ASP D 76 16.02 -43.05 -28.66
C ASP D 76 15.50 -42.14 -29.76
N LEU D 77 15.79 -42.48 -31.01
N LEU D 77 15.80 -42.47 -31.02
CA LEU D 77 15.26 -41.79 -32.22
CA LEU D 77 15.29 -41.77 -32.21
C LEU D 77 13.74 -41.73 -32.12
C LEU D 77 13.76 -41.72 -32.14
N THR D 78 13.16 -40.54 -32.33
CA THR D 78 11.68 -40.36 -32.37
C THR D 78 11.33 -39.74 -33.70
N CYS D 79 10.09 -39.95 -34.10
CA CYS D 79 9.62 -39.60 -35.45
C CYS D 79 8.55 -38.51 -35.35
N GLY D 80 8.96 -37.25 -35.55
CA GLY D 80 8.07 -36.09 -35.67
C GLY D 80 7.70 -35.50 -34.31
N ASN D 81 8.13 -36.13 -33.22
CA ASN D 81 7.73 -35.75 -31.83
C ASN D 81 8.94 -35.89 -30.91
N ILE D 82 9.00 -35.07 -29.85
CA ILE D 82 9.94 -35.27 -28.73
C ILE D 82 9.18 -34.98 -27.43
N LEU D 83 9.78 -35.36 -26.30
CA LEU D 83 9.34 -34.92 -24.96
C LEU D 83 10.20 -33.72 -24.55
N MET D 84 9.59 -32.77 -23.85
CA MET D 84 10.30 -31.64 -23.21
C MET D 84 9.80 -31.55 -21.77
N TRP D 85 10.69 -31.20 -20.86
CA TRP D 85 10.30 -30.81 -19.49
C TRP D 85 9.58 -29.46 -19.57
N GLU D 86 8.42 -29.39 -18.94
CA GLU D 86 7.57 -28.18 -18.86
C GLU D 86 7.56 -27.71 -17.40
N ALA D 87 7.99 -26.47 -17.15
CA ALA D 87 7.99 -25.89 -15.78
C ALA D 87 6.57 -25.44 -15.45
N VAL D 88 6.02 -25.93 -14.36
CA VAL D 88 4.58 -25.73 -14.04
C VAL D 88 4.40 -24.82 -12.83
N THR D 89 5.21 -24.98 -11.78
CA THR D 89 5.08 -24.17 -10.55
C THR D 89 6.44 -23.71 -10.05
N LEU D 90 6.41 -22.61 -9.31
CA LEU D 90 7.58 -22.01 -8.64
C LEU D 90 7.21 -21.68 -7.19
N LYS D 91 8.10 -22.03 -6.27
CA LYS D 91 8.17 -21.42 -4.94
C LYS D 91 9.50 -20.69 -4.87
N THR D 92 9.49 -19.47 -4.38
CA THR D 92 10.72 -18.65 -4.29
C THR D 92 10.69 -17.81 -3.02
N GLU D 93 11.87 -17.52 -2.51
CA GLU D 93 12.05 -16.80 -1.23
C GLU D 93 13.41 -16.11 -1.24
N VAL D 94 13.47 -14.90 -0.69
CA VAL D 94 14.77 -14.28 -0.37
C VAL D 94 15.30 -14.94 0.90
N ILE D 95 16.57 -15.36 0.90
CA ILE D 95 17.19 -16.12 2.02
C ILE D 95 18.03 -15.19 2.89
N GLY D 96 17.73 -15.12 4.19
CA GLY D 96 18.53 -14.35 5.16
C GLY D 96 17.96 -12.99 5.44
N VAL D 97 16.64 -12.83 5.36
CA VAL D 97 16.02 -11.49 5.55
C VAL D 97 16.36 -10.92 6.93
N THR D 98 16.50 -11.75 7.96
CA THR D 98 16.76 -11.30 9.35
C THR D 98 18.16 -10.69 9.50
N SER D 99 19.08 -10.96 8.58
CA SER D 99 20.47 -10.42 8.68
C SER D 99 20.42 -8.90 8.68
N LEU D 100 19.37 -8.32 8.09
CA LEU D 100 19.21 -6.84 8.04
C LEU D 100 18.94 -6.27 9.44
N MET D 101 18.76 -7.11 10.46
CA MET D 101 18.60 -6.61 11.86
C MET D 101 19.97 -6.31 12.49
N ASN D 102 21.08 -6.59 11.80
CA ASN D 102 22.40 -6.20 12.34
C ASN D 102 22.62 -4.70 12.10
N VAL D 103 22.22 -3.89 13.08
CA VAL D 103 22.39 -2.40 13.11
C VAL D 103 23.45 -2.03 14.17
N HIS D 104 24.34 -2.97 14.52
CA HIS D 104 25.30 -2.83 15.64
C HIS D 104 26.76 -2.91 15.18
N SER D 105 27.06 -2.68 13.91
CA SER D 105 28.46 -2.74 13.44
C SER D 105 28.72 -1.88 12.22
N ASN D 106 29.69 -0.97 12.34
CA ASN D 106 30.37 -0.33 11.18
C ASN D 106 29.45 0.75 10.59
N GLY D 107 28.30 1.02 11.18
CA GLY D 107 27.28 1.90 10.59
C GLY D 107 27.29 3.30 11.15
N GLN D 108 26.41 4.12 10.59
CA GLN D 108 26.22 5.54 11.01
C GLN D 108 24.98 5.58 11.89
N ALA D 109 25.10 6.15 13.08
CA ALA D 109 23.98 6.27 14.04
C ALA D 109 22.87 7.07 13.37
N THR D 110 21.62 6.66 13.53
CA THR D 110 20.44 7.38 12.99
C THR D 110 20.34 8.75 13.65
N HIS D 111 20.78 8.86 14.90
CA HIS D 111 20.80 10.10 15.72
C HIS D 111 21.77 9.86 16.88
N ASP D 112 22.08 10.91 17.65
N ASP D 112 22.10 10.91 17.64
CA ASP D 112 23.01 10.86 18.80
CA ASP D 112 23.06 10.84 18.76
C ASP D 112 22.60 9.69 19.71
C ASP D 112 22.63 9.72 19.71
N ASN D 113 23.49 8.73 19.90
CA ASN D 113 23.33 7.58 20.85
C ASN D 113 22.40 6.51 20.28
N GLY D 114 21.93 6.67 19.04
CA GLY D 114 20.98 5.76 18.36
C GLY D 114 21.66 4.52 17.80
N ALA D 115 20.86 3.55 17.38
CA ALA D 115 21.35 2.37 16.64
C ALA D 115 21.87 2.80 15.25
N GLY D 116 22.57 1.90 14.58
CA GLY D 116 23.01 2.14 13.20
C GLY D 116 21.84 2.21 12.24
N LYS D 117 21.97 3.01 11.20
CA LYS D 117 20.98 3.05 10.09
C LYS D 117 20.92 1.69 9.44
N PRO D 118 19.71 1.13 9.20
CA PRO D 118 19.60 -0.18 8.59
C PRO D 118 19.77 -0.02 7.07
N VAL D 119 19.92 -1.14 6.39
CA VAL D 119 19.87 -1.23 4.91
C VAL D 119 18.52 -0.69 4.44
N GLN D 120 18.56 0.29 3.54
CA GLN D 120 17.36 0.95 3.01
C GLN D 120 17.71 1.67 1.73
N GLY D 121 16.71 2.23 1.07
CA GLY D 121 16.87 2.91 -0.21
C GLY D 121 16.57 1.97 -1.36
N THR D 122 16.95 2.38 -2.57
CA THR D 122 16.54 1.72 -3.83
C THR D 122 16.70 0.20 -3.70
N SER D 123 15.66 -0.55 -4.06
CA SER D 123 15.75 -2.03 -4.15
C SER D 123 15.29 -2.50 -5.52
N PHE D 124 15.81 -3.65 -5.95
CA PHE D 124 15.29 -4.32 -7.16
C PHE D 124 15.21 -5.80 -6.83
N HIS D 125 13.99 -6.34 -6.85
CA HIS D 125 13.70 -7.75 -6.53
C HIS D 125 13.09 -8.35 -7.79
N PHE D 126 13.80 -9.32 -8.37
CA PHE D 126 13.53 -9.86 -9.73
C PHE D 126 13.81 -11.35 -9.73
N PHE D 127 12.94 -12.11 -10.37
CA PHE D 127 13.23 -13.54 -10.64
C PHE D 127 12.54 -13.98 -11.94
N SER D 128 13.09 -15.00 -12.58
CA SER D 128 12.53 -15.56 -13.83
C SER D 128 12.87 -17.04 -13.88
N VAL D 129 11.98 -17.76 -14.55
CA VAL D 129 12.09 -19.21 -14.84
C VAL D 129 11.83 -19.37 -16.32
N GLY D 130 12.75 -20.01 -17.03
CA GLY D 130 12.60 -20.16 -18.48
C GLY D 130 13.19 -21.44 -19.01
N GLY D 131 12.81 -21.77 -20.24
CA GLY D 131 13.32 -22.96 -20.94
C GLY D 131 14.53 -22.64 -21.81
N GLU D 132 15.10 -21.46 -21.62
CA GLU D 132 16.21 -20.88 -22.40
C GLU D 132 16.61 -19.60 -21.67
N ALA D 133 17.76 -19.03 -22.02
CA ALA D 133 18.28 -17.84 -21.35
C ALA D 133 17.25 -16.72 -21.41
N LEU D 134 17.20 -15.93 -20.35
CA LEU D 134 16.40 -14.69 -20.28
C LEU D 134 16.89 -13.75 -21.37
N GLU D 135 15.99 -13.19 -22.16
CA GLU D 135 16.38 -12.22 -23.22
C GLU D 135 16.34 -10.81 -22.63
N LEU D 136 17.40 -10.05 -22.86
CA LEU D 136 17.59 -8.70 -22.29
C LEU D 136 17.49 -7.62 -23.35
N GLN D 137 17.00 -6.46 -22.92
CA GLN D 137 17.02 -5.19 -23.69
C GLN D 137 17.79 -4.19 -22.84
N GLY D 138 18.70 -3.48 -23.48
CA GLY D 138 19.52 -2.47 -22.79
C GLY D 138 18.85 -1.13 -22.78
N VAL D 139 18.83 -0.47 -21.63
CA VAL D 139 18.37 0.95 -21.48
C VAL D 139 19.36 1.62 -20.54
N LEU D 140 19.94 2.76 -20.97
CA LEU D 140 20.97 3.44 -20.17
C LEU D 140 20.39 4.68 -19.53
N PHE D 141 20.71 4.92 -18.27
CA PHE D 141 20.33 6.19 -17.61
C PHE D 141 21.04 7.33 -18.34
N ASN D 142 22.31 7.10 -18.70
CA ASN D 142 23.24 8.11 -19.28
C ASN D 142 24.03 7.41 -20.39
N TYR D 143 23.82 7.75 -21.66
CA TYR D 143 24.48 7.00 -22.76
C TYR D 143 25.99 7.24 -22.74
N ARG D 144 26.46 8.29 -22.07
CA ARG D 144 27.92 8.63 -22.03
C ARG D 144 28.62 7.97 -20.84
N THR D 145 27.90 7.17 -20.03
CA THR D 145 28.55 6.34 -18.97
C THR D 145 29.59 5.44 -19.62
N LYS D 146 30.78 5.42 -19.02
CA LYS D 146 31.84 4.45 -19.37
C LYS D 146 31.64 3.22 -18.49
N TYR D 147 31.18 2.11 -19.05
CA TYR D 147 31.01 0.84 -18.32
C TYR D 147 32.35 0.11 -18.33
N PRO D 148 32.68 -0.61 -17.25
CA PRO D 148 34.03 -1.12 -17.04
C PRO D 148 34.28 -2.47 -17.72
N ASP D 149 35.55 -2.70 -17.99
CA ASP D 149 36.06 -4.00 -18.46
C ASP D 149 35.60 -5.11 -17.51
N GLY D 150 35.16 -6.24 -18.08
CA GLY D 150 34.72 -7.42 -17.35
C GLY D 150 33.20 -7.46 -17.25
N THR D 151 32.53 -6.37 -17.60
CA THR D 151 31.04 -6.35 -17.70
C THR D 151 30.63 -6.46 -19.15
N ILE D 152 29.41 -6.97 -19.36
CA ILE D 152 28.75 -7.02 -20.69
C ILE D 152 27.64 -5.98 -20.65
N PHE D 153 27.79 -4.94 -21.44
CA PHE D 153 26.93 -3.73 -21.37
C PHE D 153 26.53 -3.34 -22.78
N PRO D 154 25.49 -2.48 -22.92
CA PRO D 154 25.07 -1.99 -24.23
C PRO D 154 26.21 -1.24 -24.92
N LYS D 155 26.55 -1.73 -26.12
CA LYS D 155 27.69 -1.27 -26.95
C LYS D 155 27.18 -0.31 -28.04
N ASN D 156 28.07 0.55 -28.57
CA ASN D 156 27.70 1.53 -29.61
C ASN D 156 26.53 2.38 -29.09
N ALA D 157 26.57 2.77 -27.82
CA ALA D 157 25.51 3.57 -27.19
C ALA D 157 25.40 4.92 -27.92
N THR D 158 24.15 5.36 -28.10
CA THR D 158 23.77 6.68 -28.65
C THR D 158 22.81 7.35 -27.68
N VAL D 159 22.46 8.61 -27.95
CA VAL D 159 21.50 9.28 -27.05
C VAL D 159 20.16 8.50 -27.04
N GLN D 160 19.84 7.81 -28.15
N GLN D 160 19.80 7.81 -28.12
CA GLN D 160 18.64 6.95 -28.29
CA GLN D 160 18.53 7.04 -28.17
C GLN D 160 18.64 5.87 -27.20
C GLN D 160 18.62 5.86 -27.18
N SER D 161 19.82 5.44 -26.76
CA SER D 161 20.00 4.36 -25.76
C SER D 161 19.40 4.77 -24.40
N GLN D 162 19.22 6.07 -24.16
CA GLN D 162 18.58 6.59 -22.92
C GLN D 162 17.08 6.30 -22.89
N VAL D 163 16.45 5.94 -24.02
CA VAL D 163 14.99 5.66 -24.05
C VAL D 163 14.70 4.31 -24.71
N MET D 164 15.27 4.03 -25.88
CA MET D 164 15.06 2.70 -26.52
C MET D 164 15.89 2.65 -27.79
N ASN D 165 16.96 1.88 -27.74
CA ASN D 165 17.83 1.53 -28.90
C ASN D 165 17.73 0.01 -29.11
N THR D 166 17.06 -0.43 -30.16
CA THR D 166 16.77 -1.87 -30.41
C THR D 166 18.06 -2.64 -30.77
N GLU D 167 19.21 -1.99 -30.95
CA GLU D 167 20.50 -2.69 -31.14
C GLU D 167 20.86 -3.45 -29.86
N HIS D 168 20.43 -2.96 -28.70
CA HIS D 168 20.91 -3.48 -27.39
C HIS D 168 20.12 -4.73 -27.00
N LYS D 169 20.36 -5.84 -27.68
CA LYS D 169 19.73 -7.17 -27.39
C LYS D 169 20.81 -8.12 -26.90
N ALA D 170 20.53 -8.81 -25.81
CA ALA D 170 21.49 -9.76 -25.23
C ALA D 170 20.74 -10.92 -24.60
N TYR D 171 21.49 -11.94 -24.23
CA TYR D 171 21.01 -13.10 -23.45
C TYR D 171 21.70 -13.05 -22.09
N LEU D 172 20.96 -13.31 -21.02
CA LEU D 172 21.56 -13.47 -19.67
C LEU D 172 22.19 -14.86 -19.61
N ASP D 173 23.44 -14.94 -20.06
CA ASP D 173 24.15 -16.20 -20.34
C ASP D 173 25.51 -16.21 -19.64
N LYS D 174 25.72 -15.31 -18.67
CA LYS D 174 26.97 -15.26 -17.90
C LYS D 174 26.67 -14.66 -16.53
N ASN D 175 27.19 -15.25 -15.46
CA ASN D 175 27.08 -14.74 -14.08
CA ASN D 175 27.02 -14.73 -14.08
C ASN D 175 28.03 -13.59 -13.85
N LYS D 176 27.70 -12.67 -12.94
CA LYS D 176 28.63 -11.58 -12.52
C LYS D 176 29.08 -10.76 -13.74
N ALA D 177 28.21 -10.57 -14.73
CA ALA D 177 28.64 -9.92 -16.00
C ALA D 177 27.67 -8.83 -16.47
N TYR D 178 26.35 -9.03 -16.38
CA TYR D 178 25.33 -8.11 -16.95
C TYR D 178 24.90 -7.12 -15.87
N PRO D 179 25.33 -5.83 -15.88
CA PRO D 179 24.97 -4.94 -14.78
C PRO D 179 23.45 -4.72 -14.74
N VAL D 180 22.90 -4.70 -13.54
CA VAL D 180 21.45 -4.51 -13.32
C VAL D 180 21.04 -3.19 -13.96
N GLU D 181 21.82 -2.13 -13.79
CA GLU D 181 21.38 -0.77 -14.19
C GLU D 181 21.29 -0.61 -15.72
N CYS D 182 21.90 -1.52 -16.50
CA CYS D 182 22.03 -1.47 -17.98
C CYS D 182 20.97 -2.27 -18.71
N TRP D 183 20.35 -3.24 -18.04
CA TRP D 183 19.57 -4.28 -18.74
C TRP D 183 18.25 -4.54 -18.02
N VAL D 184 17.22 -4.83 -18.80
CA VAL D 184 15.92 -5.35 -18.31
C VAL D 184 15.53 -6.52 -19.19
N PRO D 185 14.59 -7.35 -18.71
CA PRO D 185 13.95 -8.31 -19.58
C PRO D 185 13.36 -7.60 -20.80
N ASP D 186 13.57 -8.19 -21.97
CA ASP D 186 13.06 -7.70 -23.25
C ASP D 186 11.61 -8.14 -23.37
N PRO D 187 10.64 -7.21 -23.23
CA PRO D 187 9.23 -7.60 -23.27
C PRO D 187 8.81 -8.05 -24.68
N THR D 188 9.61 -7.72 -25.71
CA THR D 188 9.31 -8.09 -27.12
C THR D 188 9.72 -9.53 -27.39
N ARG D 189 10.45 -10.15 -26.47
CA ARG D 189 10.78 -11.60 -26.59
CA ARG D 189 10.79 -11.59 -26.59
C ARG D 189 10.30 -12.37 -25.31
N ASN D 190 11.12 -13.33 -24.88
CA ASN D 190 10.82 -14.04 -23.61
C ASN D 190 9.49 -14.82 -23.68
N GLU D 191 9.09 -15.34 -24.83
CA GLU D 191 7.86 -16.17 -24.99
C GLU D 191 7.94 -17.42 -24.11
N ASN D 192 9.16 -17.91 -23.85
CA ASN D 192 9.42 -19.22 -23.22
C ASN D 192 10.04 -19.00 -21.84
N THR D 193 9.79 -17.84 -21.23
CA THR D 193 10.22 -17.49 -19.86
C THR D 193 9.05 -16.80 -19.15
N ARG D 194 8.98 -16.95 -17.83
CA ARG D 194 8.05 -16.16 -16.99
C ARG D 194 8.93 -15.28 -16.10
N TYR D 195 8.78 -13.95 -16.15
CA TYR D 195 9.63 -13.06 -15.33
C TYR D 195 8.77 -12.11 -14.50
N PHE D 196 9.32 -11.67 -13.38
CA PHE D 196 8.64 -10.87 -12.35
C PHE D 196 9.66 -9.98 -11.67
N GLY D 197 9.42 -8.67 -11.63
CA GLY D 197 10.35 -7.77 -10.94
C GLY D 197 9.67 -6.53 -10.42
N THR D 198 10.23 -5.97 -9.37
CA THR D 198 9.77 -4.70 -8.78
C THR D 198 10.98 -3.85 -8.46
N LEU D 199 11.00 -2.63 -8.99
N LEU D 199 11.00 -2.64 -9.01
CA LEU D 199 11.96 -1.58 -8.61
CA LEU D 199 11.94 -1.57 -8.61
C LEU D 199 11.26 -0.64 -7.63
C LEU D 199 11.21 -0.69 -7.59
N THR D 200 11.82 -0.50 -6.42
CA THR D 200 11.31 0.47 -5.42
C THR D 200 12.40 1.52 -5.23
N GLY D 201 12.21 2.73 -5.75
CA GLY D 201 13.25 3.79 -5.74
C GLY D 201 13.14 4.67 -4.50
N GLY D 202 14.15 5.50 -4.24
CA GLY D 202 14.16 6.48 -3.13
C GLY D 202 15.23 6.15 -2.12
N GLU D 203 15.88 7.13 -1.48
CA GLU D 203 17.06 6.83 -0.61
C GLU D 203 16.61 6.33 0.76
N ASN D 204 15.36 6.53 1.14
CA ASN D 204 14.91 6.18 2.51
C ASN D 204 13.93 5.02 2.44
N VAL D 205 13.67 4.45 1.27
CA VAL D 205 12.59 3.43 1.18
C VAL D 205 12.98 2.25 2.05
N PRO D 206 12.03 1.72 2.85
CA PRO D 206 12.30 0.64 3.80
C PRO D 206 12.14 -0.71 3.12
N PRO D 207 13.06 -1.67 3.32
CA PRO D 207 12.84 -3.01 2.78
C PRO D 207 11.54 -3.57 3.38
N VAL D 208 10.75 -4.26 2.56
CA VAL D 208 9.61 -5.12 3.03
C VAL D 208 9.78 -6.50 2.41
N LEU D 209 10.20 -7.48 3.22
CA LEU D 209 10.58 -8.81 2.71
C LEU D 209 9.68 -9.84 3.40
N HIS D 210 8.88 -10.56 2.61
CA HIS D 210 7.98 -11.62 3.11
C HIS D 210 8.64 -12.98 2.89
N ILE D 211 8.51 -13.86 3.86
CA ILE D 211 8.94 -15.27 3.67
C ILE D 211 7.76 -16.17 4.04
N THR D 212 7.58 -17.23 3.29
CA THR D 212 6.60 -18.28 3.60
C THR D 212 6.92 -19.48 2.72
N ASN D 213 6.63 -20.68 3.19
CA ASN D 213 6.73 -21.89 2.34
C ASN D 213 5.33 -22.32 1.89
N THR D 214 4.36 -21.42 1.91
CA THR D 214 2.96 -21.78 1.58
C THR D 214 2.52 -21.18 0.25
N ALA D 215 3.35 -20.38 -0.42
CA ALA D 215 2.97 -19.61 -1.61
C ALA D 215 3.57 -20.29 -2.85
N THR D 216 2.72 -20.53 -3.85
CA THR D 216 3.12 -21.10 -5.16
C THR D 216 2.69 -20.16 -6.30
N THR D 217 3.60 -19.89 -7.23
CA THR D 217 3.30 -19.21 -8.50
C THR D 217 3.11 -20.26 -9.61
N VAL D 218 2.01 -20.21 -10.32
CA VAL D 218 1.78 -21.12 -11.47
C VAL D 218 2.42 -20.46 -12.69
N LEU D 219 3.14 -21.24 -13.50
CA LEU D 219 3.99 -20.72 -14.60
C LEU D 219 3.33 -20.97 -15.95
N LEU D 220 2.13 -21.55 -15.96
CA LEU D 220 1.37 -21.79 -17.21
C LEU D 220 0.92 -20.47 -17.84
N ASP D 221 1.01 -20.37 -19.17
CA ASP D 221 0.44 -19.21 -19.91
C ASP D 221 -1.07 -19.41 -20.08
N GLU D 222 -1.70 -18.54 -20.87
CA GLU D 222 -3.17 -18.53 -21.05
C GLU D 222 -3.63 -19.79 -21.82
N PHE D 223 -2.71 -20.53 -22.46
CA PHE D 223 -3.03 -21.81 -23.17
C PHE D 223 -2.75 -23.02 -22.27
N GLY D 224 -2.31 -22.80 -21.03
CA GLY D 224 -2.03 -23.88 -20.07
C GLY D 224 -0.66 -24.46 -20.29
N VAL D 225 0.27 -23.72 -20.90
CA VAL D 225 1.63 -24.24 -21.25
C VAL D 225 2.66 -23.46 -20.45
N GLY D 226 3.54 -24.16 -19.74
CA GLY D 226 4.66 -23.52 -19.04
C GLY D 226 5.89 -23.46 -19.92
N PRO D 227 6.96 -22.82 -19.42
CA PRO D 227 8.25 -22.83 -20.13
C PRO D 227 8.67 -24.26 -20.50
N LEU D 228 9.09 -24.46 -21.75
CA LEU D 228 9.53 -25.78 -22.29
C LEU D 228 11.06 -25.78 -22.39
N CYS D 229 11.72 -26.74 -21.76
CA CYS D 229 13.18 -26.67 -21.49
C CYS D 229 13.97 -27.21 -22.69
N LYS D 230 14.53 -26.30 -23.50
CA LYS D 230 15.32 -26.71 -24.69
C LYS D 230 16.59 -27.42 -24.23
N GLY D 231 16.85 -28.61 -24.77
CA GLY D 231 18.04 -29.40 -24.46
C GLY D 231 18.04 -29.90 -23.01
N ASP D 232 16.86 -29.96 -22.38
CA ASP D 232 16.67 -30.44 -20.99
C ASP D 232 17.47 -29.55 -20.03
N ASN D 233 17.45 -28.24 -20.26
CA ASN D 233 18.08 -27.25 -19.35
C ASN D 233 17.03 -26.26 -18.88
N LEU D 234 17.04 -25.95 -17.59
CA LEU D 234 16.15 -24.94 -16.96
C LEU D 234 16.99 -23.71 -16.61
N TYR D 235 16.52 -22.52 -16.99
CA TYR D 235 17.23 -21.26 -16.66
C TYR D 235 16.53 -20.54 -15.52
N LEU D 236 17.27 -20.24 -14.46
CA LEU D 236 16.76 -19.45 -13.32
C LEU D 236 17.58 -18.18 -13.27
N SER D 237 16.94 -17.03 -13.12
CA SER D 237 17.62 -15.72 -13.06
C SER D 237 17.09 -14.95 -11.86
N ALA D 238 17.92 -14.09 -11.27
CA ALA D 238 17.49 -13.30 -10.08
C ALA D 238 18.30 -12.03 -9.93
N VAL D 239 17.66 -11.05 -9.32
CA VAL D 239 18.32 -9.89 -8.67
C VAL D 239 17.60 -9.62 -7.36
N ASP D 240 18.34 -9.44 -6.28
CA ASP D 240 17.78 -9.07 -4.95
C ASP D 240 18.69 -8.03 -4.32
N VAL D 241 18.71 -6.86 -4.91
CA VAL D 241 19.36 -5.67 -4.31
C VAL D 241 18.41 -5.15 -3.24
N CYS D 242 18.78 -5.29 -1.99
CA CYS D 242 17.86 -5.01 -0.85
C CYS D 242 17.84 -3.53 -0.51
N GLY D 243 18.86 -2.78 -0.91
CA GLY D 243 19.06 -1.37 -0.56
C GLY D 243 20.54 -1.13 -0.33
N MET D 244 20.88 -0.09 0.41
CA MET D 244 22.26 0.31 0.71
C MET D 244 22.51 0.26 2.20
N PHE D 245 23.68 -0.24 2.55
CA PHE D 245 24.31 -0.12 3.88
C PHE D 245 25.07 1.21 3.92
N THR D 246 24.92 1.96 5.01
CA THR D 246 25.63 3.22 5.25
C THR D 246 26.71 3.02 6.32
N ASN D 247 27.95 3.26 5.95
CA ASN D 247 29.14 3.26 6.85
C ASN D 247 29.08 4.50 7.75
N ARG D 248 29.83 4.46 8.86
CA ARG D 248 30.00 5.60 9.77
C ARG D 248 30.34 6.87 8.99
N SER D 249 31.22 6.75 7.98
CA SER D 249 31.73 7.88 7.16
C SER D 249 30.59 8.50 6.33
N GLY D 250 29.52 7.75 6.08
CA GLY D 250 28.43 8.15 5.18
C GLY D 250 28.50 7.40 3.85
N SER D 251 29.62 6.74 3.53
CA SER D 251 29.77 5.97 2.26
CA SER D 251 29.74 5.99 2.26
C SER D 251 28.71 4.87 2.24
N GLN D 252 28.21 4.54 1.05
CA GLN D 252 27.08 3.60 0.94
C GLN D 252 27.44 2.46 -0.02
N GLN D 253 27.07 1.25 0.37
CA GLN D 253 27.32 0.01 -0.40
C GLN D 253 26.00 -0.70 -0.65
N TRP D 254 25.73 -1.12 -1.87
CA TRP D 254 24.58 -2.02 -2.13
C TRP D 254 24.74 -3.27 -1.30
N ARG D 255 23.64 -3.86 -0.84
CA ARG D 255 23.59 -5.16 -0.13
C ARG D 255 22.53 -6.02 -0.79
N GLY D 256 22.94 -7.24 -1.14
CA GLY D 256 22.09 -8.24 -1.82
C GLY D 256 21.94 -9.47 -0.97
N LEU D 257 20.92 -10.26 -1.25
CA LEU D 257 20.69 -11.55 -0.58
C LEU D 257 20.42 -12.62 -1.64
N SER D 258 20.65 -13.87 -1.24
CA SER D 258 20.42 -15.06 -2.09
C SER D 258 18.92 -15.30 -2.29
N ARG D 259 18.59 -15.98 -3.39
CA ARG D 259 17.19 -16.37 -3.66
C ARG D 259 17.08 -17.88 -3.83
N TYR D 260 16.10 -18.44 -3.12
CA TYR D 260 15.67 -19.87 -3.23
C TYR D 260 14.68 -20.05 -4.39
N PHE D 261 14.84 -21.12 -5.17
CA PHE D 261 13.90 -21.57 -6.21
C PHE D 261 13.54 -23.02 -5.99
N LYS D 262 12.25 -23.34 -6.05
CA LYS D 262 11.80 -24.74 -6.19
C LYS D 262 10.84 -24.77 -7.38
N VAL D 263 11.20 -25.52 -8.41
CA VAL D 263 10.39 -25.60 -9.66
C VAL D 263 9.96 -27.05 -9.85
N GLN D 264 8.66 -27.26 -10.07
N GLN D 264 8.65 -27.27 -10.04
CA GLN D 264 8.08 -28.57 -10.43
CA GLN D 264 8.09 -28.59 -10.42
C GLN D 264 7.91 -28.62 -11.95
C GLN D 264 7.92 -28.62 -11.94
N LEU D 265 8.34 -29.72 -12.57
CA LEU D 265 8.29 -29.87 -14.05
C LEU D 265 7.59 -31.19 -14.37
N ARG D 266 6.99 -31.24 -15.55
CA ARG D 266 6.32 -32.46 -16.05
C ARG D 266 6.75 -32.66 -17.51
N LYS D 267 6.72 -33.90 -17.98
CA LYS D 267 7.08 -34.22 -19.37
C LYS D 267 5.89 -33.90 -20.29
N ARG D 268 6.17 -33.13 -21.34
CA ARG D 268 5.16 -32.71 -22.32
C ARG D 268 5.60 -33.24 -23.68
N ARG D 269 4.69 -33.89 -24.43
CA ARG D 269 5.01 -34.26 -25.83
C ARG D 269 4.76 -33.05 -26.73
N VAL D 270 5.65 -32.82 -27.67
CA VAL D 270 5.53 -31.71 -28.64
C VAL D 270 5.79 -32.27 -30.05
N LYS D 271 5.12 -31.69 -31.04
CA LYS D 271 5.41 -31.97 -32.48
C LYS D 271 6.47 -30.95 -32.89
N ASN D 272 7.66 -31.42 -33.29
CA ASN D 272 8.85 -30.56 -33.57
C ASN D 272 8.94 -30.32 -35.08
N VAL E 7 6.23 -41.49 4.79
CA VAL E 7 4.82 -41.59 5.23
C VAL E 7 3.92 -41.63 3.98
N GLU E 8 3.09 -42.67 3.86
CA GLU E 8 1.89 -42.69 2.98
C GLU E 8 0.71 -42.16 3.82
N VAL E 9 0.06 -41.09 3.37
CA VAL E 9 -1.05 -40.41 4.12
C VAL E 9 -2.38 -41.01 3.66
N LEU E 10 -3.12 -41.61 4.58
CA LEU E 10 -4.43 -42.24 4.29
C LEU E 10 -5.56 -41.36 4.83
N GLU E 11 -6.65 -41.95 5.33
CA GLU E 11 -7.89 -41.19 5.58
C GLU E 11 -7.82 -40.46 6.92
N VAL E 12 -8.55 -39.35 6.97
CA VAL E 12 -8.87 -38.60 8.22
C VAL E 12 -9.88 -39.40 9.04
N LYS E 13 -9.66 -39.51 10.35
CA LYS E 13 -10.66 -40.07 11.29
C LYS E 13 -11.78 -39.06 11.52
N THR E 14 -13.00 -39.53 11.69
CA THR E 14 -14.17 -38.65 11.96
C THR E 14 -14.77 -39.07 13.29
N GLY E 15 -15.75 -38.32 13.78
CA GLY E 15 -16.40 -38.55 15.08
C GLY E 15 -15.88 -37.56 16.11
N ASP E 17 -14.37 -37.73 18.86
CA ASP E 17 -13.07 -38.05 19.51
C ASP E 17 -11.88 -37.76 18.56
N SER E 18 -12.14 -37.34 17.34
CA SER E 18 -11.14 -37.29 16.25
C SER E 18 -10.42 -35.93 16.24
N ILE E 19 -10.85 -34.96 17.05
CA ILE E 19 -10.28 -33.57 17.00
C ILE E 19 -9.73 -33.16 18.38
N THR E 20 -8.75 -32.27 18.37
CA THR E 20 -8.23 -31.64 19.60
C THR E 20 -7.79 -30.20 19.25
N GLU E 21 -7.60 -29.36 20.25
CA GLU E 21 -7.23 -27.94 20.06
C GLU E 21 -6.07 -27.63 21.00
N VAL E 22 -5.10 -26.84 20.53
CA VAL E 22 -3.99 -26.32 21.35
C VAL E 22 -4.18 -24.80 21.38
N GLU E 23 -4.17 -24.21 22.58
CA GLU E 23 -4.24 -22.74 22.76
C GLU E 23 -3.12 -22.35 23.70
N CYS E 24 -2.26 -21.43 23.30
CA CYS E 24 -1.18 -20.97 24.20
C CYS E 24 -0.66 -19.64 23.71
N PHE E 25 0.32 -19.12 24.43
CA PHE E 25 1.05 -17.92 23.99
C PHE E 25 2.53 -18.19 24.18
N LEU E 26 3.32 -17.58 23.31
CA LEU E 26 4.78 -17.56 23.37
C LEU E 26 5.23 -16.16 23.77
N THR E 27 6.02 -16.05 24.83
CA THR E 27 6.58 -14.75 25.24
C THR E 27 7.76 -14.44 24.33
N PRO E 28 8.06 -13.15 24.13
CA PRO E 28 9.18 -12.73 23.31
C PRO E 28 10.48 -12.84 24.12
N GLU E 29 11.58 -13.03 23.42
CA GLU E 29 12.92 -13.13 24.05
C GLU E 29 13.81 -12.08 23.40
N MET E 30 13.72 -10.86 23.91
CA MET E 30 14.39 -9.68 23.30
C MET E 30 15.78 -9.49 23.89
N GLY E 31 16.12 -10.12 25.01
CA GLY E 31 17.45 -10.00 25.65
C GLY E 31 17.35 -9.75 27.15
N ASP E 32 16.32 -9.04 27.63
CA ASP E 32 15.99 -8.90 29.07
C ASP E 32 17.23 -8.45 29.86
N PRO E 33 17.71 -7.22 29.62
CA PRO E 33 18.99 -6.76 30.17
C PRO E 33 19.02 -6.53 31.70
N ASP E 34 17.86 -6.40 32.34
CA ASP E 34 17.80 -6.39 33.83
C ASP E 34 16.43 -6.87 34.28
N GLU E 35 16.25 -6.91 35.60
CA GLU E 35 15.06 -7.56 36.23
C GLU E 35 13.82 -6.69 36.00
N HIS E 36 13.96 -5.51 35.40
CA HIS E 36 12.84 -4.56 35.15
C HIS E 36 12.47 -4.52 33.65
N LEU E 37 13.22 -5.19 32.76
CA LEU E 37 13.18 -4.89 31.31
C LEU E 37 12.83 -6.13 30.47
N ARG E 38 12.05 -7.04 31.02
CA ARG E 38 11.46 -8.15 30.24
C ARG E 38 10.70 -7.56 29.04
N GLY E 39 10.96 -8.08 27.85
CA GLY E 39 10.35 -7.62 26.59
C GLY E 39 11.20 -6.59 25.86
N PHE E 40 12.29 -6.16 26.46
CA PHE E 40 13.23 -5.19 25.86
C PHE E 40 14.59 -5.86 25.67
N SER E 41 15.35 -5.38 24.70
CA SER E 41 16.80 -5.69 24.61
C SER E 41 17.62 -4.70 25.44
N LYS E 42 18.89 -5.02 25.64
CA LYS E 42 19.90 -4.02 26.04
C LYS E 42 19.92 -2.89 25.02
N SER E 43 20.31 -1.68 25.43
CA SER E 43 20.57 -0.58 24.48
C SER E 43 21.52 -1.06 23.38
N ILE E 44 21.25 -0.62 22.16
CA ILE E 44 22.00 -1.05 20.96
C ILE E 44 23.24 -0.14 20.80
N SER E 45 24.41 -0.74 20.72
CA SER E 45 25.68 0.00 20.48
C SER E 45 26.18 -0.38 19.08
N ILE E 46 27.15 0.36 18.56
CA ILE E 46 27.69 0.16 17.19
C ILE E 46 29.19 -0.10 17.29
N SER E 47 29.63 -1.29 16.95
CA SER E 47 31.07 -1.60 16.90
C SER E 47 31.72 -0.78 15.79
N ASP E 48 32.99 -0.42 15.96
CA ASP E 48 33.66 0.47 14.99
C ASP E 48 33.82 -0.26 13.63
N THR E 49 33.99 -1.57 13.61
CA THR E 49 34.22 -2.33 12.35
C THR E 49 33.51 -3.66 12.41
N PHE E 50 33.27 -4.26 11.24
CA PHE E 50 32.78 -5.65 11.12
C PHE E 50 33.70 -6.58 11.92
N GLU E 51 35.01 -6.33 11.87
CA GLU E 51 35.98 -7.21 12.58
C GLU E 51 35.73 -7.14 14.09
N SER E 52 35.32 -6.00 14.64
CA SER E 52 35.20 -5.80 16.11
C SER E 52 33.78 -6.08 16.62
N ASP E 53 32.88 -6.50 15.73
CA ASP E 53 31.45 -6.74 16.05
C ASP E 53 31.33 -7.88 17.06
N SER E 54 30.96 -7.54 18.30
CA SER E 54 30.87 -8.48 19.43
CA SER E 54 30.90 -8.48 19.44
C SER E 54 29.62 -8.20 20.25
N PRO E 55 28.41 -8.46 19.68
CA PRO E 55 27.19 -8.11 20.39
C PRO E 55 27.04 -8.84 21.73
N ASN E 56 26.66 -8.07 22.74
CA ASN E 56 26.29 -8.57 24.09
C ASN E 56 25.08 -9.51 23.91
N ARG E 57 25.06 -10.65 24.60
CA ARG E 57 23.89 -11.56 24.57
C ARG E 57 22.58 -10.79 24.82
N ASP E 58 22.59 -9.86 25.78
CA ASP E 58 21.37 -9.16 26.23
C ASP E 58 20.88 -8.20 25.14
N MET E 59 21.67 -7.95 24.09
CA MET E 59 21.33 -7.03 22.98
C MET E 59 20.71 -7.79 21.78
N LEU E 60 20.61 -9.12 21.83
CA LEU E 60 20.22 -9.95 20.67
C LEU E 60 18.88 -10.61 20.91
N PRO E 61 17.81 -10.15 20.23
CA PRO E 61 16.57 -10.91 20.24
C PRO E 61 16.81 -12.32 19.71
N CYS E 62 16.03 -13.28 20.22
CA CYS E 62 16.11 -14.70 19.83
C CYS E 62 14.74 -15.19 19.39
N TYR E 63 14.73 -16.26 18.61
CA TYR E 63 13.47 -16.98 18.27
C TYR E 63 12.86 -17.58 19.54
N SER E 64 11.53 -17.53 19.61
CA SER E 64 10.74 -18.23 20.63
C SER E 64 10.27 -19.56 20.05
N VAL E 65 10.23 -20.60 20.90
CA VAL E 65 9.71 -21.94 20.50
C VAL E 65 9.00 -22.58 21.69
N ALA E 66 7.93 -23.30 21.39
CA ALA E 66 7.27 -24.18 22.36
C ALA E 66 7.04 -25.53 21.68
N ARG E 67 7.36 -26.60 22.40
CA ARG E 67 6.99 -27.99 22.02
C ARG E 67 5.80 -28.39 22.89
N ILE E 68 4.64 -28.63 22.27
CA ILE E 68 3.37 -28.88 23.01
C ILE E 68 3.01 -30.36 22.86
N PRO E 69 3.04 -31.16 23.94
CA PRO E 69 2.59 -32.55 23.87
C PRO E 69 1.09 -32.61 23.60
N LEU E 70 0.71 -33.54 22.72
CA LEU E 70 -0.69 -33.77 22.31
C LEU E 70 -1.14 -35.10 22.91
N PRO E 71 -2.45 -35.37 22.89
CA PRO E 71 -2.95 -36.66 23.39
C PRO E 71 -2.28 -37.85 22.70
N ASN E 72 -1.83 -38.81 23.51
CA ASN E 72 -1.10 -40.00 23.01
C ASN E 72 -2.01 -40.79 22.06
N LEU E 73 -1.50 -41.21 20.89
CA LEU E 73 -2.36 -41.86 19.87
C LEU E 73 -2.11 -43.36 19.73
N ASN E 74 -0.87 -43.80 19.85
CA ASN E 74 -0.53 -45.22 19.55
C ASN E 74 0.05 -45.86 20.81
N ASN E 81 0.79 -49.25 10.26
CA ASN E 81 -0.16 -48.11 10.24
C ASN E 81 -0.27 -47.50 11.65
N ILE E 82 -0.19 -46.17 11.75
CA ILE E 82 -0.32 -45.45 13.03
C ILE E 82 -1.26 -44.27 12.79
N LEU E 83 -1.75 -43.65 13.85
CA LEU E 83 -2.48 -42.36 13.73
C LEU E 83 -1.49 -41.25 14.08
N MET E 84 -1.68 -40.10 13.45
CA MET E 84 -0.91 -38.88 13.77
C MET E 84 -1.88 -37.72 13.87
N TRP E 85 -1.61 -36.80 14.77
CA TRP E 85 -2.32 -35.49 14.78
C TRP E 85 -1.88 -34.67 13.58
N GLU E 86 -2.86 -34.15 12.86
CA GLU E 86 -2.64 -33.26 11.69
C GLU E 86 -3.11 -31.86 12.04
N ALA E 87 -2.23 -30.87 11.96
CA ALA E 87 -2.59 -29.47 12.23
C ALA E 87 -3.35 -28.91 11.02
N VAL E 88 -4.56 -28.41 11.21
CA VAL E 88 -5.47 -28.04 10.08
C VAL E 88 -5.65 -26.51 10.03
N THR E 89 -5.85 -25.84 11.16
CA THR E 89 -6.09 -24.38 11.18
C THR E 89 -5.30 -23.70 12.29
N LEU E 90 -5.06 -22.40 12.09
CA LEU E 90 -4.33 -21.52 13.04
C LEU E 90 -5.10 -20.21 13.14
N LYS E 91 -5.33 -19.76 14.36
CA LYS E 91 -5.62 -18.35 14.68
C LYS E 91 -4.43 -17.83 15.47
N THR E 92 -3.95 -16.64 15.14
CA THR E 92 -2.78 -16.09 15.83
C THR E 92 -2.96 -14.58 15.93
N GLU E 93 -2.35 -14.02 16.94
CA GLU E 93 -2.51 -12.59 17.29
C GLU E 93 -1.29 -12.12 18.07
N VAL E 94 -0.81 -10.92 17.79
CA VAL E 94 0.17 -10.27 18.70
C VAL E 94 -0.58 -9.72 19.91
N ILE E 95 -0.11 -9.99 21.12
CA ILE E 95 -0.82 -9.65 22.39
C ILE E 95 -0.23 -8.37 22.99
N GLY E 96 -1.06 -7.36 23.18
CA GLY E 96 -0.63 -6.13 23.86
C GLY E 96 -0.25 -5.02 22.90
N VAL E 97 -0.86 -4.97 21.72
CA VAL E 97 -0.46 -3.95 20.72
C VAL E 97 -0.65 -2.52 21.28
N THR E 98 -1.66 -2.29 22.13
CA THR E 98 -1.97 -0.94 22.65
C THR E 98 -0.89 -0.43 23.60
N SER E 99 -0.03 -1.30 24.15
CA SER E 99 1.07 -0.90 25.07
C SER E 99 1.99 0.10 24.37
N LEU E 100 2.01 0.06 23.04
CA LEU E 100 2.90 0.93 22.25
C LEU E 100 2.34 2.36 22.25
N MET E 101 1.18 2.60 22.82
CA MET E 101 0.64 3.97 22.98
C MET E 101 1.20 4.65 24.24
N ASN E 102 2.02 3.98 25.04
CA ASN E 102 2.72 4.67 26.16
C ASN E 102 3.88 5.50 25.61
N VAL E 103 3.60 6.78 25.35
CA VAL E 103 4.59 7.79 24.85
C VAL E 103 4.89 8.78 25.98
N HIS E 104 4.73 8.37 27.23
CA HIS E 104 4.93 9.27 28.40
C HIS E 104 5.97 8.71 29.38
N SER E 105 6.65 7.61 29.05
CA SER E 105 7.55 6.89 29.99
C SER E 105 9.02 7.01 29.56
N ASN E 106 9.72 8.06 30.00
CA ASN E 106 11.20 8.18 29.82
C ASN E 106 11.54 8.18 28.31
N GLY E 107 10.64 8.69 27.48
CA GLY E 107 10.85 8.75 26.03
C GLY E 107 11.63 9.99 25.64
N GLN E 108 11.95 10.08 24.37
CA GLN E 108 12.62 11.28 23.78
C GLN E 108 11.56 12.09 23.03
N ALA E 109 11.31 13.32 23.48
CA ALA E 109 10.31 14.19 22.84
C ALA E 109 10.68 14.33 21.36
N THR E 110 9.68 14.23 20.49
CA THR E 110 9.84 14.35 19.03
C THR E 110 10.28 15.78 18.68
N HIS E 111 9.93 16.77 19.50
CA HIS E 111 10.23 18.21 19.33
C HIS E 111 9.97 18.90 20.66
N ASP E 112 10.39 20.16 20.84
CA ASP E 112 10.18 20.88 22.11
C ASP E 112 8.71 20.78 22.53
N ASN E 113 8.46 20.26 23.73
CA ASN E 113 7.15 20.19 24.41
C ASN E 113 6.32 19.01 23.86
N GLY E 114 6.88 18.21 22.95
CA GLY E 114 6.15 17.12 22.29
C GLY E 114 6.08 15.87 23.13
N ALA E 115 5.29 14.91 22.68
CA ALA E 115 5.20 13.57 23.29
C ALA E 115 6.45 12.75 22.96
N GLY E 116 6.63 11.63 23.66
CA GLY E 116 7.71 10.67 23.39
C GLY E 116 7.61 10.08 21.99
N LYS E 117 8.73 9.93 21.32
CA LYS E 117 8.85 9.15 20.05
C LYS E 117 8.31 7.75 20.30
N PRO E 118 7.33 7.26 19.51
CA PRO E 118 6.80 5.93 19.73
C PRO E 118 7.75 4.88 19.17
N VAL E 119 7.52 3.64 19.57
CA VAL E 119 8.27 2.46 19.07
C VAL E 119 8.12 2.43 17.54
N GLN E 120 9.23 2.34 16.84
CA GLN E 120 9.26 2.39 15.38
C GLN E 120 10.60 1.81 14.92
N GLY E 121 10.75 1.67 13.61
CA GLY E 121 11.98 1.14 13.04
C GLY E 121 11.83 -0.35 12.78
N THR E 122 12.93 -1.01 12.45
CA THR E 122 12.94 -2.38 11.91
C THR E 122 12.08 -3.31 12.77
N SER E 123 11.19 -4.05 12.13
CA SER E 123 10.36 -5.08 12.79
C SER E 123 10.52 -6.43 12.10
N PHE E 124 10.33 -7.49 12.85
CA PHE E 124 10.25 -8.86 12.29
C PHE E 124 9.12 -9.55 13.02
N HIS E 125 8.09 -9.88 12.25
CA HIS E 125 6.92 -10.63 12.75
C HIS E 125 6.89 -11.97 12.02
N PHE E 126 6.99 -13.04 12.77
CA PHE E 126 7.19 -14.40 12.24
C PHE E 126 6.43 -15.38 13.10
N PHE E 127 5.81 -16.36 12.47
CA PHE E 127 5.24 -17.51 13.22
C PHE E 127 5.27 -18.76 12.36
N SER E 128 5.28 -19.91 13.02
CA SER E 128 5.29 -21.23 12.32
C SER E 128 4.57 -22.25 13.18
N VAL E 129 3.99 -23.21 12.49
CA VAL E 129 3.32 -24.39 13.10
C VAL E 129 3.87 -25.61 12.39
N GLY E 130 4.42 -26.56 13.14
CA GLY E 130 4.99 -27.76 12.52
C GLY E 130 4.79 -29.01 13.35
N GLY E 131 5.00 -30.14 12.70
CA GLY E 131 4.94 -31.47 13.34
C GLY E 131 6.29 -31.89 13.85
N GLU E 132 7.27 -30.98 13.83
CA GLU E 132 8.67 -31.22 14.24
C GLU E 132 9.35 -29.87 14.35
N ALA E 133 10.56 -29.80 14.89
CA ALA E 133 11.23 -28.50 15.09
C ALA E 133 11.38 -27.78 13.75
N LEU E 134 11.28 -26.46 13.83
CA LEU E 134 11.55 -25.57 12.67
C LEU E 134 13.00 -25.79 12.25
N GLU E 135 13.24 -26.02 10.96
CA GLU E 135 14.60 -26.16 10.41
C GLU E 135 15.15 -24.79 10.02
N LEU E 136 16.35 -24.47 10.46
CA LEU E 136 16.96 -23.13 10.28
C LEU E 136 18.16 -23.22 9.33
N GLN E 137 18.37 -22.12 8.61
CA GLN E 137 19.54 -21.87 7.76
C GLN E 137 20.20 -20.59 8.26
N GLY E 138 21.50 -20.63 8.45
CA GLY E 138 22.26 -19.46 8.92
C GLY E 138 22.65 -18.56 7.78
N VAL E 139 22.42 -17.25 7.96
CA VAL E 139 22.88 -16.19 7.02
C VAL E 139 23.36 -15.03 7.89
N LEU E 140 24.59 -14.61 7.69
CA LEU E 140 25.21 -13.57 8.53
C LEU E 140 25.27 -12.25 7.77
N PHE E 141 24.94 -11.16 8.43
CA PHE E 141 25.11 -9.82 7.80
C PHE E 141 26.60 -9.61 7.58
N ASN E 142 27.38 -9.99 8.60
CA ASN E 142 28.83 -9.78 8.74
C ASN E 142 29.41 -11.10 9.28
N TYR E 143 30.15 -11.83 8.46
CA TYR E 143 30.64 -13.17 8.84
C TYR E 143 31.61 -13.06 10.03
N ARG E 144 32.18 -11.88 10.29
CA ARG E 144 33.17 -11.71 11.39
C ARG E 144 32.51 -11.36 12.72
N THR E 145 31.18 -11.27 12.79
CA THR E 145 30.48 -11.06 14.08
C THR E 145 30.89 -12.16 15.08
N LYS E 146 31.27 -11.78 16.30
CA LYS E 146 31.52 -12.77 17.38
C LYS E 146 30.23 -12.88 18.19
N TYR E 147 29.49 -13.97 18.02
CA TYR E 147 28.24 -14.20 18.78
C TYR E 147 28.63 -14.67 20.18
N PRO E 148 27.87 -14.23 21.20
CA PRO E 148 28.27 -14.41 22.58
C PRO E 148 27.96 -15.80 23.15
N ASP E 149 28.72 -16.16 24.19
CA ASP E 149 28.44 -17.36 25.01
C ASP E 149 26.96 -17.37 25.42
N GLY E 150 26.32 -18.52 25.31
CA GLY E 150 24.90 -18.70 25.65
C GLY E 150 24.01 -18.64 24.42
N THR E 151 24.52 -18.20 23.28
CA THR E 151 23.75 -18.25 22.01
C THR E 151 24.23 -19.43 21.15
N ILE E 152 23.35 -19.88 20.26
CA ILE E 152 23.68 -20.91 19.25
C ILE E 152 23.64 -20.22 17.90
N PHE E 153 24.76 -20.21 17.19
CA PHE E 153 25.00 -19.36 16.01
C PHE E 153 25.76 -20.16 14.95
N PRO E 154 25.77 -19.66 13.69
CA PRO E 154 26.52 -20.33 12.62
C PRO E 154 28.00 -20.45 12.99
N LYS E 155 28.50 -21.68 12.95
CA LYS E 155 29.89 -22.06 13.34
C LYS E 155 30.74 -22.18 12.07
N ASN E 156 32.05 -21.96 12.18
CA ASN E 156 32.96 -22.08 11.02
C ASN E 156 32.53 -21.07 9.94
N ALA E 157 32.11 -19.87 10.33
CA ALA E 157 31.62 -18.88 9.35
C ALA E 157 32.78 -18.49 8.41
N THR E 158 32.45 -18.26 7.16
CA THR E 158 33.36 -17.76 6.10
C THR E 158 32.68 -16.57 5.45
N VAL E 159 33.38 -15.89 4.56
CA VAL E 159 32.73 -14.75 3.87
C VAL E 159 31.50 -15.27 3.06
N GLN E 160 31.48 -16.51 2.59
N GLN E 160 31.52 -16.52 2.60
CA GLN E 160 30.31 -17.03 1.83
CA GLN E 160 30.39 -17.17 1.89
C GLN E 160 29.09 -17.11 2.77
C GLN E 160 29.13 -17.11 2.76
N SER E 161 29.30 -17.13 4.09
CA SER E 161 28.19 -17.12 5.09
C SER E 161 27.36 -15.83 4.97
N GLN E 162 27.91 -14.78 4.38
CA GLN E 162 27.19 -13.50 4.15
C GLN E 162 26.13 -13.65 3.05
N VAL E 163 26.18 -14.71 2.22
CA VAL E 163 25.16 -14.91 1.15
C VAL E 163 24.50 -16.28 1.27
N MET E 164 25.27 -17.38 1.36
CA MET E 164 24.68 -18.74 1.56
C MET E 164 25.82 -19.75 1.79
N ASN E 165 25.91 -20.26 3.01
CA ASN E 165 26.86 -21.34 3.38
C ASN E 165 25.99 -22.48 3.87
N THR E 166 25.88 -23.56 3.09
CA THR E 166 24.99 -24.70 3.39
C THR E 166 25.45 -25.44 4.65
N GLU E 167 26.64 -25.16 5.20
CA GLU E 167 27.05 -25.82 6.47
C GLU E 167 26.10 -25.38 7.61
N HIS E 168 25.53 -24.16 7.54
CA HIS E 168 24.81 -23.56 8.70
C HIS E 168 23.37 -24.07 8.78
N LYS E 169 23.21 -25.33 9.17
CA LYS E 169 21.88 -25.97 9.35
C LYS E 169 21.68 -26.23 10.83
N ALA E 170 20.50 -25.92 11.34
CA ALA E 170 20.16 -26.16 12.75
C ALA E 170 18.67 -26.40 12.88
N TYR E 171 18.27 -26.82 14.08
CA TYR E 171 16.86 -26.94 14.49
C TYR E 171 16.58 -25.90 15.56
N LEU E 172 15.42 -25.27 15.51
CA LEU E 172 14.95 -24.37 16.59
C LEU E 172 14.47 -25.23 17.76
N ASP E 173 15.40 -25.61 18.62
CA ASP E 173 15.22 -26.69 19.63
C ASP E 173 15.50 -26.16 21.04
N LYS E 174 15.63 -24.84 21.22
CA LYS E 174 15.95 -24.25 22.54
C LYS E 174 15.50 -22.79 22.54
N ASN E 175 14.95 -22.34 23.67
CA ASN E 175 14.59 -20.93 23.90
C ASN E 175 15.79 -20.09 24.33
N LYS E 176 15.69 -18.79 24.09
CA LYS E 176 16.69 -17.79 24.50
C LYS E 176 18.05 -18.19 23.96
N ALA E 177 18.10 -18.78 22.75
CA ALA E 177 19.37 -19.34 22.24
C ALA E 177 19.70 -18.92 20.81
N TYR E 178 18.73 -18.95 19.89
CA TYR E 178 18.98 -18.79 18.43
C TYR E 178 18.72 -17.34 18.07
N PRO E 179 19.77 -16.50 17.86
CA PRO E 179 19.49 -15.10 17.61
C PRO E 179 18.73 -14.92 16.28
N VAL E 180 17.79 -13.99 16.30
CA VAL E 180 16.98 -13.68 15.11
C VAL E 180 17.90 -13.32 13.94
N GLU E 181 18.92 -12.49 14.18
CA GLU E 181 19.65 -11.84 13.07
C GLU E 181 20.53 -12.84 12.31
N CYS E 182 20.83 -14.03 12.84
CA CYS E 182 21.73 -14.96 12.11
C CYS E 182 21.03 -16.21 11.62
N TRP E 183 19.70 -16.33 11.80
CA TRP E 183 18.98 -17.56 11.38
C TRP E 183 17.68 -17.21 10.67
N VAL E 184 17.34 -17.97 9.63
CA VAL E 184 16.01 -17.90 8.98
C VAL E 184 15.49 -19.32 8.83
N PRO E 185 14.17 -19.49 8.62
CA PRO E 185 13.65 -20.78 8.21
C PRO E 185 14.36 -21.25 6.94
N ASP E 186 14.74 -22.52 6.91
CA ASP E 186 15.47 -23.13 5.78
C ASP E 186 14.45 -23.46 4.70
N PRO E 187 14.38 -22.73 3.58
CA PRO E 187 13.36 -23.05 2.57
C PRO E 187 13.63 -24.37 1.84
N THR E 188 14.82 -24.95 1.99
CA THR E 188 15.17 -26.25 1.36
C THR E 188 14.67 -27.42 2.20
N ARG E 189 14.16 -27.11 3.39
CA ARG E 189 13.55 -28.17 4.25
CA ARG E 189 13.55 -28.17 4.25
C ARG E 189 12.11 -27.73 4.69
N ASN E 190 11.79 -28.05 5.94
CA ASN E 190 10.50 -27.59 6.52
C ASN E 190 9.30 -28.11 5.73
N GLU E 191 9.35 -29.30 5.14
CA GLU E 191 8.17 -29.85 4.41
C GLU E 191 7.00 -30.10 5.38
N ASN E 192 7.27 -30.28 6.67
CA ASN E 192 6.27 -30.66 7.70
C ASN E 192 5.99 -29.49 8.65
N THR E 193 6.25 -28.28 8.19
CA THR E 193 5.99 -27.01 8.91
C THR E 193 5.35 -26.03 7.93
N ARG E 194 4.53 -25.13 8.43
CA ARG E 194 4.04 -23.93 7.70
C ARG E 194 4.59 -22.70 8.41
N TYR E 195 5.35 -21.87 7.71
CA TYR E 195 5.97 -20.68 8.30
C TYR E 195 5.61 -19.43 7.48
N PHE E 196 5.57 -18.31 8.20
CA PHE E 196 5.14 -16.98 7.69
C PHE E 196 5.93 -15.91 8.41
N GLY E 197 6.57 -15.02 7.66
CA GLY E 197 7.29 -13.90 8.29
C GLY E 197 7.37 -12.68 7.42
N THR E 198 7.51 -11.53 8.05
CA THR E 198 7.73 -10.25 7.37
C THR E 198 8.80 -9.45 8.12
N LEU E 199 9.85 -9.09 7.39
CA LEU E 199 10.88 -8.11 7.83
C LEU E 199 10.47 -6.77 7.20
N THR E 200 10.23 -5.79 8.05
CA THR E 200 10.01 -4.39 7.62
C THR E 200 11.16 -3.57 8.16
N GLY E 201 12.05 -3.11 7.27
CA GLY E 201 13.25 -2.36 7.63
C GLY E 201 12.98 -0.86 7.70
N GLY E 202 14.02 -0.07 7.86
CA GLY E 202 13.92 1.39 7.92
C GLY E 202 14.03 1.90 9.34
N GLU E 203 14.62 3.08 9.53
CA GLU E 203 14.88 3.68 10.87
C GLU E 203 13.56 4.13 11.51
N ASN E 204 12.59 4.55 10.71
CA ASN E 204 11.40 5.29 11.20
C ASN E 204 10.11 4.56 10.80
N VAL E 205 10.17 3.35 10.29
CA VAL E 205 8.92 2.67 9.82
C VAL E 205 7.98 2.53 11.03
N PRO E 206 6.69 2.85 10.84
CA PRO E 206 5.71 2.73 11.91
C PRO E 206 5.18 1.31 12.03
N PRO E 207 4.98 0.78 13.25
CA PRO E 207 4.28 -0.49 13.41
C PRO E 207 2.89 -0.40 12.79
N VAL E 208 2.47 -1.45 12.09
CA VAL E 208 1.06 -1.64 11.65
C VAL E 208 0.62 -3.01 12.15
N LEU E 209 -0.17 -3.03 13.22
CA LEU E 209 -0.52 -4.29 13.91
C LEU E 209 -2.04 -4.43 13.93
N HIS E 210 -2.53 -5.50 13.35
CA HIS E 210 -3.98 -5.79 13.25
C HIS E 210 -4.33 -6.88 14.26
N ILE E 211 -5.45 -6.73 14.94
CA ILE E 211 -5.98 -7.78 15.86
C ILE E 211 -7.41 -8.11 15.43
N THR E 212 -7.79 -9.38 15.47
CA THR E 212 -9.19 -9.79 15.26
C THR E 212 -9.29 -11.24 15.70
N ASN E 213 -10.47 -11.66 16.14
CA ASN E 213 -10.70 -13.09 16.45
C ASN E 213 -11.51 -13.74 15.32
N THR E 214 -11.52 -13.13 14.13
CA THR E 214 -12.38 -13.60 13.01
C THR E 214 -11.56 -14.21 11.87
N ALA E 215 -10.23 -14.27 12.00
CA ALA E 215 -9.31 -14.64 10.89
C ALA E 215 -8.69 -16.02 11.17
N THR E 216 -8.83 -16.94 10.23
CA THR E 216 -8.27 -18.31 10.35
C THR E 216 -7.31 -18.54 9.18
N THR E 217 -6.13 -19.08 9.44
CA THR E 217 -5.21 -19.58 8.40
C THR E 217 -5.34 -21.09 8.26
N VAL E 218 -5.57 -21.60 7.05
CA VAL E 218 -5.64 -23.07 6.80
C VAL E 218 -4.20 -23.55 6.59
N LEU E 219 -3.83 -24.67 7.22
CA LEU E 219 -2.43 -25.17 7.25
C LEU E 219 -2.24 -26.33 6.28
N LEU E 220 -3.28 -26.72 5.55
CA LEU E 220 -3.20 -27.82 4.56
C LEU E 220 -2.35 -27.38 3.38
N ASP E 221 -1.56 -28.29 2.85
CA ASP E 221 -0.75 -28.05 1.63
C ASP E 221 -1.64 -28.31 0.41
N GLU E 222 -1.05 -28.31 -0.79
CA GLU E 222 -1.82 -28.45 -2.06
C GLU E 222 -2.38 -29.87 -2.18
N PHE E 223 -1.92 -30.83 -1.36
CA PHE E 223 -2.48 -32.21 -1.35
C PHE E 223 -3.54 -32.38 -0.25
N GLY E 224 -3.92 -31.30 0.44
CA GLY E 224 -4.92 -31.35 1.52
C GLY E 224 -4.33 -31.87 2.81
N VAL E 225 -3.00 -31.83 2.98
CA VAL E 225 -2.33 -32.43 4.17
C VAL E 225 -1.67 -31.32 5.01
N GLY E 226 -1.97 -31.30 6.31
CA GLY E 226 -1.36 -30.34 7.24
C GLY E 226 -0.12 -30.94 7.88
N PRO E 227 0.62 -30.16 8.70
CA PRO E 227 1.71 -30.71 9.49
C PRO E 227 1.24 -31.96 10.27
N LEU E 228 2.04 -33.01 10.21
CA LEU E 228 1.78 -34.29 10.94
C LEU E 228 2.72 -34.37 12.15
N CYS E 229 2.16 -34.51 13.34
CA CYS E 229 2.93 -34.29 14.59
C CYS E 229 3.69 -35.56 14.99
N LYS E 230 5.01 -35.57 14.77
CA LYS E 230 5.89 -36.73 15.08
C LYS E 230 5.95 -36.89 16.59
N GLY E 231 5.69 -38.10 17.08
CA GLY E 231 5.75 -38.36 18.53
C GLY E 231 4.66 -37.62 19.27
N ASP E 232 3.59 -37.17 18.59
CA ASP E 232 2.45 -36.47 19.21
C ASP E 232 2.94 -35.18 19.88
N ASN E 233 3.85 -34.46 19.22
CA ASN E 233 4.30 -33.12 19.64
C ASN E 233 3.99 -32.10 18.55
N LEU E 234 3.45 -30.95 18.94
CA LEU E 234 3.23 -29.79 18.04
C LEU E 234 4.30 -28.74 18.35
N TYR E 235 4.96 -28.21 17.32
N TYR E 235 4.94 -28.19 17.31
CA TYR E 235 6.00 -27.17 17.45
CA TYR E 235 5.99 -27.17 17.45
C TYR E 235 5.44 -25.82 16.99
C TYR E 235 5.45 -25.82 16.98
N LEU E 236 5.50 -24.83 17.88
CA LEU E 236 5.11 -23.43 17.61
C LEU E 236 6.32 -22.57 17.76
N SER E 237 6.56 -21.67 16.81
CA SER E 237 7.72 -20.76 16.86
C SER E 237 7.23 -19.35 16.56
N ALA E 238 7.91 -18.35 17.08
CA ALA E 238 7.51 -16.95 16.86
C ALA E 238 8.69 -16.01 17.03
N VAL E 239 8.62 -14.90 16.32
CA VAL E 239 9.38 -13.66 16.64
C VAL E 239 8.43 -12.49 16.44
N ASP E 240 8.39 -11.55 17.39
CA ASP E 240 7.60 -10.30 17.20
C ASP E 240 8.42 -9.14 17.75
N VAL E 241 9.49 -8.82 17.03
CA VAL E 241 10.28 -7.59 17.30
C VAL E 241 9.45 -6.46 16.69
N CYS E 242 8.89 -5.60 17.50
CA CYS E 242 7.90 -4.60 17.03
C CYS E 242 8.58 -3.34 16.48
N GLY E 243 9.84 -3.17 16.83
CA GLY E 243 10.61 -1.96 16.53
C GLY E 243 11.52 -1.66 17.69
N MET E 244 11.99 -0.41 17.74
CA MET E 244 12.89 0.09 18.81
C MET E 244 12.18 1.17 19.62
N PHE E 245 12.39 1.10 20.93
CA PHE E 245 12.03 2.14 21.92
C PHE E 245 13.22 3.05 22.04
N THR E 246 13.00 4.35 21.87
CA THR E 246 14.05 5.38 22.05
C THR E 246 13.85 6.03 23.42
N ASN E 247 14.92 5.97 24.24
N ASN E 247 14.84 5.94 24.30
CA ASN E 247 15.00 6.59 25.58
CA ASN E 247 14.73 6.61 25.63
C ASN E 247 15.25 8.10 25.45
C ASN E 247 15.25 8.05 25.49
N ARG E 248 15.06 8.83 26.55
CA ARG E 248 15.34 10.29 26.59
C ARG E 248 16.74 10.59 26.07
N SER E 249 17.72 9.73 26.36
CA SER E 249 19.15 9.89 25.96
C SER E 249 19.35 9.71 24.45
N GLY E 250 18.39 9.13 23.73
CA GLY E 250 18.56 8.73 22.32
C GLY E 250 18.94 7.26 22.17
N SER E 251 19.31 6.58 23.25
CA SER E 251 19.66 5.14 23.21
C SER E 251 18.40 4.34 22.82
N GLN E 252 18.58 3.27 22.07
CA GLN E 252 17.45 2.50 21.50
C GLN E 252 17.54 1.04 21.92
N GLN E 253 16.38 0.47 22.21
CA GLN E 253 16.23 -0.94 22.66
C GLN E 253 15.16 -1.58 21.78
N TRP E 254 15.40 -2.80 21.34
CA TRP E 254 14.33 -3.59 20.70
C TRP E 254 13.19 -3.79 21.72
N ARG E 255 11.94 -3.76 21.26
CA ARG E 255 10.74 -4.06 22.07
C ARG E 255 9.96 -5.15 21.35
N GLY E 256 9.63 -6.22 22.08
CA GLY E 256 8.86 -7.36 21.59
C GLY E 256 7.55 -7.55 22.34
N LEU E 257 6.64 -8.29 21.72
CA LEU E 257 5.34 -8.66 22.33
C LEU E 257 5.13 -10.17 22.17
N SER E 258 4.30 -10.71 23.05
CA SER E 258 3.90 -12.13 23.02
C SER E 258 3.00 -12.42 21.79
N ARG E 259 2.94 -13.69 21.41
CA ARG E 259 2.04 -14.15 20.33
C ARG E 259 1.15 -15.29 20.82
N TYR E 260 -0.15 -15.10 20.59
CA TYR E 260 -1.22 -16.10 20.81
C TYR E 260 -1.27 -17.06 19.63
N PHE E 261 -1.48 -18.34 19.93
CA PHE E 261 -1.73 -19.40 18.93
C PHE E 261 -2.94 -20.23 19.36
N LYS E 262 -3.84 -20.49 18.42
CA LYS E 262 -4.88 -21.53 18.56
C LYS E 262 -4.82 -22.41 17.31
N VAL E 263 -4.54 -23.70 17.52
CA VAL E 263 -4.36 -24.68 16.42
C VAL E 263 -5.42 -25.76 16.61
N GLN E 264 -6.18 -26.02 15.56
CA GLN E 264 -7.12 -27.16 15.55
C GLN E 264 -6.42 -28.34 14.87
N LEU E 265 -6.52 -29.52 15.45
CA LEU E 265 -5.86 -30.72 14.88
C LEU E 265 -6.89 -31.85 14.76
N ARG E 266 -6.61 -32.76 13.83
CA ARG E 266 -7.48 -33.94 13.60
C ARG E 266 -6.61 -35.18 13.45
N LYS E 267 -7.16 -36.35 13.75
CA LYS E 267 -6.43 -37.62 13.61
C LYS E 267 -6.39 -38.06 12.16
N ARG E 268 -5.21 -38.46 11.72
CA ARG E 268 -4.96 -38.90 10.34
C ARG E 268 -4.25 -40.26 10.40
N ARG E 269 -4.74 -41.23 9.65
CA ARG E 269 -4.06 -42.55 9.54
C ARG E 269 -2.93 -42.41 8.50
N VAL E 270 -1.77 -42.96 8.84
CA VAL E 270 -0.58 -42.99 7.94
C VAL E 270 0.00 -44.40 7.92
N LYS E 271 0.72 -44.77 6.84
CA LYS E 271 1.50 -46.03 6.71
C LYS E 271 3.01 -45.70 6.81
N ASN E 272 3.73 -46.43 7.67
CA ASN E 272 5.18 -46.26 7.99
C ASN E 272 5.40 -44.88 8.61
C2 BGC F . 2.05 45.45 -2.18
C3 BGC F . 2.07 44.02 -1.62
C4 BGC F . 2.04 42.96 -2.73
C5 BGC F . 3.17 43.27 -3.73
C6 BGC F . 3.24 42.32 -4.92
C1 BGC F . 3.10 45.65 -3.29
O1 BGC F . 2.97 46.93 -3.98
O2 BGC F . 2.41 46.29 -1.09
O3 BGC F . 1.00 43.83 -0.71
O4 BGC F . 2.25 41.66 -2.10
O5 BGC F . 2.95 44.59 -4.24
O6 BGC F . 1.95 42.32 -5.55
C1 GAL F . 1.22 40.77 -2.47
C2 GAL F . 1.68 39.37 -2.01
C3 GAL F . 0.57 38.32 -2.13
C4 GAL F . -0.74 38.82 -1.53
C5 GAL F . -1.08 40.16 -2.17
C6 GAL F . -2.41 40.69 -1.66
O2 GAL F . 2.80 38.97 -2.81
O3 GAL F . 1.08 37.19 -1.42
O4 GAL F . -0.55 39.00 -0.13
O5 GAL F . -0.03 41.09 -1.89
O6 GAL F . -2.67 41.93 -2.37
C1 SIA F . 1.38 34.95 -0.93
C2 SIA F . 0.89 35.88 -2.01
C3 SIA F . 1.66 35.72 -3.35
C4 SIA F . 1.36 34.37 -4.04
C5 SIA F . -0.15 34.24 -4.22
C6 SIA F . -0.81 34.43 -2.83
C7 SIA F . -2.32 34.30 -2.83
C8 SIA F . -2.91 34.62 -1.45
C9 SIA F . -4.32 34.04 -1.38
C10 SIA F . -1.48 32.71 -5.64
C11 SIA F . -1.67 31.30 -6.12
N5 SIA F . -0.45 32.93 -4.82
O1A SIA F . 2.59 34.63 -0.93
O1B SIA F . 0.56 34.62 -0.02
O4 SIA F . 2.08 34.25 -5.28
O6 SIA F . -0.49 35.73 -2.27
O7 SIA F . -2.90 35.15 -3.81
O8 SIA F . -2.12 34.10 -0.40
O9 SIA F . -4.97 34.40 -0.16
O10 SIA F . -2.25 33.60 -6.00
O5 BGC G . 23.63 27.22 -14.20
C1 GAL G . 24.35 26.32 -15.07
C2 GAL G . 24.11 24.87 -14.69
C3 GAL G . 24.96 23.98 -15.61
C4 GAL G . 25.06 24.39 -17.09
C5 GAL G . 24.78 25.87 -17.43
C6 GAL G . 24.12 25.98 -18.82
O2 GAL G . 24.58 24.73 -13.35
O3 GAL G . 24.88 22.53 -15.52
O4 GAL G . 24.27 23.52 -17.89
O5 GAL G . 23.97 26.51 -16.43
O6 GAL G . 23.94 27.34 -19.26
C1 SIA G . 23.05 21.80 -13.87
C2 SIA G . 23.92 21.52 -15.10
C3 SIA G . 24.96 20.39 -14.91
C4 SIA G . 24.32 18.99 -14.82
C5 SIA G . 23.45 18.75 -16.06
C6 SIA G . 22.47 19.93 -16.17
C7 SIA G . 21.50 19.89 -17.36
C8 SIA G . 20.64 21.16 -17.45
C9 SIA G . 19.41 20.91 -18.32
C10 SIA G . 22.46 16.72 -16.97
C11 SIA G . 21.71 15.43 -16.66
N5 SIA G . 22.75 17.48 -15.94
O1A SIA G . 23.55 21.58 -12.74
O1B SIA G . 21.87 22.21 -14.06
O4 SIA G . 25.30 17.93 -14.70
O6 SIA G . 23.18 21.19 -16.25
O7 SIA G . 22.22 19.72 -18.59
O8 SIA G . 20.22 21.65 -16.15
O9 SIA G . 18.62 22.08 -18.49
O10 SIA G . 22.78 17.01 -18.12
O5 GAL H . 36.97 3.34 4.23
C1 SIA H . 34.53 3.71 4.24
C2 SIA H . 35.67 2.74 4.52
C3 SIA H . 35.72 2.29 5.97
C4 SIA H . 34.54 1.35 6.33
C5 SIA H . 34.39 0.20 5.33
C6 SIA H . 34.36 0.78 3.92
C7 SIA H . 34.25 -0.25 2.80
C8 SIA H . 34.44 0.37 1.40
C9 SIA H . 34.00 -0.58 0.30
C10 SIA H . 33.04 -1.86 5.39
C11 SIA H . 31.70 -2.42 5.75
N5 SIA H . 33.18 -0.55 5.56
O1A SIA H . 34.09 4.45 5.17
O1B SIA H . 34.03 3.73 3.06
O4 SIA H . 34.71 0.86 7.68
O6 SIA H . 35.53 1.59 3.71
O7 SIA H . 35.23 -1.27 2.96
O8 SIA H . 33.74 1.61 1.28
O9 SIA H . 34.26 -0.01 -1.01
O10 SIA H . 33.97 -2.57 5.01
C1 PEG I . -25.17 -19.13 25.08
O1 PEG I . -25.58 -18.85 26.41
C2 PEG I . -24.31 -18.05 24.51
O2 PEG I . -22.97 -18.50 24.36
C3 PEG I . -22.54 -18.52 22.99
C4 PEG I . -21.06 -18.80 22.89
O4 PEG I . -20.36 -18.49 24.09
C1 PEG J . 9.21 -25.43 25.37
O1 PEG J . 7.98 -26.11 25.24
C2 PEG J . 10.31 -26.22 24.77
O2 PEG J . 11.22 -25.35 24.07
C3 PEG J . 12.26 -26.07 23.43
C4 PEG J . 11.80 -26.63 22.11
O4 PEG J . 12.00 -28.02 22.01
#